data_7E5E
#
_entry.id   7E5E
#
_cell.length_a   58.105
_cell.length_b   81.771
_cell.length_c   76.912
_cell.angle_alpha   81.266
_cell.angle_beta   83.844
_cell.angle_gamma   90.698
#
_symmetry.space_group_name_H-M   'P 1'
#
loop_
_entity.id
_entity.type
_entity.pdbx_description
1 polymer 'Isoform Gnas-2 of Guanine nucleotide-binding protein G(s) subunit alpha isoforms short'
2 polymer GD20
3 non-polymer "GUANOSINE-5'-DIPHOSPHATE"
4 non-polymer 'CHLORIDE ION'
5 water water
#
loop_
_entity_poly.entity_id
_entity_poly.type
_entity_poly.pdbx_seq_one_letter_code
_entity_poly.pdbx_strand_id
1 'polypeptide(L)'
;GPQVYRATHRLLLLGAGESGKSTIVKQMRILHVNGFNGDSEKATKVQDIKNNLKEAIETIVAAMSNLVPPVELANPENQF
RVDYILSVMNVPDFDFPPEFYEHAKALWEDEGVRACYERSNEYQLIDCAQYFLDKIDVIKQADYVPSDQDLLRCRVLTSG
IFETKFQVDKVNFHMFDVGGQRDERRKWIQCFNDVTAIIFVVASSSYNMVIREDNQTNRLQEALNLFKSIWNNRWLRTIS
VILFLNKQDLLAEKVLAGKSKIEDYFPEFARYTTPEDATPEPGEDPRVTRAKYFIRDEFLRISTASGDGRHYCYPHFTCA
VDTENIRRVFNDCRDIIQRMHLRQYELL
;
A,B,C,D
2 'polypeptide(L)' (ACE)(DTY)LITFRQWAFNLPCG(NH2) E,F,G,H
#
loop_
_chem_comp.id
_chem_comp.type
_chem_comp.name
_chem_comp.formula
ACE non-polymer 'ACETYL GROUP' 'C2 H4 O'
CL non-polymer 'CHLORIDE ION' 'Cl -1'
GDP RNA linking GUANOSINE-5'-DIPHOSPHATE 'C10 H15 N5 O11 P2'
NH2 non-polymer 'AMINO GROUP' 'H2 N'
#
# COMPACT_ATOMS: atom_id res chain seq x y z
N ARG A 6 31.45 -23.89 4.18
CA ARG A 6 30.66 -23.37 5.29
C ARG A 6 29.57 -22.44 4.77
N ALA A 7 28.31 -22.90 4.81
CA ALA A 7 27.19 -22.10 4.34
C ALA A 7 26.89 -20.97 5.32
N THR A 8 26.60 -19.78 4.78
CA THR A 8 26.20 -18.61 5.57
C THR A 8 24.74 -18.26 5.31
N HIS A 9 23.98 -18.05 6.37
CA HIS A 9 22.56 -17.70 6.29
C HIS A 9 22.37 -16.32 6.89
N ARG A 10 21.93 -15.37 6.06
CA ARG A 10 21.58 -14.04 6.53
C ARG A 10 20.15 -14.06 7.03
N LEU A 11 19.95 -13.66 8.28
CA LEU A 11 18.64 -13.66 8.92
C LEU A 11 18.29 -12.24 9.30
N LEU A 12 17.23 -11.72 8.72
CA LEU A 12 16.83 -10.34 8.94
C LEU A 12 15.71 -10.31 9.97
N LEU A 13 15.97 -9.65 11.10
CA LEU A 13 14.96 -9.47 12.13
C LEU A 13 14.13 -8.24 11.79
N LEU A 14 12.82 -8.42 11.69
CA LEU A 14 11.90 -7.33 11.47
C LEU A 14 10.82 -7.37 12.54
N GLY A 15 10.16 -6.24 12.70
CA GLY A 15 9.11 -6.08 13.69
C GLY A 15 9.11 -4.67 14.22
N ALA A 16 7.97 -4.29 14.79
CA ALA A 16 7.81 -2.95 15.34
C ALA A 16 8.80 -2.71 16.47
N GLY A 17 9.01 -1.43 16.78
CA GLY A 17 9.85 -1.09 17.92
C GLY A 17 9.35 -1.77 19.19
N GLU A 18 10.31 -2.25 19.98
CA GLU A 18 10.10 -2.88 21.28
C GLU A 18 9.46 -4.26 21.19
N SER A 19 9.50 -4.90 20.02
CA SER A 19 8.93 -6.23 19.94
C SER A 19 9.86 -7.30 20.50
N GLY A 20 11.17 -7.06 20.47
CA GLY A 20 12.14 -8.00 21.05
C GLY A 20 13.30 -8.34 20.15
N LYS A 21 13.46 -7.57 19.07
CA LYS A 21 14.45 -7.90 18.03
C LYS A 21 15.87 -7.87 18.60
N SER A 22 16.25 -6.78 19.26
CA SER A 22 17.61 -6.70 19.80
C SER A 22 17.84 -7.73 20.89
N THR A 23 16.79 -8.05 21.67
CA THR A 23 16.91 -9.08 22.68
C THR A 23 17.27 -10.43 22.05
N ILE A 24 16.66 -10.75 20.90
CA ILE A 24 17.00 -11.98 20.19
C ILE A 24 18.47 -11.99 19.80
N VAL A 25 18.97 -10.85 19.30
CA VAL A 25 20.40 -10.75 18.97
C VAL A 25 21.25 -10.99 20.22
N LYS A 26 20.90 -10.32 21.32
CA LYS A 26 21.66 -10.52 22.56
C LYS A 26 21.62 -11.97 22.98
N GLN A 27 20.48 -12.64 22.80
CA GLN A 27 20.40 -14.05 23.16
C GLN A 27 21.30 -14.90 22.27
N MET A 28 21.34 -14.61 20.98
CA MET A 28 22.26 -15.32 20.09
C MET A 28 23.69 -15.15 20.54
N ARG A 29 24.04 -13.95 21.02
CA ARG A 29 25.40 -13.72 21.48
C ARG A 29 25.70 -14.52 22.74
N ILE A 30 24.73 -14.61 23.65
CA ILE A 30 24.90 -15.45 24.84
C ILE A 30 25.05 -16.91 24.44
N LEU A 31 24.20 -17.37 23.51
CA LEU A 31 24.16 -18.79 23.16
C LEU A 31 25.38 -19.21 22.35
N HIS A 32 25.86 -18.35 21.44
CA HIS A 32 26.84 -18.78 20.45
C HIS A 32 28.03 -17.85 20.31
N VAL A 33 28.07 -16.71 21.00
CA VAL A 33 29.24 -15.85 20.98
C VAL A 33 29.66 -15.62 22.43
N ASN A 34 30.04 -14.39 22.79
CA ASN A 34 30.57 -14.10 24.10
C ASN A 34 29.57 -13.36 24.98
N GLY A 35 28.28 -13.47 24.69
CA GLY A 35 27.28 -12.79 25.51
C GLY A 35 27.46 -11.29 25.44
N PHE A 36 27.29 -10.64 26.59
CA PHE A 36 27.51 -9.20 26.67
C PHE A 36 28.98 -8.87 26.89
N ASN A 37 29.88 -9.84 26.72
CA ASN A 37 31.32 -9.64 26.89
C ASN A 37 31.92 -9.38 25.51
N GLY A 38 32.23 -8.12 25.23
CA GLY A 38 32.86 -7.74 23.98
C GLY A 38 32.08 -8.11 22.72
N LYS A 42 30.44 -1.54 23.13
CA LYS A 42 29.12 -0.94 22.97
C LYS A 42 28.02 -1.86 23.48
N ALA A 43 28.41 -2.86 24.27
CA ALA A 43 27.43 -3.73 24.89
C ALA A 43 26.64 -2.96 25.94
N THR A 44 25.51 -3.54 26.35
CA THR A 44 24.73 -2.96 27.43
C THR A 44 25.54 -2.98 28.72
N LYS A 45 25.52 -1.86 29.44
CA LYS A 45 26.35 -1.67 30.62
C LYS A 45 25.48 -1.36 31.84
N VAL A 46 26.15 -1.22 32.99
CA VAL A 46 25.50 -0.79 34.23
C VAL A 46 24.75 0.51 34.03
N GLN A 47 25.36 1.46 33.32
CA GLN A 47 24.74 2.77 33.14
C GLN A 47 23.39 2.65 32.45
N ASP A 48 23.28 1.77 31.46
CA ASP A 48 22.01 1.57 30.78
C ASP A 48 20.94 1.04 31.73
N ILE A 49 21.34 0.22 32.69
CA ILE A 49 20.37 -0.28 33.66
C ILE A 49 19.91 0.87 34.56
N LYS A 50 20.83 1.72 34.99
CA LYS A 50 20.45 2.87 35.80
C LYS A 50 19.58 3.83 35.00
N ASN A 51 19.89 4.03 33.72
CA ASN A 51 19.07 4.89 32.87
C ASN A 51 17.66 4.35 32.73
N ASN A 52 17.51 3.04 32.50
CA ASN A 52 16.19 2.44 32.44
C ASN A 52 15.43 2.61 33.75
N LEU A 53 16.12 2.38 34.86
CA LEU A 53 15.49 2.61 36.17
C LEU A 53 14.97 4.03 36.28
N LYS A 54 15.80 5.01 35.89
CA LYS A 54 15.38 6.40 35.96
C LYS A 54 14.22 6.67 35.03
N GLU A 55 14.32 6.18 33.78
CA GLU A 55 13.26 6.40 32.81
C GLU A 55 11.94 5.79 33.29
N ALA A 56 12.01 4.63 33.94
CA ALA A 56 10.78 4.01 34.42
C ALA A 56 10.13 4.85 35.51
N ILE A 57 10.90 5.20 36.55
CA ILE A 57 10.27 5.89 37.67
C ILE A 57 9.79 7.28 37.25
N GLU A 58 10.57 7.98 36.42
CA GLU A 58 10.18 9.32 36.01
C GLU A 58 8.99 9.28 35.04
N THR A 59 8.92 8.25 34.19
CA THR A 59 7.77 8.12 33.30
C THR A 59 6.48 7.89 34.10
N ILE A 60 6.54 6.98 35.07
CA ILE A 60 5.35 6.68 35.87
C ILE A 60 4.93 7.92 36.66
N VAL A 61 5.88 8.61 37.28
CA VAL A 61 5.54 9.77 38.10
C VAL A 61 4.92 10.87 37.24
N ALA A 62 5.53 11.17 36.09
CA ALA A 62 5.01 12.22 35.23
C ALA A 62 3.64 11.87 34.68
N ALA A 63 3.35 10.58 34.50
CA ALA A 63 2.08 10.19 33.92
C ALA A 63 0.92 10.36 34.88
N MET A 64 1.18 10.45 36.19
CA MET A 64 0.08 10.49 37.16
C MET A 64 -0.85 11.67 36.90
N SER A 65 -0.28 12.85 36.67
CA SER A 65 -1.10 14.04 36.46
C SER A 65 -1.85 14.00 35.13
N ASN A 66 -1.35 13.25 34.15
CA ASN A 66 -1.88 13.34 32.80
C ASN A 66 -2.93 12.30 32.47
N LEU A 67 -3.12 11.30 33.31
CA LEU A 67 -4.14 10.30 33.06
C LEU A 67 -5.53 10.90 33.24
N VAL A 68 -6.52 10.25 32.63
CA VAL A 68 -7.92 10.60 32.82
C VAL A 68 -8.68 9.35 33.25
N PRO A 69 -9.11 9.26 34.52
CA PRO A 69 -8.91 10.30 35.53
C PRO A 69 -7.49 10.34 36.06
N PRO A 70 -7.04 11.51 36.52
CA PRO A 70 -5.68 11.60 37.09
C PRO A 70 -5.56 10.72 38.33
N VAL A 71 -4.32 10.34 38.62
CA VAL A 71 -3.99 9.51 39.78
C VAL A 71 -3.15 10.37 40.73
N GLU A 72 -3.54 10.39 42.00
CA GLU A 72 -2.84 11.16 43.01
C GLU A 72 -1.93 10.24 43.83
N LEU A 73 -0.96 10.86 44.50
CA LEU A 73 -0.18 10.13 45.48
C LEU A 73 -1.09 9.58 46.57
N ALA A 74 -0.85 8.33 46.97
CA ALA A 74 -1.58 7.82 48.13
C ALA A 74 -1.06 8.43 49.41
N ASN A 75 0.21 8.82 49.42
CA ASN A 75 0.85 9.42 50.58
C ASN A 75 1.34 10.81 50.20
N PRO A 76 0.65 11.88 50.61
CA PRO A 76 1.08 13.23 50.24
C PRO A 76 2.43 13.62 50.84
N GLU A 77 2.94 12.86 51.82
CA GLU A 77 4.29 13.07 52.32
C GLU A 77 5.34 12.82 51.24
N ASN A 78 5.03 12.03 50.21
CA ASN A 78 5.98 11.75 49.14
C ASN A 78 6.01 12.82 48.07
N GLN A 79 5.34 13.95 48.29
CA GLN A 79 5.26 14.98 47.24
C GLN A 79 6.62 15.55 46.91
N PHE A 80 7.47 15.75 47.91
CA PHE A 80 8.79 16.30 47.64
C PHE A 80 9.63 15.30 46.85
N ARG A 81 9.37 14.00 47.02
CA ARG A 81 10.03 13.01 46.17
C ARG A 81 9.57 13.12 44.73
N VAL A 82 8.28 13.41 44.52
CA VAL A 82 7.79 13.64 43.16
C VAL A 82 8.43 14.87 42.56
N ASP A 83 8.53 15.95 43.34
CA ASP A 83 9.18 17.17 42.87
C ASP A 83 10.63 16.92 42.47
N TYR A 84 11.34 16.11 43.26
CA TYR A 84 12.72 15.80 42.90
C TYR A 84 12.78 15.01 41.60
N ILE A 85 11.97 13.96 41.48
CA ILE A 85 12.03 13.08 40.31
C ILE A 85 11.73 13.87 39.04
N LEU A 86 10.67 14.68 39.07
CA LEU A 86 10.34 15.47 37.87
C LEU A 86 11.40 16.53 37.58
N SER A 87 12.07 17.03 38.63
CA SER A 87 13.05 18.10 38.43
C SER A 87 14.31 17.59 37.74
N VAL A 88 14.68 16.33 37.94
CA VAL A 88 15.88 15.77 37.32
C VAL A 88 15.53 14.91 36.11
N MET A 89 14.30 15.00 35.61
CA MET A 89 13.82 14.06 34.59
C MET A 89 14.66 14.13 33.32
N ASN A 90 14.98 15.34 32.85
CA ASN A 90 15.68 15.52 31.59
C ASN A 90 17.10 16.02 31.79
N VAL A 91 17.65 15.84 32.99
CA VAL A 91 18.98 16.37 33.30
C VAL A 91 20.02 15.62 32.48
N PRO A 92 20.86 16.31 31.70
CA PRO A 92 21.97 15.62 31.04
C PRO A 92 23.05 15.27 32.05
N ASP A 93 23.63 14.09 31.88
CA ASP A 93 24.74 13.62 32.73
C ASP A 93 24.30 13.52 34.19
N PHE A 94 23.21 12.80 34.42
CA PHE A 94 22.74 12.57 35.78
C PHE A 94 23.75 11.70 36.53
N ASP A 95 24.03 12.07 37.77
CA ASP A 95 25.04 11.39 38.56
C ASP A 95 24.48 10.31 39.47
N PHE A 96 23.16 10.12 39.48
CA PHE A 96 22.51 9.10 40.30
C PHE A 96 22.98 9.13 41.76
N PRO A 97 22.70 10.21 42.49
CA PRO A 97 23.14 10.28 43.88
C PRO A 97 22.24 9.42 44.76
N PRO A 98 22.67 9.13 45.98
CA PRO A 98 21.87 8.24 46.85
C PRO A 98 20.42 8.70 47.05
N GLU A 99 20.15 10.01 47.06
CA GLU A 99 18.77 10.46 47.26
C GLU A 99 17.87 10.11 46.07
N PHE A 100 18.42 9.90 44.89
CA PHE A 100 17.59 9.45 43.77
C PHE A 100 17.05 8.06 44.03
N TYR A 101 17.91 7.13 44.43
CA TYR A 101 17.46 5.78 44.74
C TYR A 101 16.48 5.77 45.90
N GLU A 102 16.73 6.60 46.92
CA GLU A 102 15.80 6.71 48.04
C GLU A 102 14.41 7.14 47.56
N HIS A 103 14.34 8.21 46.76
CA HIS A 103 13.06 8.72 46.31
C HIS A 103 12.38 7.77 45.34
N ALA A 104 13.16 7.15 44.44
CA ALA A 104 12.58 6.20 43.49
C ALA A 104 11.96 5.02 44.21
N LYS A 105 12.69 4.42 45.15
CA LYS A 105 12.16 3.27 45.88
C LYS A 105 10.93 3.65 46.69
N ALA A 106 11.00 4.77 47.41
CA ALA A 106 9.86 5.17 48.23
C ALA A 106 8.66 5.49 47.36
N LEU A 107 8.89 6.04 46.17
CA LEU A 107 7.78 6.31 45.27
C LEU A 107 7.22 5.02 44.68
N TRP A 108 8.10 4.04 44.40
CA TRP A 108 7.63 2.76 43.87
C TRP A 108 6.73 2.05 44.87
N GLU A 109 6.93 2.30 46.16
CA GLU A 109 6.09 1.75 47.22
C GLU A 109 4.89 2.62 47.55
N ASP A 110 4.65 3.68 46.79
CA ASP A 110 3.44 4.49 46.94
C ASP A 110 2.29 3.88 46.14
N GLU A 111 1.15 3.67 46.79
CA GLU A 111 0.02 3.03 46.14
C GLU A 111 -0.47 3.82 44.93
N GLY A 112 -0.39 5.15 44.99
CA GLY A 112 -0.80 5.95 43.84
C GLY A 112 0.13 5.76 42.66
N VAL A 113 1.43 5.67 42.91
CA VAL A 113 2.39 5.43 41.83
C VAL A 113 2.12 4.07 41.19
N ARG A 114 1.92 3.05 42.03
CA ARG A 114 1.60 1.71 41.52
C ARG A 114 0.33 1.72 40.70
N ALA A 115 -0.71 2.41 41.20
CA ALA A 115 -1.94 2.53 40.44
C ALA A 115 -1.67 3.16 39.08
N CYS A 116 -0.76 4.12 39.02
CA CYS A 116 -0.39 4.68 37.73
C CYS A 116 0.40 3.67 36.90
N TYR A 117 1.28 2.89 37.55
CA TYR A 117 1.99 1.83 36.83
C TYR A 117 1.02 0.81 36.27
N GLU A 118 -0.01 0.45 37.04
CA GLU A 118 -1.00 -0.50 36.58
C GLU A 118 -1.75 0.00 35.35
N ARG A 119 -1.79 1.30 35.11
CA ARG A 119 -2.43 1.86 33.93
C ARG A 119 -1.42 2.27 32.87
N SER A 120 -0.23 1.65 32.89
CA SER A 120 0.85 2.05 31.99
C SER A 120 0.48 1.93 30.51
N ASN A 121 -0.47 1.07 30.16
CA ASN A 121 -0.89 0.98 28.77
C ASN A 121 -1.55 2.27 28.28
N GLU A 122 -1.86 3.21 29.19
CA GLU A 122 -2.42 4.49 28.79
C GLU A 122 -1.34 5.53 28.49
N TYR A 123 -0.08 5.20 28.70
CA TYR A 123 1.02 6.04 28.26
C TYR A 123 2.10 5.12 27.72
N GLN A 124 3.35 5.59 27.68
CA GLN A 124 4.44 4.86 27.09
C GLN A 124 5.48 4.57 28.16
N LEU A 125 5.60 3.29 28.52
CA LEU A 125 6.49 2.84 29.57
C LEU A 125 7.29 1.65 29.05
N ILE A 126 8.60 1.67 29.31
CA ILE A 126 9.44 0.54 28.91
C ILE A 126 9.01 -0.72 29.65
N ASP A 127 9.25 -1.88 29.00
CA ASP A 127 8.78 -3.17 29.49
C ASP A 127 9.42 -3.56 30.82
N CYS A 128 10.70 -3.26 30.98
CA CYS A 128 11.44 -3.70 32.15
C CYS A 128 11.19 -2.85 33.38
N ALA A 129 10.13 -2.04 33.40
CA ALA A 129 9.93 -1.08 34.48
C ALA A 129 9.88 -1.79 35.82
N GLN A 130 8.89 -2.67 36.02
CA GLN A 130 8.74 -3.33 37.31
C GLN A 130 9.96 -4.17 37.65
N TYR A 131 10.54 -4.85 36.66
CA TYR A 131 11.71 -5.68 36.92
C TYR A 131 12.85 -4.89 37.55
N PHE A 132 13.13 -3.69 37.05
CA PHE A 132 14.25 -2.92 37.57
C PHE A 132 13.87 -2.15 38.83
N LEU A 133 12.64 -1.65 38.89
CA LEU A 133 12.20 -0.92 40.07
C LEU A 133 12.15 -1.84 41.30
N ASP A 134 11.89 -3.13 41.10
CA ASP A 134 11.86 -4.08 42.19
C ASP A 134 13.25 -4.45 42.72
N LYS A 135 14.32 -4.09 42.02
CA LYS A 135 15.66 -4.38 42.52
C LYS A 135 16.50 -3.12 42.59
N ILE A 136 15.87 -2.01 43.02
CA ILE A 136 16.59 -0.75 43.19
C ILE A 136 17.76 -0.90 44.13
N ASP A 137 17.57 -1.62 45.25
CA ASP A 137 18.62 -1.72 46.25
C ASP A 137 19.80 -2.56 45.76
N VAL A 138 19.55 -3.53 44.89
CA VAL A 138 20.66 -4.28 44.31
C VAL A 138 21.43 -3.42 43.32
N ILE A 139 20.73 -2.65 42.50
CA ILE A 139 21.37 -1.91 41.42
C ILE A 139 22.25 -0.78 41.97
N LYS A 140 21.80 -0.13 43.05
CA LYS A 140 22.51 1.04 43.57
C LYS A 140 23.83 0.69 44.27
N GLN A 141 24.13 -0.59 44.45
CA GLN A 141 25.36 -0.96 45.14
C GLN A 141 26.58 -0.69 44.26
N ALA A 142 27.68 -0.29 44.90
CA ALA A 142 28.89 0.02 44.15
C ALA A 142 29.54 -1.23 43.57
N ASP A 143 29.31 -2.39 44.19
CA ASP A 143 29.82 -3.66 43.68
C ASP A 143 28.90 -4.27 42.62
N TYR A 144 27.81 -3.60 42.26
CA TYR A 144 26.81 -4.20 41.39
C TYR A 144 27.39 -4.50 40.01
N VAL A 145 27.42 -5.78 39.67
CA VAL A 145 27.68 -6.26 38.31
C VAL A 145 26.38 -6.86 37.78
N PRO A 146 25.84 -6.37 36.68
CA PRO A 146 24.53 -6.85 36.22
C PRO A 146 24.63 -8.28 35.72
N SER A 147 23.64 -9.08 36.08
CA SER A 147 23.51 -10.41 35.52
C SER A 147 23.16 -10.32 34.04
N ASP A 148 23.28 -11.46 33.34
CA ASP A 148 22.87 -11.50 31.94
C ASP A 148 21.39 -11.19 31.81
N GLN A 149 20.58 -11.64 32.77
CA GLN A 149 19.16 -11.34 32.72
C GLN A 149 18.90 -9.84 32.88
N ASP A 150 19.64 -9.18 33.77
CA ASP A 150 19.53 -7.72 33.88
C ASP A 150 19.83 -7.06 32.55
N LEU A 151 20.89 -7.50 31.89
CA LEU A 151 21.27 -6.91 30.61
C LEU A 151 20.28 -7.27 29.50
N LEU A 152 19.60 -8.41 29.62
CA LEU A 152 18.59 -8.76 28.62
C LEU A 152 17.32 -7.93 28.79
N ARG A 153 16.98 -7.61 30.04
CA ARG A 153 15.79 -6.79 30.34
C ARG A 153 16.00 -5.33 30.00
N CYS A 154 17.25 -4.90 29.92
CA CYS A 154 17.57 -3.49 29.72
C CYS A 154 17.23 -3.08 28.29
N ARG A 155 16.32 -2.12 28.14
CA ARG A 155 15.96 -1.62 26.81
C ARG A 155 16.95 -0.54 26.39
N VAL A 156 17.67 -0.79 25.31
CA VAL A 156 18.63 0.15 24.77
C VAL A 156 18.26 0.41 23.32
N LEU A 157 18.18 1.68 22.94
CA LEU A 157 17.86 2.02 21.56
C LEU A 157 19.06 1.75 20.68
N THR A 158 18.88 0.91 19.66
CA THR A 158 19.94 0.61 18.73
C THR A 158 20.12 1.76 17.75
N SER A 159 21.36 2.20 17.56
CA SER A 159 21.71 3.15 16.52
C SER A 159 22.47 2.39 15.44
N GLY A 160 21.91 2.37 14.24
CA GLY A 160 22.50 1.55 13.19
C GLY A 160 22.03 0.12 13.25
N ILE A 161 22.67 -0.72 12.42
CA ILE A 161 22.34 -2.13 12.40
C ILE A 161 22.88 -2.81 13.66
N PHE A 162 22.08 -3.72 14.21
CA PHE A 162 22.43 -4.50 15.39
C PHE A 162 22.49 -5.95 14.96
N GLU A 163 23.67 -6.55 15.03
CA GLU A 163 23.89 -7.81 14.34
C GLU A 163 24.81 -8.71 15.15
N THR A 164 24.78 -9.99 14.81
CA THR A 164 25.67 -11.00 15.36
C THR A 164 25.98 -11.99 14.27
N LYS A 165 27.22 -12.47 14.25
CA LYS A 165 27.65 -13.50 13.32
C LYS A 165 28.20 -14.65 14.15
N PHE A 166 27.71 -15.85 13.89
CA PHE A 166 28.11 -17.01 14.69
C PHE A 166 27.96 -18.26 13.84
N GLN A 167 28.65 -19.32 14.29
CA GLN A 167 28.64 -20.61 13.62
C GLN A 167 28.06 -21.65 14.56
N VAL A 168 27.12 -22.45 14.06
CA VAL A 168 26.57 -23.58 14.80
C VAL A 168 26.58 -24.78 13.86
N ASP A 169 27.23 -25.86 14.29
CA ASP A 169 27.33 -27.08 13.50
C ASP A 169 27.83 -26.80 12.09
N LYS A 170 28.92 -26.03 12.01
CA LYS A 170 29.60 -25.70 10.77
C LYS A 170 28.72 -24.89 9.81
N VAL A 171 27.69 -24.23 10.35
CA VAL A 171 26.80 -23.38 9.58
C VAL A 171 26.92 -21.96 10.12
N ASN A 172 27.37 -21.04 9.28
CA ASN A 172 27.46 -19.64 9.67
C ASN A 172 26.08 -18.97 9.61
N PHE A 173 25.83 -18.10 10.58
CA PHE A 173 24.60 -17.33 10.64
C PHE A 173 24.95 -15.86 10.79
N HIS A 174 24.20 -15.02 10.08
CA HIS A 174 24.36 -13.57 10.19
C HIS A 174 22.98 -13.01 10.48
N MET A 175 22.70 -12.75 11.76
CA MET A 175 21.42 -12.23 12.19
C MET A 175 21.56 -10.73 12.44
N PHE A 176 20.70 -9.94 11.81
CA PHE A 176 20.80 -8.50 11.95
C PHE A 176 19.42 -7.87 12.09
N ASP A 177 19.34 -6.85 12.92
CA ASP A 177 18.13 -6.08 13.13
C ASP A 177 18.33 -4.69 12.56
N VAL A 178 17.37 -4.22 11.79
CA VAL A 178 17.46 -2.92 11.16
C VAL A 178 16.56 -1.90 11.86
N GLY A 179 16.12 -2.20 13.08
CA GLY A 179 15.21 -1.31 13.78
C GLY A 179 15.79 0.07 14.00
N GLY A 180 17.09 0.15 14.25
CA GLY A 180 17.72 1.43 14.46
C GLY A 180 18.33 2.04 13.22
N GLN A 181 17.91 1.56 12.05
CA GLN A 181 18.46 2.04 10.79
C GLN A 181 17.41 2.82 10.01
N ARG A 182 17.87 3.83 9.28
CA ARG A 182 17.05 4.60 8.37
C ARG A 182 17.75 4.61 7.03
N ASP A 183 16.97 4.74 5.95
CA ASP A 183 17.52 4.62 4.62
C ASP A 183 16.62 5.39 3.66
N GLU A 184 17.14 5.64 2.46
CA GLU A 184 16.33 6.24 1.42
C GLU A 184 15.21 5.29 1.01
N ARG A 185 14.05 5.85 0.68
CA ARG A 185 12.87 5.02 0.43
C ARG A 185 13.15 3.97 -0.63
N ARG A 186 13.78 4.35 -1.74
CA ARG A 186 14.00 3.43 -2.84
C ARG A 186 15.13 2.44 -2.57
N LYS A 187 15.92 2.62 -1.51
CA LYS A 187 17.00 1.71 -1.19
C LYS A 187 16.65 0.72 -0.09
N TRP A 188 15.53 0.91 0.60
CA TRP A 188 15.18 0.05 1.73
C TRP A 188 15.05 -1.40 1.29
N ILE A 189 14.51 -1.64 0.08
CA ILE A 189 14.34 -3.00 -0.40
C ILE A 189 15.67 -3.74 -0.47
N GLN A 190 16.79 -3.02 -0.54
CA GLN A 190 18.09 -3.66 -0.60
C GLN A 190 18.47 -4.37 0.69
N CYS A 191 17.87 -3.99 1.82
CA CYS A 191 18.22 -4.66 3.07
C CYS A 191 17.83 -6.13 3.08
N PHE A 192 16.96 -6.56 2.16
CA PHE A 192 16.53 -7.96 2.04
C PHE A 192 17.42 -8.78 1.11
N ASN A 193 18.43 -8.17 0.48
CA ASN A 193 19.30 -8.89 -0.44
C ASN A 193 19.88 -10.14 0.20
N ASP A 194 19.77 -11.27 -0.50
CA ASP A 194 20.40 -12.52 -0.10
C ASP A 194 19.99 -12.96 1.31
N VAL A 195 18.77 -12.61 1.72
CA VAL A 195 18.28 -13.02 3.03
C VAL A 195 17.69 -14.43 2.91
N THR A 196 18.14 -15.33 3.78
CA THR A 196 17.59 -16.67 3.81
C THR A 196 16.19 -16.68 4.42
N ALA A 197 15.98 -15.89 5.46
CA ALA A 197 14.68 -15.86 6.11
C ALA A 197 14.54 -14.57 6.88
N ILE A 198 13.32 -14.07 6.91
CA ILE A 198 12.95 -12.98 7.79
C ILE A 198 12.50 -13.58 9.12
N ILE A 199 12.99 -13.04 10.22
CA ILE A 199 12.45 -13.38 11.54
C ILE A 199 11.61 -12.19 11.97
N PHE A 200 10.30 -12.34 11.93
CA PHE A 200 9.40 -11.26 12.30
C PHE A 200 9.00 -11.43 13.76
N VAL A 201 9.28 -10.40 14.56
CA VAL A 201 9.08 -10.47 16.00
C VAL A 201 7.87 -9.62 16.37
N VAL A 202 6.99 -10.17 17.18
CA VAL A 202 5.76 -9.50 17.63
C VAL A 202 5.73 -9.49 19.15
N ALA A 203 5.43 -8.34 19.73
CA ALA A 203 5.15 -8.24 21.16
C ALA A 203 3.70 -8.65 21.38
N SER A 204 3.48 -9.95 21.58
CA SER A 204 2.12 -10.46 21.72
C SER A 204 1.37 -9.79 22.85
N SER A 205 2.08 -9.40 23.90
CA SER A 205 1.45 -8.84 25.08
C SER A 205 1.00 -7.41 24.89
N SER A 206 1.33 -6.77 23.77
CA SER A 206 1.09 -5.35 23.58
C SER A 206 -0.22 -5.06 22.85
N TYR A 207 -1.19 -5.96 22.99
CA TYR A 207 -2.49 -5.77 22.35
C TYR A 207 -3.29 -4.61 22.95
N ASN A 208 -2.92 -4.14 24.14
CA ASN A 208 -3.66 -3.06 24.79
C ASN A 208 -2.91 -1.74 24.77
N MET A 209 -1.84 -1.65 24.00
CA MET A 209 -0.96 -0.49 23.95
C MET A 209 -0.99 0.11 22.55
N VAL A 210 -0.48 1.34 22.44
CA VAL A 210 -0.34 2.03 21.16
C VAL A 210 1.14 2.33 20.92
N ILE A 211 1.50 2.47 19.65
CA ILE A 211 2.89 2.66 19.28
C ILE A 211 3.36 4.05 19.67
N ARG A 212 4.67 4.18 19.94
CA ARG A 212 5.23 5.48 20.30
C ARG A 212 5.17 6.47 19.13
N GLU A 213 5.23 5.98 17.89
CA GLU A 213 5.40 6.87 16.74
C GLU A 213 4.23 7.85 16.59
N ASP A 214 3.00 7.41 16.89
CA ASP A 214 1.85 8.32 16.81
C ASP A 214 0.97 8.29 18.05
N ASN A 215 1.21 7.37 18.99
CA ASN A 215 0.39 7.20 20.18
C ASN A 215 -1.09 7.01 19.85
N GLN A 216 -1.37 6.32 18.75
CA GLN A 216 -2.75 6.08 18.33
C GLN A 216 -2.93 4.68 17.77
N THR A 217 -2.02 4.27 16.88
CA THR A 217 -2.11 2.94 16.30
C THR A 217 -1.85 1.88 17.37
N ASN A 218 -2.81 0.96 17.53
CA ASN A 218 -2.62 -0.17 18.44
C ASN A 218 -1.38 -0.97 18.05
N ARG A 219 -0.61 -1.37 19.06
CA ARG A 219 0.69 -2.00 18.80
C ARG A 219 0.55 -3.32 18.06
N LEU A 220 -0.40 -4.16 18.45
CA LEU A 220 -0.57 -5.42 17.74
C LEU A 220 -1.04 -5.18 16.32
N GLN A 221 -1.99 -4.26 16.12
CA GLN A 221 -2.43 -3.94 14.77
C GLN A 221 -1.28 -3.39 13.94
N GLU A 222 -0.38 -2.64 14.57
CA GLU A 222 0.82 -2.19 13.88
C GLU A 222 1.67 -3.38 13.44
N ALA A 223 1.84 -4.39 14.31
CA ALA A 223 2.59 -5.58 13.95
C ALA A 223 1.92 -6.35 12.81
N LEU A 224 0.59 -6.43 12.84
CA LEU A 224 -0.14 -7.10 11.77
C LEU A 224 0.02 -6.34 10.46
N ASN A 225 -0.06 -5.01 10.51
CA ASN A 225 0.10 -4.19 9.32
C ASN A 225 1.50 -4.29 8.75
N LEU A 226 2.51 -4.24 9.61
CA LEU A 226 3.88 -4.46 9.14
C LEU A 226 4.03 -5.83 8.50
N PHE A 227 3.52 -6.86 9.17
CA PHE A 227 3.64 -8.21 8.62
C PHE A 227 2.92 -8.30 7.28
N LYS A 228 1.75 -7.68 7.17
CA LYS A 228 1.02 -7.69 5.91
C LYS A 228 1.83 -7.02 4.81
N SER A 229 2.53 -5.94 5.13
CA SER A 229 3.28 -5.23 4.10
C SER A 229 4.43 -6.07 3.59
N ILE A 230 5.20 -6.68 4.50
CA ILE A 230 6.29 -7.56 4.11
C ILE A 230 5.76 -8.75 3.31
N TRP A 231 4.71 -9.41 3.83
CA TRP A 231 4.26 -10.66 3.26
C TRP A 231 3.79 -10.50 1.82
N ASN A 232 3.13 -9.38 1.51
CA ASN A 232 2.54 -9.13 0.21
C ASN A 232 3.41 -8.29 -0.70
N ASN A 233 4.66 -8.02 -0.29
CA ASN A 233 5.58 -7.31 -1.16
C ASN A 233 6.11 -8.27 -2.21
N ARG A 234 5.76 -8.03 -3.48
CA ARG A 234 6.13 -8.98 -4.53
C ARG A 234 7.64 -9.15 -4.67
N TRP A 235 8.44 -8.18 -4.23
CA TRP A 235 9.89 -8.34 -4.35
C TRP A 235 10.47 -9.19 -3.23
N LEU A 236 9.64 -9.59 -2.26
CA LEU A 236 10.05 -10.41 -1.13
C LEU A 236 9.32 -11.75 -1.15
N ARG A 237 8.69 -12.09 -2.27
CA ARG A 237 7.77 -13.22 -2.33
C ARG A 237 8.47 -14.56 -2.13
N THR A 238 9.79 -14.63 -2.30
CA THR A 238 10.50 -15.88 -2.14
C THR A 238 11.21 -16.02 -0.80
N ILE A 239 11.04 -15.06 0.10
CA ILE A 239 11.69 -15.10 1.40
C ILE A 239 10.68 -15.60 2.42
N SER A 240 10.98 -16.75 3.03
CA SER A 240 10.11 -17.26 4.07
C SER A 240 10.28 -16.45 5.35
N VAL A 241 9.23 -16.45 6.17
CA VAL A 241 9.17 -15.67 7.39
C VAL A 241 9.05 -16.61 8.56
N ILE A 242 10.01 -16.54 9.48
CA ILE A 242 9.88 -17.18 10.78
C ILE A 242 9.23 -16.16 11.71
N LEU A 243 8.09 -16.50 12.27
CA LEU A 243 7.30 -15.57 13.07
C LEU A 243 7.48 -15.87 14.55
N PHE A 244 8.05 -14.92 15.27
CA PHE A 244 8.25 -15.04 16.71
C PHE A 244 7.11 -14.31 17.41
N LEU A 245 6.14 -15.06 17.92
CA LEU A 245 5.11 -14.48 18.79
C LEU A 245 5.74 -14.35 20.16
N ASN A 246 6.36 -13.20 20.38
CA ASN A 246 7.24 -12.96 21.52
C ASN A 246 6.45 -12.43 22.72
N LYS A 247 7.14 -12.31 23.86
CA LYS A 247 6.60 -11.80 25.12
C LYS A 247 5.44 -12.65 25.62
N GLN A 248 5.55 -13.96 25.41
CA GLN A 248 4.57 -14.91 25.93
C GLN A 248 4.41 -14.79 27.43
N ASP A 249 5.51 -14.55 28.16
CA ASP A 249 5.43 -14.37 29.60
C ASP A 249 4.58 -13.16 29.96
N LEU A 250 4.76 -12.04 29.26
CA LEU A 250 3.97 -10.86 29.55
C LEU A 250 2.54 -11.01 29.05
N LEU A 251 2.33 -11.78 27.98
CA LEU A 251 0.98 -12.07 27.53
C LEU A 251 0.22 -12.88 28.56
N ALA A 252 0.85 -13.92 29.10
CA ALA A 252 0.19 -14.74 30.10
C ALA A 252 -0.16 -13.91 31.33
N GLU A 253 0.77 -13.07 31.78
CA GLU A 253 0.51 -12.24 32.96
C GLU A 253 -0.66 -11.30 32.72
N LYS A 254 -0.70 -10.67 31.54
CA LYS A 254 -1.74 -9.69 31.25
C LYS A 254 -3.10 -10.36 31.11
N VAL A 255 -3.16 -11.54 30.49
CA VAL A 255 -4.44 -12.20 30.31
C VAL A 255 -4.98 -12.67 31.66
N LEU A 256 -4.12 -13.27 32.49
CA LEU A 256 -4.54 -13.78 33.79
C LEU A 256 -4.93 -12.67 34.77
N ALA A 257 -4.63 -11.42 34.45
CA ALA A 257 -4.94 -10.32 35.35
C ALA A 257 -6.28 -9.64 35.05
N GLY A 258 -6.84 -9.84 33.86
CA GLY A 258 -8.19 -9.38 33.56
C GLY A 258 -8.38 -7.88 33.54
N LYS A 259 -7.31 -7.09 33.60
CA LYS A 259 -7.46 -5.64 33.57
C LYS A 259 -7.83 -5.15 32.17
N SER A 260 -7.14 -5.66 31.15
CA SER A 260 -7.39 -5.29 29.76
C SER A 260 -7.76 -6.55 29.00
N LYS A 261 -9.03 -6.71 28.68
CA LYS A 261 -9.49 -7.89 27.96
C LYS A 261 -9.18 -7.75 26.48
N ILE A 262 -8.71 -8.84 25.88
CA ILE A 262 -8.31 -8.81 24.47
C ILE A 262 -9.48 -8.36 23.60
N GLU A 263 -10.70 -8.79 23.95
CA GLU A 263 -11.87 -8.43 23.14
C GLU A 263 -12.18 -6.94 23.21
N ASP A 264 -11.65 -6.23 24.21
CA ASP A 264 -11.79 -4.77 24.24
C ASP A 264 -10.97 -4.08 23.16
N TYR A 265 -9.96 -4.76 22.60
CA TYR A 265 -9.11 -4.20 21.56
C TYR A 265 -9.21 -4.94 20.25
N PHE A 266 -9.53 -6.23 20.27
CA PHE A 266 -9.76 -7.04 19.06
C PHE A 266 -11.07 -7.78 19.29
N PRO A 267 -12.19 -7.18 18.87
CA PRO A 267 -13.51 -7.71 19.27
C PRO A 267 -13.78 -9.12 18.77
N GLU A 268 -13.16 -9.52 17.67
CA GLU A 268 -13.39 -10.88 17.20
C GLU A 268 -12.82 -11.94 18.12
N PHE A 269 -12.00 -11.55 19.11
CA PHE A 269 -11.51 -12.54 20.06
C PHE A 269 -12.67 -13.18 20.83
N ALA A 270 -13.71 -12.40 21.11
CA ALA A 270 -14.85 -12.92 21.86
C ALA A 270 -15.49 -14.11 21.16
N ARG A 271 -15.38 -14.17 19.84
CA ARG A 271 -15.94 -15.26 19.06
C ARG A 271 -14.89 -16.29 18.64
N TYR A 272 -13.64 -16.10 19.06
CA TYR A 272 -12.58 -17.02 18.69
C TYR A 272 -12.51 -18.21 19.64
N THR A 273 -12.31 -19.39 19.08
CA THR A 273 -12.15 -20.60 19.87
C THR A 273 -10.77 -21.18 19.62
N THR A 274 -10.20 -21.79 20.65
CA THR A 274 -8.89 -22.40 20.53
C THR A 274 -8.92 -23.50 19.47
N PRO A 275 -7.97 -23.53 18.54
CA PRO A 275 -7.96 -24.59 17.52
C PRO A 275 -7.67 -25.95 18.13
N GLU A 276 -8.04 -27.00 17.38
CA GLU A 276 -7.88 -28.37 17.85
C GLU A 276 -6.44 -28.87 17.73
N ASP A 277 -5.65 -28.26 16.85
CA ASP A 277 -4.22 -28.58 16.75
C ASP A 277 -3.40 -27.97 17.87
N ALA A 278 -4.02 -27.17 18.74
CA ALA A 278 -3.27 -26.45 19.75
C ALA A 278 -2.51 -27.41 20.65
N THR A 279 -1.28 -27.04 21.01
CA THR A 279 -0.49 -27.79 21.96
C THR A 279 -0.31 -26.98 23.25
N PRO A 280 -1.37 -26.69 23.99
CA PRO A 280 -1.18 -25.96 25.24
C PRO A 280 -0.24 -26.72 26.15
N GLU A 281 0.75 -26.02 26.68
CA GLU A 281 1.63 -26.63 27.67
C GLU A 281 0.78 -27.15 28.83
N PRO A 282 1.18 -28.25 29.47
CA PRO A 282 0.52 -28.67 30.70
C PRO A 282 0.51 -27.54 31.72
N GLY A 283 -0.63 -27.36 32.38
CA GLY A 283 -0.79 -26.31 33.37
C GLY A 283 -1.19 -24.95 32.82
N GLU A 284 -1.06 -24.73 31.51
CA GLU A 284 -1.40 -23.43 30.93
C GLU A 284 -2.88 -23.13 31.11
N ASP A 285 -3.18 -21.94 31.63
CA ASP A 285 -4.56 -21.54 31.78
C ASP A 285 -5.25 -21.48 30.42
N PRO A 286 -6.47 -21.99 30.30
CA PRO A 286 -7.14 -22.01 28.98
C PRO A 286 -7.33 -20.65 28.37
N ARG A 287 -7.53 -19.60 29.17
CA ARG A 287 -7.64 -18.25 28.64
C ARG A 287 -6.35 -17.83 27.95
N VAL A 288 -5.20 -18.23 28.51
CA VAL A 288 -3.92 -17.87 27.92
C VAL A 288 -3.70 -18.61 26.61
N THR A 289 -4.07 -19.89 26.56
CA THR A 289 -3.96 -20.66 25.33
C THR A 289 -4.80 -20.04 24.22
N ARG A 290 -6.05 -19.67 24.53
CA ARG A 290 -6.90 -19.10 23.51
C ARG A 290 -6.36 -17.77 23.00
N ALA A 291 -5.81 -16.98 23.93
CA ALA A 291 -5.24 -15.68 23.57
C ALA A 291 -4.04 -15.83 22.65
N LYS A 292 -3.10 -16.72 23.00
CA LYS A 292 -1.86 -16.77 22.24
C LYS A 292 -2.05 -17.40 20.87
N TYR A 293 -3.00 -18.34 20.74
CA TYR A 293 -3.31 -18.89 19.43
C TYR A 293 -4.14 -17.92 18.58
N PHE A 294 -4.98 -17.11 19.23
CA PHE A 294 -5.69 -16.05 18.50
C PHE A 294 -4.71 -15.09 17.84
N ILE A 295 -3.73 -14.62 18.61
CA ILE A 295 -2.73 -13.71 18.08
C ILE A 295 -1.92 -14.38 16.98
N ARG A 296 -1.53 -15.63 17.18
CA ARG A 296 -0.90 -16.40 16.11
C ARG A 296 -1.79 -16.40 14.87
N ASP A 297 -3.07 -16.75 15.04
CA ASP A 297 -3.98 -16.87 13.90
C ASP A 297 -4.27 -15.54 13.23
N GLU A 298 -4.08 -14.42 13.94
CA GLU A 298 -4.21 -13.12 13.28
C GLU A 298 -3.14 -12.94 12.21
N PHE A 299 -1.93 -13.40 12.48
CA PHE A 299 -0.88 -13.36 11.46
C PHE A 299 -1.06 -14.45 10.43
N LEU A 300 -1.47 -15.65 10.85
CA LEU A 300 -1.58 -16.76 9.91
C LEU A 300 -2.67 -16.51 8.88
N ARG A 301 -3.72 -15.75 9.24
CA ARG A 301 -4.72 -15.40 8.24
C ARG A 301 -4.12 -14.55 7.14
N ILE A 302 -3.19 -13.65 7.50
CA ILE A 302 -2.59 -12.80 6.48
C ILE A 302 -1.73 -13.64 5.55
N SER A 303 -0.94 -14.55 6.11
CA SER A 303 -0.02 -15.31 5.28
C SER A 303 -0.74 -16.38 4.45
N THR A 304 -1.94 -16.80 4.84
CA THR A 304 -2.70 -17.75 4.04
C THR A 304 -3.57 -17.07 2.99
N ALA A 305 -3.95 -15.80 3.21
CA ALA A 305 -4.81 -15.08 2.28
C ALA A 305 -4.13 -14.87 0.93
N SER A 306 -2.81 -14.91 0.88
CA SER A 306 -2.07 -14.73 -0.38
C SER A 306 -0.90 -15.70 -0.49
N GLY A 309 2.52 -18.15 -2.37
CA GLY A 309 3.68 -17.95 -3.22
C GLY A 309 4.78 -18.98 -2.99
N ARG A 310 6.04 -18.56 -3.11
CA ARG A 310 7.17 -19.44 -2.84
C ARG A 310 7.78 -19.17 -1.46
N HIS A 311 6.97 -18.66 -0.53
CA HIS A 311 7.41 -18.42 0.84
C HIS A 311 6.35 -18.96 1.80
N TYR A 312 6.80 -19.39 2.98
CA TYR A 312 5.90 -19.90 4.01
C TYR A 312 6.15 -19.13 5.30
N CYS A 313 5.24 -19.31 6.26
CA CYS A 313 5.35 -18.69 7.57
C CYS A 313 5.43 -19.77 8.65
N TYR A 314 6.45 -19.68 9.49
CA TYR A 314 6.70 -20.66 10.56
C TYR A 314 6.52 -19.99 11.91
N PRO A 315 5.37 -20.13 12.56
CA PRO A 315 5.15 -19.43 13.83
C PRO A 315 5.81 -20.12 15.00
N HIS A 316 6.19 -19.32 16.00
CA HIS A 316 6.83 -19.83 17.20
C HIS A 316 6.42 -18.94 18.37
N PHE A 317 6.08 -19.56 19.49
CA PHE A 317 5.86 -18.84 20.73
C PHE A 317 7.20 -18.69 21.45
N THR A 318 7.57 -17.45 21.78
CA THR A 318 8.90 -17.17 22.29
C THR A 318 8.84 -16.24 23.50
N CYS A 319 9.89 -16.33 24.32
CA CYS A 319 10.14 -15.39 25.40
C CYS A 319 11.59 -14.96 25.25
N ALA A 320 11.81 -13.81 24.62
CA ALA A 320 13.13 -13.42 24.17
C ALA A 320 14.10 -13.20 25.32
N VAL A 321 13.61 -12.92 26.54
CA VAL A 321 14.51 -12.76 27.67
C VAL A 321 14.83 -14.07 28.37
N ASP A 322 14.21 -15.16 27.94
CA ASP A 322 14.46 -16.49 28.50
C ASP A 322 15.48 -17.19 27.61
N THR A 323 16.72 -17.27 28.08
CA THR A 323 17.78 -17.88 27.27
C THR A 323 17.42 -19.31 26.88
N GLU A 324 16.88 -20.09 27.82
CA GLU A 324 16.53 -21.48 27.52
C GLU A 324 15.41 -21.55 26.49
N ASN A 325 14.43 -20.66 26.58
CA ASN A 325 13.36 -20.63 25.59
C ASN A 325 13.93 -20.35 24.21
N ILE A 326 14.81 -19.36 24.10
CA ILE A 326 15.31 -18.98 22.79
C ILE A 326 16.29 -20.03 22.25
N ARG A 327 17.07 -20.64 23.13
CA ARG A 327 17.90 -21.76 22.69
C ARG A 327 17.06 -22.84 22.01
N ARG A 328 15.94 -23.20 22.63
CA ARG A 328 15.04 -24.20 22.05
C ARG A 328 14.48 -23.71 20.72
N VAL A 329 13.96 -22.48 20.72
CA VAL A 329 13.33 -21.95 19.51
C VAL A 329 14.34 -21.80 18.39
N PHE A 330 15.54 -21.33 18.72
CA PHE A 330 16.52 -21.16 17.65
C PHE A 330 17.01 -22.50 17.11
N ASN A 331 17.09 -23.52 17.97
CA ASN A 331 17.42 -24.86 17.47
C ASN A 331 16.37 -25.32 16.46
N ASP A 332 15.10 -25.03 16.72
CA ASP A 332 14.05 -25.33 15.74
C ASP A 332 14.22 -24.49 14.49
N CYS A 333 14.64 -23.22 14.64
CA CYS A 333 14.81 -22.37 13.47
C CYS A 333 15.96 -22.85 12.59
N ARG A 334 17.09 -23.24 13.20
CA ARG A 334 18.20 -23.75 12.42
C ARG A 334 17.79 -24.95 11.60
N ASP A 335 17.00 -25.84 12.18
CA ASP A 335 16.43 -26.95 11.42
C ASP A 335 15.52 -26.43 10.31
N ILE A 336 14.68 -25.44 10.61
CA ILE A 336 13.83 -24.85 9.58
C ILE A 336 14.71 -24.16 8.52
N ILE A 337 15.73 -23.44 8.96
CA ILE A 337 16.56 -22.66 8.02
C ILE A 337 17.37 -23.60 7.13
N GLN A 338 17.99 -24.62 7.71
CA GLN A 338 18.80 -25.54 6.90
C GLN A 338 17.97 -26.42 5.99
N ARG A 339 16.66 -26.49 6.21
CA ARG A 339 15.78 -27.33 5.41
C ARG A 339 14.80 -26.53 4.56
N MET A 340 14.94 -25.20 4.54
CA MET A 340 14.07 -24.39 3.67
C MET A 340 14.35 -24.67 2.20
N HIS A 341 15.62 -24.95 1.85
CA HIS A 341 15.95 -25.17 0.46
C HIS A 341 15.21 -26.38 -0.11
N LEU A 342 14.85 -27.34 0.74
CA LEU A 342 14.15 -28.54 0.29
C LEU A 342 12.78 -28.20 -0.29
N ARG A 343 12.15 -27.12 0.18
CA ARG A 343 10.85 -26.73 -0.34
C ARG A 343 10.93 -26.24 -1.77
N GLN A 344 12.12 -25.81 -2.23
CA GLN A 344 12.26 -25.39 -3.62
C GLN A 344 12.03 -26.55 -4.58
N TYR A 345 12.28 -27.78 -4.13
CA TYR A 345 12.20 -28.96 -5.00
C TYR A 345 10.81 -29.57 -5.05
N GLU A 346 9.89 -29.06 -4.25
CA GLU A 346 8.53 -29.59 -4.23
C GLU A 346 7.70 -29.03 -5.38
N LEU A 347 6.68 -29.78 -5.77
CA LEU A 347 5.81 -29.36 -6.84
C LEU A 347 4.53 -28.74 -6.28
N LEU A 348 3.39 -29.39 -6.53
CA LEU A 348 2.10 -28.87 -6.09
C LEU A 348 1.08 -30.01 -5.97
N ALA B 7 45.31 11.90 29.14
CA ALA B 7 44.35 12.92 28.74
C ALA B 7 43.48 12.42 27.57
N THR B 8 42.18 12.32 27.80
CA THR B 8 41.23 11.90 26.79
C THR B 8 40.33 13.08 26.41
N HIS B 9 40.25 13.37 25.12
CA HIS B 9 39.45 14.48 24.60
C HIS B 9 38.35 13.93 23.69
N ARG B 10 37.11 14.30 23.99
CA ARG B 10 35.97 13.95 23.17
C ARG B 10 35.66 15.10 22.22
N LEU B 11 35.66 14.81 20.92
CA LEU B 11 35.43 15.79 19.88
C LEU B 11 34.17 15.41 19.15
N LEU B 12 33.14 16.24 19.26
CA LEU B 12 31.85 15.97 18.65
C LEU B 12 31.76 16.68 17.30
N LEU B 13 31.61 15.91 16.24
CA LEU B 13 31.43 16.45 14.90
C LEU B 13 29.96 16.77 14.68
N LEU B 14 29.68 18.02 14.34
CA LEU B 14 28.33 18.47 14.02
C LEU B 14 28.36 19.17 12.67
N GLY B 15 27.18 19.29 12.09
CA GLY B 15 27.00 19.89 10.78
C GLY B 15 25.88 19.18 10.06
N ALA B 16 25.39 19.82 9.01
CA ALA B 16 24.30 19.25 8.23
C ALA B 16 24.76 18.01 7.48
N GLY B 17 23.81 17.27 6.94
CA GLY B 17 24.14 16.10 6.14
C GLY B 17 25.04 16.47 4.97
N GLU B 18 26.00 15.60 4.69
CA GLU B 18 26.95 15.73 3.57
C GLU B 18 27.90 16.92 3.70
N SER B 19 28.11 17.43 4.91
CA SER B 19 29.08 18.52 5.07
C SER B 19 30.52 18.00 5.09
N GLY B 20 30.73 16.77 5.56
CA GLY B 20 32.03 16.16 5.52
C GLY B 20 32.43 15.52 6.83
N LYS B 21 31.45 15.32 7.73
CA LYS B 21 31.77 14.83 9.06
C LYS B 21 32.39 13.43 9.01
N SER B 22 31.74 12.50 8.30
CA SER B 22 32.26 11.14 8.21
C SER B 22 33.61 11.10 7.52
N THR B 23 33.81 11.96 6.52
CA THR B 23 35.09 12.02 5.83
C THR B 23 36.20 12.44 6.79
N ILE B 24 35.90 13.34 7.74
CA ILE B 24 36.89 13.74 8.73
C ILE B 24 37.28 12.55 9.61
N VAL B 25 36.29 11.79 10.08
CA VAL B 25 36.58 10.58 10.85
C VAL B 25 37.48 9.65 10.05
N LYS B 26 37.19 9.45 8.76
CA LYS B 26 38.02 8.56 7.95
C LYS B 26 39.46 9.07 7.86
N GLN B 27 39.63 10.39 7.75
CA GLN B 27 40.98 10.94 7.70
C GLN B 27 41.73 10.72 9.01
N MET B 28 41.03 10.85 10.14
CA MET B 28 41.66 10.56 11.42
C MET B 28 42.20 9.14 11.47
N ARG B 29 41.45 8.19 10.91
CA ARG B 29 41.91 6.81 10.92
C ARG B 29 43.10 6.62 9.99
N ILE B 30 43.08 7.24 8.82
CA ILE B 30 44.24 7.19 7.93
C ILE B 30 45.46 7.79 8.64
N LEU B 31 45.28 8.93 9.29
CA LEU B 31 46.41 9.68 9.84
C LEU B 31 46.96 9.05 11.11
N HIS B 32 46.11 8.57 12.01
CA HIS B 32 46.56 8.18 13.33
C HIS B 32 46.14 6.77 13.74
N VAL B 33 45.55 5.98 12.83
CA VAL B 33 45.27 4.58 13.09
C VAL B 33 45.69 3.79 11.85
N ASN B 34 44.87 2.83 11.42
CA ASN B 34 45.19 1.98 10.29
C ASN B 34 44.34 2.28 9.05
N GLY B 35 43.67 3.44 9.04
CA GLY B 35 42.91 3.84 7.87
C GLY B 35 41.83 2.84 7.51
N PHE B 36 41.70 2.59 6.21
CA PHE B 36 40.71 1.66 5.67
C PHE B 36 41.17 0.20 5.72
N ASN B 37 42.07 -0.14 6.63
CA ASN B 37 42.62 -1.50 6.77
C ASN B 37 43.35 -1.93 5.51
N LYS B 45 33.87 -3.06 0.59
CA LYS B 45 33.81 -1.64 0.29
C LYS B 45 33.80 -1.40 -1.20
N VAL B 46 34.28 -2.39 -1.96
CA VAL B 46 34.17 -2.33 -3.42
C VAL B 46 32.72 -2.13 -3.82
N GLN B 47 31.81 -2.83 -3.15
CA GLN B 47 30.39 -2.71 -3.46
C GLN B 47 29.87 -1.31 -3.15
N ASP B 48 30.39 -0.67 -2.09
CA ASP B 48 29.98 0.69 -1.79
C ASP B 48 30.39 1.63 -2.91
N ILE B 49 31.57 1.42 -3.48
CA ILE B 49 32.01 2.29 -4.57
C ILE B 49 31.15 2.09 -5.80
N LYS B 50 30.80 0.83 -6.11
CA LYS B 50 29.95 0.57 -7.27
C LYS B 50 28.56 1.16 -7.08
N ASN B 51 28.01 1.06 -5.86
CA ASN B 51 26.70 1.63 -5.61
C ASN B 51 26.69 3.14 -5.79
N ASN B 52 27.75 3.82 -5.34
CA ASN B 52 27.87 5.26 -5.58
C ASN B 52 27.92 5.56 -7.08
N LEU B 53 28.74 4.82 -7.82
CA LEU B 53 28.79 4.98 -9.26
C LEU B 53 27.40 4.84 -9.88
N LYS B 54 26.65 3.83 -9.45
CA LYS B 54 25.32 3.61 -10.00
C LYS B 54 24.38 4.73 -9.62
N GLU B 55 24.42 5.17 -8.35
CA GLU B 55 23.57 6.27 -7.92
C GLU B 55 23.87 7.52 -8.74
N ALA B 56 25.15 7.82 -8.97
CA ALA B 56 25.52 9.03 -9.69
C ALA B 56 24.92 9.03 -11.08
N ILE B 57 25.21 8.00 -11.87
CA ILE B 57 24.79 7.99 -13.26
C ILE B 57 23.27 7.95 -13.37
N GLU B 58 22.60 7.16 -12.51
CA GLU B 58 21.15 7.06 -12.62
C GLU B 58 20.46 8.31 -12.10
N THR B 59 21.05 8.99 -11.12
CA THR B 59 20.50 10.26 -10.65
C THR B 59 20.56 11.31 -11.75
N ILE B 60 21.71 11.43 -12.42
CA ILE B 60 21.85 12.43 -13.48
C ILE B 60 20.90 12.12 -14.62
N VAL B 61 20.85 10.85 -15.04
CA VAL B 61 20.01 10.49 -16.19
C VAL B 61 18.54 10.74 -15.89
N ALA B 62 18.09 10.34 -14.70
CA ALA B 62 16.69 10.55 -14.30
C ALA B 62 16.34 12.04 -14.18
N ALA B 63 17.33 12.88 -13.85
CA ALA B 63 17.05 14.30 -13.68
C ALA B 63 16.88 15.04 -15.01
N MET B 64 17.32 14.47 -16.13
CA MET B 64 17.31 15.21 -17.39
C MET B 64 15.91 15.67 -17.76
N SER B 65 14.93 14.76 -17.72
CA SER B 65 13.57 15.13 -18.09
C SER B 65 12.89 16.01 -17.03
N ASN B 66 13.34 15.95 -15.77
CA ASN B 66 12.66 16.68 -14.71
C ASN B 66 13.20 18.09 -14.49
N LEU B 67 14.30 18.45 -15.13
CA LEU B 67 14.79 19.82 -15.05
C LEU B 67 13.88 20.77 -15.82
N VAL B 68 13.93 22.04 -15.45
CA VAL B 68 13.17 23.09 -16.13
C VAL B 68 14.14 24.12 -16.68
N PRO B 69 14.39 24.15 -18.00
CA PRO B 69 13.81 23.25 -19.01
C PRO B 69 14.47 21.89 -19.01
N PRO B 70 13.80 20.87 -19.55
CA PRO B 70 14.42 19.56 -19.66
C PRO B 70 15.66 19.61 -20.54
N VAL B 71 16.57 18.67 -20.27
CA VAL B 71 17.82 18.53 -21.01
C VAL B 71 17.72 17.27 -21.85
N GLU B 72 18.07 17.38 -23.12
CA GLU B 72 18.00 16.24 -24.04
C GLU B 72 19.39 15.63 -24.22
N LEU B 73 19.40 14.39 -24.69
CA LEU B 73 20.66 13.74 -25.03
C LEU B 73 21.35 14.51 -26.15
N ALA B 74 22.69 14.58 -26.07
CA ALA B 74 23.44 15.14 -27.19
C ALA B 74 23.48 14.20 -28.37
N ASN B 75 23.35 12.90 -28.11
CA ASN B 75 23.31 11.88 -29.15
C ASN B 75 22.06 11.04 -28.92
N PRO B 76 21.00 11.25 -29.71
CA PRO B 76 19.77 10.46 -29.52
C PRO B 76 19.99 8.97 -29.76
N GLU B 77 21.13 8.58 -30.32
CA GLU B 77 21.52 7.18 -30.42
C GLU B 77 21.72 6.55 -29.05
N ASN B 78 21.97 7.35 -28.01
CA ASN B 78 22.15 6.85 -26.66
C ASN B 78 20.84 6.63 -25.90
N GLN B 79 19.70 6.78 -26.57
CA GLN B 79 18.42 6.67 -25.88
C GLN B 79 18.25 5.30 -25.24
N PHE B 80 18.64 4.23 -25.93
CA PHE B 80 18.54 2.90 -25.35
C PHE B 80 19.46 2.72 -24.16
N ARG B 81 20.53 3.52 -24.09
CA ARG B 81 21.36 3.50 -22.89
C ARG B 81 20.64 4.14 -21.72
N VAL B 82 19.88 5.21 -21.98
CA VAL B 82 19.05 5.82 -20.95
C VAL B 82 18.01 4.84 -20.44
N ASP B 83 17.38 4.09 -21.36
CA ASP B 83 16.32 3.16 -20.97
C ASP B 83 16.86 2.05 -20.08
N TYR B 84 18.05 1.53 -20.39
CA TYR B 84 18.65 0.52 -19.54
C TYR B 84 18.96 1.07 -18.16
N ILE B 85 19.50 2.28 -18.08
CA ILE B 85 19.88 2.85 -16.78
C ILE B 85 18.65 3.06 -15.90
N LEU B 86 17.57 3.60 -16.49
CA LEU B 86 16.34 3.80 -15.72
C LEU B 86 15.69 2.47 -15.33
N SER B 87 15.85 1.43 -16.15
CA SER B 87 15.21 0.16 -15.85
C SER B 87 15.83 -0.52 -14.63
N VAL B 88 17.15 -0.42 -14.48
CA VAL B 88 17.83 -1.04 -13.35
C VAL B 88 18.01 -0.07 -12.19
N MET B 89 17.30 1.05 -12.20
CA MET B 89 17.53 2.09 -11.19
C MET B 89 17.26 1.58 -9.79
N ASN B 90 16.19 0.80 -9.62
CA ASN B 90 15.75 0.34 -8.30
C ASN B 90 15.74 -1.18 -8.17
N VAL B 91 16.42 -1.90 -9.05
CA VAL B 91 16.38 -3.36 -8.96
C VAL B 91 17.11 -3.80 -7.69
N PRO B 92 16.56 -4.72 -6.91
CA PRO B 92 17.27 -5.21 -5.73
C PRO B 92 18.39 -6.16 -6.10
N ASP B 93 19.52 -6.03 -5.39
CA ASP B 93 20.67 -6.92 -5.53
C ASP B 93 21.24 -6.87 -6.95
N PHE B 94 21.60 -5.66 -7.38
CA PHE B 94 22.12 -5.48 -8.72
C PHE B 94 23.47 -6.16 -8.87
N ASP B 95 23.65 -6.84 -10.01
CA ASP B 95 24.86 -7.63 -10.23
C ASP B 95 25.97 -6.86 -10.93
N PHE B 96 25.69 -5.67 -11.45
CA PHE B 96 26.68 -4.85 -12.14
C PHE B 96 27.36 -5.61 -13.29
N PRO B 97 26.61 -5.98 -14.32
CA PRO B 97 27.22 -6.68 -15.46
C PRO B 97 27.97 -5.71 -16.35
N PRO B 98 28.79 -6.21 -17.28
CA PRO B 98 29.61 -5.29 -18.10
C PRO B 98 28.82 -4.25 -18.87
N GLU B 99 27.57 -4.55 -19.27
CA GLU B 99 26.81 -3.56 -20.04
C GLU B 99 26.47 -2.33 -19.23
N PHE B 100 26.31 -2.47 -17.91
CA PHE B 100 26.07 -1.29 -17.08
C PHE B 100 27.21 -0.30 -17.20
N TYR B 101 28.45 -0.79 -17.13
CA TYR B 101 29.60 0.10 -17.23
C TYR B 101 29.71 0.70 -18.63
N GLU B 102 29.42 -0.10 -19.66
CA GLU B 102 29.42 0.43 -21.02
C GLU B 102 28.39 1.55 -21.17
N HIS B 103 27.18 1.33 -20.67
CA HIS B 103 26.15 2.35 -20.81
C HIS B 103 26.44 3.56 -19.93
N ALA B 104 26.95 3.34 -18.72
CA ALA B 104 27.29 4.46 -17.85
C ALA B 104 28.39 5.31 -18.47
N LYS B 105 29.44 4.67 -18.97
CA LYS B 105 30.54 5.40 -19.58
C LYS B 105 30.08 6.15 -20.82
N ALA B 106 29.35 5.48 -21.71
CA ALA B 106 28.89 6.11 -22.93
C ALA B 106 27.93 7.25 -22.64
N LEU B 107 27.14 7.13 -21.57
CA LEU B 107 26.27 8.24 -21.19
C LEU B 107 27.06 9.37 -20.57
N TRP B 108 28.12 9.04 -19.82
CA TRP B 108 28.96 10.08 -19.24
C TRP B 108 29.69 10.88 -20.31
N GLU B 109 29.97 10.27 -21.45
CA GLU B 109 30.57 10.98 -22.57
C GLU B 109 29.55 11.68 -23.46
N ASP B 110 28.28 11.67 -23.08
CA ASP B 110 27.25 12.38 -23.84
C ASP B 110 27.18 13.81 -23.34
N GLU B 111 27.35 14.77 -24.25
CA GLU B 111 27.38 16.18 -23.87
C GLU B 111 26.09 16.61 -23.19
N GLY B 112 24.95 16.03 -23.59
CA GLY B 112 23.71 16.35 -22.92
C GLY B 112 23.67 15.87 -21.49
N VAL B 113 24.20 14.67 -21.25
CA VAL B 113 24.28 14.18 -19.87
C VAL B 113 25.15 15.09 -19.03
N ARG B 114 26.24 15.58 -19.62
CA ARG B 114 27.10 16.54 -18.92
C ARG B 114 26.35 17.83 -18.63
N ALA B 115 25.55 18.31 -19.59
CA ALA B 115 24.77 19.52 -19.35
C ALA B 115 23.84 19.36 -18.17
N CYS B 116 23.30 18.15 -17.98
CA CYS B 116 22.47 17.90 -16.81
C CYS B 116 23.32 17.83 -15.54
N TYR B 117 24.49 17.18 -15.63
CA TYR B 117 25.39 17.17 -14.48
C TYR B 117 25.76 18.58 -14.05
N GLU B 118 25.93 19.49 -15.02
CA GLU B 118 26.26 20.87 -14.71
C GLU B 118 25.16 21.56 -13.92
N ARG B 119 23.91 21.14 -14.07
CA ARG B 119 22.80 21.72 -13.33
C ARG B 119 22.43 20.89 -12.11
N SER B 120 23.41 20.22 -11.49
CA SER B 120 23.09 19.29 -10.41
C SER B 120 22.60 20.00 -9.15
N ASN B 121 22.87 21.30 -9.01
CA ASN B 121 22.32 22.03 -7.87
C ASN B 121 20.80 22.14 -7.94
N GLU B 122 20.21 21.84 -9.09
CA GLU B 122 18.75 21.85 -9.23
C GLU B 122 18.10 20.52 -8.82
N TYR B 123 18.89 19.49 -8.55
CA TYR B 123 18.36 18.25 -7.98
C TYR B 123 19.33 17.80 -6.89
N GLN B 124 19.23 16.56 -6.45
CA GLN B 124 20.05 16.06 -5.36
C GLN B 124 21.03 15.02 -5.89
N LEU B 125 22.32 15.35 -5.85
CA LEU B 125 23.34 14.49 -6.41
C LEU B 125 24.46 14.30 -5.40
N ILE B 126 24.91 13.05 -5.25
CA ILE B 126 26.03 12.81 -4.35
C ILE B 126 27.28 13.54 -4.85
N ASP B 127 28.16 13.89 -3.91
CA ASP B 127 29.35 14.66 -4.25
C ASP B 127 30.31 13.89 -5.13
N CYS B 128 30.38 12.57 -4.96
CA CYS B 128 31.39 11.76 -5.63
C CYS B 128 31.05 11.44 -7.08
N ALA B 129 30.09 12.15 -7.67
CA ALA B 129 29.59 11.80 -9.01
C ALA B 129 30.68 11.84 -10.06
N GLN B 130 31.23 13.02 -10.35
CA GLN B 130 32.21 13.13 -11.42
C GLN B 130 33.43 12.28 -11.16
N TYR B 131 33.87 12.21 -9.90
CA TYR B 131 35.09 11.47 -9.57
C TYR B 131 34.97 9.99 -9.96
N PHE B 132 33.86 9.37 -9.62
CA PHE B 132 33.74 7.93 -9.90
C PHE B 132 33.38 7.69 -11.37
N LEU B 133 32.57 8.58 -11.95
CA LEU B 133 32.18 8.43 -13.35
C LEU B 133 33.39 8.53 -14.28
N ASP B 134 34.36 9.39 -13.93
CA ASP B 134 35.62 9.44 -14.65
C ASP B 134 36.50 8.21 -14.40
N LYS B 135 36.10 7.33 -13.48
CA LYS B 135 36.89 6.15 -13.11
C LYS B 135 36.19 4.83 -13.45
N ILE B 136 35.15 4.85 -14.29
CA ILE B 136 34.34 3.67 -14.54
C ILE B 136 35.21 2.48 -14.93
N ASP B 137 36.24 2.71 -15.74
CA ASP B 137 37.05 1.59 -16.24
C ASP B 137 38.00 1.02 -15.21
N VAL B 138 38.37 1.79 -14.19
CA VAL B 138 39.15 1.22 -13.10
C VAL B 138 38.23 0.44 -12.16
N ILE B 139 37.01 0.96 -11.94
CA ILE B 139 36.09 0.31 -11.01
C ILE B 139 35.60 -1.01 -11.58
N LYS B 140 35.34 -1.06 -12.89
CA LYS B 140 34.76 -2.24 -13.50
C LYS B 140 35.70 -3.43 -13.54
N GLN B 141 36.98 -3.25 -13.20
CA GLN B 141 37.92 -4.36 -13.25
C GLN B 141 37.67 -5.34 -12.12
N ALA B 142 37.69 -6.64 -12.44
CA ALA B 142 37.48 -7.66 -11.42
C ALA B 142 38.52 -7.59 -10.31
N ASP B 143 39.75 -7.17 -10.65
CA ASP B 143 40.82 -7.03 -9.67
C ASP B 143 40.79 -5.69 -8.95
N TYR B 144 39.78 -4.86 -9.19
CA TYR B 144 39.74 -3.51 -8.62
C TYR B 144 39.85 -3.58 -7.10
N VAL B 145 40.82 -2.84 -6.56
CA VAL B 145 40.96 -2.64 -5.13
C VAL B 145 40.83 -1.15 -4.89
N PRO B 146 39.95 -0.71 -3.99
CA PRO B 146 39.73 0.73 -3.81
C PRO B 146 40.96 1.45 -3.25
N SER B 147 41.27 2.60 -3.84
CA SER B 147 42.26 3.48 -3.26
C SER B 147 41.69 4.16 -2.01
N ASP B 148 42.59 4.70 -1.18
CA ASP B 148 42.15 5.45 -0.01
C ASP B 148 41.30 6.65 -0.42
N GLN B 149 41.69 7.31 -1.52
CA GLN B 149 40.90 8.44 -2.00
C GLN B 149 39.51 7.99 -2.46
N ASP B 150 39.43 6.83 -3.12
CA ASP B 150 38.12 6.28 -3.51
C ASP B 150 37.22 6.10 -2.29
N LEU B 151 37.79 5.57 -1.21
CA LEU B 151 37.00 5.34 0.00
C LEU B 151 36.68 6.62 0.74
N LEU B 152 37.58 7.61 0.69
CA LEU B 152 37.26 8.92 1.27
C LEU B 152 36.14 9.59 0.50
N ARG B 153 36.16 9.49 -0.83
CA ARG B 153 35.11 10.11 -1.62
C ARG B 153 33.85 9.28 -1.65
N CYS B 154 33.94 8.01 -1.26
CA CYS B 154 32.77 7.14 -1.21
C CYS B 154 31.84 7.60 -0.10
N ARG B 155 30.63 8.02 -0.46
CA ARG B 155 29.62 8.35 0.53
C ARG B 155 28.84 7.10 0.90
N VAL B 156 28.91 6.71 2.16
CA VAL B 156 28.06 5.66 2.70
C VAL B 156 27.30 6.27 3.87
N LEU B 157 25.98 6.10 3.86
CA LEU B 157 25.16 6.58 4.96
C LEU B 157 25.54 5.87 6.26
N THR B 158 26.13 6.61 7.19
CA THR B 158 26.43 6.04 8.50
C THR B 158 25.13 5.73 9.23
N SER B 159 25.02 4.50 9.71
CA SER B 159 23.91 4.11 10.56
C SER B 159 24.42 4.10 12.00
N GLY B 160 23.96 5.03 12.81
CA GLY B 160 24.42 5.13 14.18
C GLY B 160 25.60 6.07 14.36
N ILE B 161 26.43 5.81 15.37
CA ILE B 161 27.55 6.69 15.67
C ILE B 161 28.75 6.27 14.82
N PHE B 162 29.41 7.26 14.23
CA PHE B 162 30.62 7.04 13.44
C PHE B 162 31.76 7.69 14.21
N GLU B 163 32.72 6.88 14.63
CA GLU B 163 33.66 7.35 15.63
C GLU B 163 35.03 6.73 15.40
N THR B 164 36.03 7.40 15.96
CA THR B 164 37.40 6.90 15.99
C THR B 164 38.03 7.34 17.29
N LYS B 165 38.71 6.40 17.95
CA LYS B 165 39.56 6.68 19.10
C LYS B 165 41.01 6.55 18.65
N PHE B 166 41.85 7.52 19.01
CA PHE B 166 43.24 7.46 18.61
C PHE B 166 44.09 8.29 19.56
N GLN B 167 45.40 8.10 19.45
CA GLN B 167 46.38 8.71 20.34
C GLN B 167 47.44 9.42 19.50
N VAL B 168 47.71 10.68 19.83
CA VAL B 168 48.75 11.47 19.16
C VAL B 168 49.63 12.07 20.24
N ASP B 169 50.84 11.53 20.38
CA ASP B 169 51.82 11.99 21.36
C ASP B 169 51.21 12.12 22.76
N LYS B 170 50.78 10.97 23.29
CA LYS B 170 50.26 10.84 24.65
C LYS B 170 49.01 11.68 24.90
N VAL B 171 48.24 11.99 23.86
CA VAL B 171 46.97 12.69 24.00
C VAL B 171 45.91 11.80 23.36
N ASN B 172 45.00 11.26 24.18
CA ASN B 172 43.92 10.43 23.67
C ASN B 172 42.81 11.29 23.08
N PHE B 173 42.32 10.88 21.92
CA PHE B 173 41.23 11.59 21.25
C PHE B 173 40.10 10.63 20.94
N HIS B 174 38.87 11.11 21.11
CA HIS B 174 37.67 10.37 20.72
C HIS B 174 36.83 11.31 19.86
N MET B 175 36.89 11.11 18.54
CA MET B 175 36.16 11.95 17.60
C MET B 175 34.95 11.16 17.09
N PHE B 176 33.76 11.72 17.27
CA PHE B 176 32.56 10.99 16.89
C PHE B 176 31.59 11.90 16.16
N ASP B 177 30.85 11.30 15.24
CA ASP B 177 29.86 11.99 14.42
C ASP B 177 28.50 11.36 14.72
N VAL B 178 27.49 12.20 14.95
CA VAL B 178 26.15 11.74 15.26
C VAL B 178 25.19 11.94 14.10
N GLY B 179 25.72 12.17 12.89
CA GLY B 179 24.88 12.41 11.73
C GLY B 179 23.92 11.26 11.43
N GLY B 180 24.31 10.04 11.76
CA GLY B 180 23.44 8.92 11.49
C GLY B 180 22.68 8.44 12.71
N GLN B 181 22.54 9.30 13.72
CA GLN B 181 21.88 8.91 14.95
C GLN B 181 20.55 9.64 15.10
N ARG B 182 19.57 8.96 15.67
CA ARG B 182 18.32 9.58 16.07
C ARG B 182 18.12 9.27 17.54
N ASP B 183 17.36 10.14 18.21
CA ASP B 183 17.21 10.01 19.64
C ASP B 183 15.88 10.62 20.04
N GLU B 184 15.43 10.30 21.24
CA GLU B 184 14.27 11.00 21.77
C GLU B 184 14.62 12.46 21.98
N ARG B 185 13.63 13.33 21.72
CA ARG B 185 13.82 14.77 21.80
C ARG B 185 14.45 15.20 23.13
N ARG B 186 13.98 14.63 24.23
CA ARG B 186 14.46 15.04 25.55
C ARG B 186 15.81 14.43 25.90
N LYS B 187 16.28 13.44 25.15
CA LYS B 187 17.57 12.82 25.41
C LYS B 187 18.68 13.36 24.52
N TRP B 188 18.35 14.10 23.46
CA TRP B 188 19.36 14.53 22.51
C TRP B 188 20.45 15.36 23.18
N ILE B 189 20.09 16.19 24.15
CA ILE B 189 21.09 17.00 24.84
C ILE B 189 22.20 16.15 25.44
N GLN B 190 21.94 14.88 25.74
CA GLN B 190 22.98 14.06 26.37
C GLN B 190 24.15 13.77 25.44
N CYS B 191 23.99 13.95 24.13
CA CYS B 191 25.10 13.69 23.23
C CYS B 191 26.25 14.67 23.42
N PHE B 192 26.05 15.75 24.17
CA PHE B 192 27.10 16.70 24.44
C PHE B 192 27.84 16.42 25.74
N ASN B 193 27.49 15.34 26.45
CA ASN B 193 28.14 15.04 27.72
C ASN B 193 29.64 14.82 27.53
N ASP B 194 30.43 15.50 28.36
CA ASP B 194 31.88 15.30 28.42
C ASP B 194 32.58 15.66 27.12
N VAL B 195 31.99 16.53 26.31
CA VAL B 195 32.60 16.91 25.04
C VAL B 195 33.63 18.02 25.28
N THR B 196 34.85 17.79 24.80
CA THR B 196 35.90 18.80 24.89
C THR B 196 35.68 19.94 23.91
N ALA B 197 35.42 19.62 22.64
CA ALA B 197 35.15 20.63 21.64
C ALA B 197 34.19 20.08 20.61
N ILE B 198 33.39 20.98 20.03
CA ILE B 198 32.56 20.66 18.87
C ILE B 198 33.33 21.06 17.63
N ILE B 199 33.42 20.15 16.67
CA ILE B 199 33.97 20.46 15.36
C ILE B 199 32.77 20.61 14.44
N PHE B 200 32.45 21.84 14.06
CA PHE B 200 31.29 22.09 13.23
C PHE B 200 31.74 22.16 11.78
N VAL B 201 31.21 21.26 10.96
CA VAL B 201 31.62 21.10 9.58
C VAL B 201 30.59 21.76 8.68
N VAL B 202 31.06 22.56 7.74
CA VAL B 202 30.23 23.27 6.77
C VAL B 202 30.70 22.90 5.39
N ALA B 203 29.76 22.57 4.50
CA ALA B 203 30.07 22.39 3.08
C ALA B 203 30.04 23.78 2.45
N SER B 204 31.21 24.43 2.39
CA SER B 204 31.25 25.81 1.94
C SER B 204 30.72 25.95 0.52
N SER B 205 30.88 24.92 -0.29
CA SER B 205 30.54 24.96 -1.70
C SER B 205 29.05 24.83 -1.98
N SER B 206 28.25 24.51 -0.96
CA SER B 206 26.85 24.20 -1.20
C SER B 206 25.94 25.41 -1.04
N TYR B 207 26.47 26.61 -1.28
CA TYR B 207 25.64 27.81 -1.18
C TYR B 207 24.54 27.85 -2.23
N ASN B 208 24.68 27.10 -3.33
CA ASN B 208 23.68 27.10 -4.39
C ASN B 208 22.80 25.86 -4.37
N MET B 209 22.80 25.11 -3.28
CA MET B 209 22.05 23.87 -3.17
C MET B 209 21.04 23.95 -2.04
N VAL B 210 20.10 23.01 -2.03
CA VAL B 210 19.11 22.92 -0.97
C VAL B 210 19.25 21.58 -0.28
N ILE B 211 18.85 21.53 1.00
CA ILE B 211 19.01 20.31 1.79
C ILE B 211 18.04 19.24 1.27
N ARG B 212 18.44 17.98 1.45
CA ARG B 212 17.58 16.87 1.03
C ARG B 212 16.30 16.80 1.86
N GLU B 213 16.36 17.24 3.12
CA GLU B 213 15.27 17.01 4.05
C GLU B 213 13.96 17.67 3.60
N ASP B 214 14.04 18.86 3.00
CA ASP B 214 12.84 19.50 2.48
C ASP B 214 13.00 20.03 1.06
N ASN B 215 14.18 19.87 0.45
CA ASN B 215 14.44 20.34 -0.92
C ASN B 215 14.07 21.81 -1.07
N GLN B 216 14.25 22.59 -0.01
CA GLN B 216 13.79 23.99 -0.01
C GLN B 216 14.81 24.88 0.69
N THR B 217 15.18 24.51 1.92
CA THR B 217 16.13 25.30 2.69
C THR B 217 17.49 25.27 2.02
N ASN B 218 18.05 26.45 1.76
CA ASN B 218 19.39 26.53 1.20
C ASN B 218 20.39 25.83 2.12
N ARG B 219 21.31 25.07 1.52
CA ARG B 219 22.22 24.25 2.33
C ARG B 219 23.11 25.09 3.22
N LEU B 220 23.64 26.20 2.71
CA LEU B 220 24.51 27.02 3.53
C LEU B 220 23.73 27.70 4.66
N GLN B 221 22.53 28.20 4.35
CA GLN B 221 21.68 28.77 5.39
C GLN B 221 21.33 27.75 6.45
N GLU B 222 21.11 26.50 6.04
CA GLU B 222 20.88 25.44 7.01
C GLU B 222 22.08 25.28 7.93
N ALA B 223 23.29 25.29 7.37
CA ALA B 223 24.49 25.19 8.19
C ALA B 223 24.60 26.36 9.15
N LEU B 224 24.26 27.56 8.68
CA LEU B 224 24.28 28.74 9.55
C LEU B 224 23.26 28.61 10.67
N ASN B 225 22.04 28.18 10.34
CA ASN B 225 20.99 28.02 11.34
C ASN B 225 21.38 26.95 12.37
N LEU B 226 21.93 25.83 11.93
CA LEU B 226 22.43 24.83 12.87
C LEU B 226 23.50 25.42 13.77
N PHE B 227 24.42 26.20 13.19
CA PHE B 227 25.46 26.84 13.97
C PHE B 227 24.86 27.83 14.96
N LYS B 228 23.84 28.58 14.55
CA LYS B 228 23.16 29.49 15.47
C LYS B 228 22.59 28.73 16.66
N SER B 229 21.90 27.61 16.40
CA SER B 229 21.26 26.86 17.49
C SER B 229 22.30 26.35 18.49
N ILE B 230 23.47 25.93 18.00
CA ILE B 230 24.52 25.45 18.90
C ILE B 230 25.14 26.61 19.65
N TRP B 231 25.53 27.67 18.93
CA TRP B 231 26.30 28.74 19.56
C TRP B 231 25.48 29.50 20.59
N ASN B 232 24.19 29.68 20.33
CA ASN B 232 23.32 30.43 21.23
C ASN B 232 22.71 29.55 22.31
N ASN B 233 23.07 28.28 22.39
CA ASN B 233 22.62 27.42 23.47
C ASN B 233 23.49 27.72 24.69
N ARG B 234 22.90 28.34 25.70
CA ARG B 234 23.68 28.80 26.85
C ARG B 234 24.38 27.65 27.56
N TRP B 235 23.79 26.46 27.53
CA TRP B 235 24.38 25.29 28.18
C TRP B 235 25.61 24.76 27.45
N LEU B 236 25.79 25.13 26.18
CA LEU B 236 26.93 24.69 25.40
C LEU B 236 28.03 25.73 25.31
N ARG B 237 27.87 26.88 25.98
CA ARG B 237 28.87 27.94 25.90
C ARG B 237 30.20 27.53 26.52
N THR B 238 30.20 26.48 27.34
CA THR B 238 31.45 25.97 27.90
C THR B 238 32.20 25.07 26.94
N ILE B 239 31.62 24.75 25.79
CA ILE B 239 32.23 23.87 24.81
C ILE B 239 32.78 24.73 23.69
N SER B 240 34.09 24.64 23.46
CA SER B 240 34.70 25.36 22.36
C SER B 240 34.17 24.83 21.03
N VAL B 241 34.10 25.71 20.04
CA VAL B 241 33.64 25.35 18.71
C VAL B 241 34.79 25.57 17.74
N ILE B 242 35.15 24.51 17.03
CA ILE B 242 36.10 24.60 15.93
C ILE B 242 35.30 24.53 14.63
N LEU B 243 35.45 25.53 13.79
CA LEU B 243 34.67 25.65 12.56
C LEU B 243 35.52 25.20 11.38
N PHE B 244 35.12 24.10 10.75
CA PHE B 244 35.72 23.62 9.51
C PHE B 244 34.86 24.14 8.35
N LEU B 245 35.38 25.11 7.62
CA LEU B 245 34.74 25.54 6.37
C LEU B 245 35.24 24.62 5.27
N ASN B 246 34.57 23.49 5.13
CA ASN B 246 35.02 22.35 4.35
C ASN B 246 34.69 22.55 2.86
N LYS B 247 35.20 21.62 2.04
CA LYS B 247 34.95 21.59 0.60
C LYS B 247 35.48 22.85 -0.08
N GLN B 248 36.63 23.32 0.39
CA GLN B 248 37.28 24.48 -0.22
C GLN B 248 37.60 24.23 -1.68
N ASP B 249 38.00 23.00 -2.02
CA ASP B 249 38.26 22.67 -3.41
C ASP B 249 37.02 22.87 -4.27
N LEU B 250 35.88 22.37 -3.81
CA LEU B 250 34.64 22.57 -4.57
C LEU B 250 34.21 24.02 -4.58
N LEU B 251 34.51 24.76 -3.51
CA LEU B 251 34.09 26.17 -3.48
C LEU B 251 34.82 26.96 -4.56
N ALA B 252 36.14 26.78 -4.64
CA ALA B 252 36.92 27.46 -5.67
C ALA B 252 36.39 27.15 -7.07
N GLU B 253 36.15 25.86 -7.35
CA GLU B 253 35.61 25.48 -8.64
C GLU B 253 34.29 26.18 -8.94
N LYS B 254 33.41 26.26 -7.95
CA LYS B 254 32.09 26.82 -8.20
C LYS B 254 32.15 28.33 -8.43
N VAL B 255 32.97 29.04 -7.68
CA VAL B 255 33.01 30.49 -7.85
C VAL B 255 33.74 30.84 -9.14
N LEU B 256 34.81 30.10 -9.47
CA LEU B 256 35.53 30.37 -10.71
C LEU B 256 34.66 30.09 -11.94
N ALA B 257 33.84 29.03 -11.88
CA ALA B 257 33.00 28.70 -13.03
C ALA B 257 31.94 29.77 -13.28
N GLY B 258 31.51 30.48 -12.24
CA GLY B 258 30.60 31.60 -12.41
C GLY B 258 29.20 31.19 -12.81
N LYS B 259 28.91 29.89 -12.82
CA LYS B 259 27.58 29.44 -13.21
C LYS B 259 26.55 29.81 -12.16
N SER B 260 26.90 29.65 -10.88
CA SER B 260 26.05 30.01 -9.76
C SER B 260 26.80 31.05 -8.94
N LYS B 261 26.39 32.30 -9.05
CA LYS B 261 27.02 33.39 -8.32
C LYS B 261 26.48 33.42 -6.89
N ILE B 262 27.39 33.62 -5.93
CA ILE B 262 26.99 33.61 -4.52
C ILE B 262 25.88 34.63 -4.27
N GLU B 263 25.98 35.80 -4.90
CA GLU B 263 24.99 36.84 -4.61
C GLU B 263 23.60 36.48 -5.10
N ASP B 264 23.48 35.50 -6.01
CA ASP B 264 22.15 35.03 -6.38
C ASP B 264 21.45 34.33 -5.21
N TYR B 265 22.22 33.87 -4.23
CA TYR B 265 21.69 33.15 -3.08
C TYR B 265 21.91 33.88 -1.76
N PHE B 266 22.99 34.63 -1.64
CA PHE B 266 23.26 35.47 -0.48
C PHE B 266 23.52 36.87 -1.02
N PRO B 267 22.47 37.68 -1.16
CA PRO B 267 22.62 38.96 -1.88
C PRO B 267 23.58 39.93 -1.22
N GLU B 268 23.77 39.85 0.10
CA GLU B 268 24.73 40.72 0.78
C GLU B 268 26.16 40.48 0.34
N PHE B 269 26.44 39.42 -0.42
CA PHE B 269 27.80 39.20 -0.91
C PHE B 269 28.24 40.33 -1.83
N ALA B 270 27.30 40.95 -2.53
CA ALA B 270 27.64 42.02 -3.46
C ALA B 270 28.25 43.22 -2.74
N ARG B 271 27.91 43.43 -1.47
CA ARG B 271 28.47 44.51 -0.68
C ARG B 271 29.64 44.04 0.18
N TYR B 272 29.99 42.77 0.14
CA TYR B 272 31.05 42.25 0.99
C TYR B 272 32.42 42.48 0.35
N THR B 273 33.38 42.83 1.18
CA THR B 273 34.76 43.02 0.75
C THR B 273 35.66 42.17 1.65
N THR B 274 36.73 41.66 1.06
CA THR B 274 37.65 40.79 1.78
C THR B 274 38.25 41.55 2.97
N PRO B 275 38.18 41.00 4.18
CA PRO B 275 38.79 41.67 5.32
C PRO B 275 40.31 41.70 5.18
N GLU B 276 40.93 42.58 5.96
CA GLU B 276 42.37 42.76 5.86
C GLU B 276 43.16 41.75 6.67
N ASP B 277 42.52 41.06 7.62
CA ASP B 277 43.18 39.95 8.29
C ASP B 277 43.30 38.72 7.40
N ALA B 278 42.68 38.75 6.21
CA ALA B 278 42.69 37.60 5.33
C ALA B 278 44.12 37.18 4.99
N THR B 279 44.34 35.88 4.91
CA THR B 279 45.64 35.30 4.60
C THR B 279 45.49 34.41 3.36
N PRO B 280 45.27 35.00 2.18
CA PRO B 280 45.01 34.20 0.99
C PRO B 280 46.20 33.34 0.62
N GLU B 281 45.92 32.08 0.27
CA GLU B 281 46.96 31.14 -0.14
C GLU B 281 47.72 31.68 -1.34
N PRO B 282 48.99 31.33 -1.48
CA PRO B 282 49.72 31.69 -2.71
C PRO B 282 49.07 31.06 -3.94
N GLY B 283 48.89 31.88 -4.97
CA GLY B 283 48.18 31.46 -6.18
C GLY B 283 46.68 31.57 -6.11
N GLU B 284 46.11 31.74 -4.91
CA GLU B 284 44.66 31.74 -4.77
C GLU B 284 44.03 32.88 -5.57
N ASP B 285 42.98 32.56 -6.31
CA ASP B 285 42.27 33.58 -7.07
C ASP B 285 41.58 34.54 -6.11
N PRO B 286 41.70 35.85 -6.35
CA PRO B 286 41.08 36.82 -5.43
C PRO B 286 39.57 36.70 -5.32
N ARG B 287 38.88 36.32 -6.40
CA ARG B 287 37.44 36.09 -6.30
C ARG B 287 37.14 34.94 -5.36
N VAL B 288 38.03 33.95 -5.29
CA VAL B 288 37.84 32.82 -4.38
C VAL B 288 38.09 33.26 -2.94
N THR B 289 39.04 34.18 -2.75
CA THR B 289 39.33 34.67 -1.40
C THR B 289 38.13 35.41 -0.83
N ARG B 290 37.55 36.31 -1.60
CA ARG B 290 36.38 37.04 -1.12
C ARG B 290 35.21 36.10 -0.84
N ALA B 291 35.02 35.09 -1.69
CA ALA B 291 33.94 34.12 -1.49
C ALA B 291 34.11 33.35 -0.20
N LYS B 292 35.29 32.76 0.02
CA LYS B 292 35.46 31.89 1.17
C LYS B 292 35.52 32.68 2.46
N TYR B 293 36.04 33.91 2.42
CA TYR B 293 36.01 34.72 3.63
C TYR B 293 34.61 35.24 3.92
N PHE B 294 33.80 35.47 2.89
CA PHE B 294 32.41 35.85 3.13
C PHE B 294 31.68 34.74 3.89
N ILE B 295 31.85 33.50 3.42
CA ILE B 295 31.23 32.35 4.06
C ILE B 295 31.74 32.22 5.49
N ARG B 296 33.07 32.33 5.68
CA ARG B 296 33.61 32.34 7.04
C ARG B 296 32.94 33.40 7.90
N ASP B 297 32.83 34.62 7.39
CA ASP B 297 32.31 35.73 8.19
C ASP B 297 30.82 35.60 8.48
N GLU B 298 30.09 34.83 7.67
CA GLU B 298 28.69 34.56 7.99
C GLU B 298 28.56 33.80 9.30
N PHE B 299 29.49 32.87 9.56
CA PHE B 299 29.48 32.14 10.82
C PHE B 299 30.09 32.98 11.94
N LEU B 300 31.11 33.78 11.63
CA LEU B 300 31.74 34.61 12.66
C LEU B 300 30.80 35.74 13.09
N ARG B 301 29.90 36.15 12.20
CA ARG B 301 28.84 37.09 12.59
C ARG B 301 27.96 36.49 13.68
N ILE B 302 27.68 35.18 13.59
CA ILE B 302 26.86 34.53 14.60
C ILE B 302 27.62 34.43 15.92
N SER B 303 28.88 34.00 15.87
CA SER B 303 29.64 33.72 17.08
C SER B 303 30.15 34.96 17.79
N THR B 304 30.11 36.14 17.16
CA THR B 304 30.45 37.38 17.84
C THR B 304 29.24 38.10 18.41
N ALA B 305 28.04 37.82 17.88
CA ALA B 305 26.82 38.40 18.41
C ALA B 305 26.37 37.77 19.72
N SER B 306 26.93 36.62 20.09
CA SER B 306 26.57 35.90 21.31
C SER B 306 27.78 35.75 22.22
N GLY B 307 27.51 35.35 23.46
CA GLY B 307 28.55 35.18 24.46
C GLY B 307 28.99 36.49 25.09
N TYR B 312 34.72 30.72 22.36
CA TYR B 312 35.40 31.27 21.21
C TYR B 312 35.38 30.26 20.05
N CYS B 313 35.26 30.77 18.83
CA CYS B 313 35.14 29.95 17.62
C CYS B 313 36.40 30.07 16.78
N TYR B 314 37.00 28.93 16.44
CA TYR B 314 38.25 28.89 15.68
C TYR B 314 38.00 28.39 14.26
N PRO B 315 37.99 29.27 13.27
CA PRO B 315 37.70 28.84 11.89
C PRO B 315 38.91 28.25 11.19
N HIS B 316 38.62 27.31 10.29
CA HIS B 316 39.63 26.67 9.45
C HIS B 316 39.03 26.40 8.09
N PHE B 317 39.77 26.74 7.04
CA PHE B 317 39.43 26.33 5.69
C PHE B 317 39.99 24.93 5.46
N THR B 318 39.13 23.98 5.13
CA THR B 318 39.54 22.59 5.02
C THR B 318 39.05 21.99 3.70
N CYS B 319 39.70 20.89 3.34
CA CYS B 319 39.24 20.02 2.26
C CYS B 319 39.36 18.61 2.83
N ALA B 320 38.23 18.03 3.23
CA ALA B 320 38.27 16.80 4.02
C ALA B 320 38.77 15.60 3.24
N VAL B 321 38.70 15.63 1.90
CA VAL B 321 39.25 14.52 1.12
C VAL B 321 40.74 14.66 0.88
N ASP B 322 41.36 15.74 1.35
CA ASP B 322 42.80 15.96 1.22
C ASP B 322 43.45 15.64 2.55
N THR B 323 44.09 14.47 2.62
CA THR B 323 44.72 14.02 3.86
C THR B 323 45.71 15.06 4.40
N GLU B 324 46.52 15.67 3.52
CA GLU B 324 47.53 16.59 4.00
C GLU B 324 46.90 17.87 4.55
N ASN B 325 45.84 18.36 3.90
CA ASN B 325 45.13 19.51 4.44
C ASN B 325 44.56 19.21 5.82
N ILE B 326 44.02 18.01 6.00
CA ILE B 326 43.39 17.67 7.28
C ILE B 326 44.44 17.45 8.36
N ARG B 327 45.56 16.81 8.01
CA ARG B 327 46.64 16.66 8.98
C ARG B 327 47.10 18.00 9.52
N ARG B 328 47.34 18.96 8.63
CA ARG B 328 47.78 20.29 9.04
C ARG B 328 46.72 20.99 9.87
N VAL B 329 45.46 20.95 9.42
CA VAL B 329 44.39 21.61 10.16
C VAL B 329 44.22 20.97 11.53
N PHE B 330 44.30 19.64 11.61
CA PHE B 330 44.05 18.97 12.88
C PHE B 330 45.17 19.25 13.88
N ASN B 331 46.41 19.36 13.40
CA ASN B 331 47.50 19.75 14.29
C ASN B 331 47.26 21.14 14.87
N ASP B 332 46.71 22.05 14.07
CA ASP B 332 46.28 23.34 14.59
C ASP B 332 45.17 23.16 15.63
N CYS B 333 44.28 22.19 15.40
CA CYS B 333 43.22 21.90 16.37
C CYS B 333 43.81 21.36 17.67
N ARG B 334 44.77 20.45 17.58
CA ARG B 334 45.38 19.91 18.79
C ARG B 334 46.07 21.00 19.58
N ASP B 335 46.66 21.98 18.89
CA ASP B 335 47.21 23.14 19.59
C ASP B 335 46.11 23.89 20.34
N ILE B 336 44.99 24.14 19.67
CA ILE B 336 43.86 24.84 20.30
C ILE B 336 43.38 24.07 21.52
N ILE B 337 43.23 22.75 21.37
CA ILE B 337 42.77 21.91 22.47
C ILE B 337 43.80 21.89 23.59
N GLN B 338 45.09 21.81 23.24
CA GLN B 338 46.14 21.77 24.25
C GLN B 338 46.15 23.03 25.11
N ARG B 339 45.97 24.19 24.48
CA ARG B 339 46.04 25.45 25.21
C ARG B 339 44.89 25.59 26.20
N MET B 340 43.71 25.06 25.84
CA MET B 340 42.57 25.14 26.73
C MET B 340 42.56 24.02 27.77
N HIS B 341 43.29 22.94 27.54
CA HIS B 341 43.28 21.79 28.43
C HIS B 341 43.81 22.14 29.81
N ARG C 6 -9.15 14.39 9.65
CA ARG C 6 -10.29 13.48 9.66
C ARG C 6 -11.21 13.70 8.45
N ALA C 7 -11.03 14.84 7.78
CA ALA C 7 -11.87 15.20 6.64
C ALA C 7 -11.68 14.20 5.49
N THR C 8 -12.78 13.65 5.00
CA THR C 8 -12.77 12.68 3.91
C THR C 8 -13.36 13.30 2.66
N HIS C 9 -12.67 13.15 1.54
CA HIS C 9 -13.15 13.60 0.24
C HIS C 9 -13.37 12.39 -0.66
N ARG C 10 -14.58 12.25 -1.18
CA ARG C 10 -14.91 11.21 -2.14
C ARG C 10 -14.74 11.76 -3.55
N LEU C 11 -13.84 11.17 -4.32
CA LEU C 11 -13.58 11.58 -5.69
C LEU C 11 -14.00 10.45 -6.63
N LEU C 12 -14.98 10.74 -7.48
CA LEU C 12 -15.55 9.77 -8.39
C LEU C 12 -14.88 9.90 -9.77
N LEU C 13 -14.25 8.83 -10.21
CA LEU C 13 -13.69 8.78 -11.56
C LEU C 13 -14.77 8.35 -12.54
N LEU C 14 -14.99 9.17 -13.56
CA LEU C 14 -15.89 8.85 -14.65
C LEU C 14 -15.14 8.95 -15.96
N GLY C 15 -15.69 8.32 -16.97
CA GLY C 15 -15.11 8.31 -18.30
C GLY C 15 -15.41 6.99 -18.97
N ALA C 16 -15.23 6.97 -20.29
CA ALA C 16 -15.55 5.78 -21.06
C ALA C 16 -14.55 4.66 -20.75
N GLY C 17 -14.86 3.46 -21.24
CA GLY C 17 -13.94 2.35 -21.04
C GLY C 17 -12.59 2.65 -21.67
N GLU C 18 -11.53 2.25 -20.96
CA GLU C 18 -10.14 2.39 -21.41
C GLU C 18 -9.68 3.82 -21.49
N SER C 19 -10.29 4.74 -20.73
CA SER C 19 -9.80 6.11 -20.75
C SER C 19 -8.61 6.29 -19.81
N GLY C 20 -8.51 5.49 -18.75
CA GLY C 20 -7.42 5.57 -17.82
C GLY C 20 -7.83 5.66 -16.37
N LYS C 21 -9.09 5.34 -16.07
CA LYS C 21 -9.63 5.58 -14.73
C LYS C 21 -8.95 4.69 -13.70
N SER C 22 -8.91 3.38 -13.96
CA SER C 22 -8.27 2.49 -13.00
C SER C 22 -6.76 2.74 -12.91
N THR C 23 -6.15 3.19 -14.01
CA THR C 23 -4.73 3.54 -13.96
C THR C 23 -4.48 4.68 -12.97
N ILE C 24 -5.39 5.65 -12.92
CA ILE C 24 -5.30 6.73 -11.94
C ILE C 24 -5.38 6.17 -10.53
N VAL C 25 -6.30 5.24 -10.29
CA VAL C 25 -6.41 4.62 -8.97
C VAL C 25 -5.12 3.90 -8.62
N LYS C 26 -4.56 3.15 -9.58
CA LYS C 26 -3.31 2.46 -9.33
C LYS C 26 -2.19 3.44 -8.99
N GLN C 27 -2.17 4.59 -9.66
CA GLN C 27 -1.16 5.60 -9.36
C GLN C 27 -1.34 6.14 -7.94
N MET C 28 -2.58 6.38 -7.52
CA MET C 28 -2.81 6.86 -6.17
C MET C 28 -2.28 5.87 -5.15
N ARG C 29 -2.40 4.58 -5.43
CA ARG C 29 -1.85 3.57 -4.53
C ARG C 29 -0.33 3.61 -4.52
N ILE C 30 0.29 3.80 -5.69
CA ILE C 30 1.74 3.93 -5.74
C ILE C 30 2.19 5.15 -4.94
N LEU C 31 1.49 6.27 -5.11
CA LEU C 31 1.93 7.52 -4.48
C LEU C 31 1.67 7.51 -2.98
N HIS C 32 0.54 6.98 -2.55
CA HIS C 32 0.12 7.14 -1.17
C HIS C 32 -0.27 5.85 -0.45
N VAL C 33 -0.19 4.70 -1.10
CA VAL C 33 -0.44 3.42 -0.42
C VAL C 33 0.71 2.47 -0.76
N ASN C 34 0.42 1.18 -0.84
CA ASN C 34 1.43 0.16 -1.11
C ASN C 34 1.57 -0.19 -2.58
N GLY C 35 1.13 0.68 -3.48
CA GLY C 35 1.22 0.37 -4.90
C GLY C 35 0.49 -0.92 -5.20
N PHE C 36 1.12 -1.79 -5.98
CA PHE C 36 0.53 -3.06 -6.34
C PHE C 36 0.76 -4.15 -5.31
N ASN C 37 1.37 -3.81 -4.17
CA ASN C 37 1.62 -4.74 -3.08
C ASN C 37 0.63 -4.56 -1.94
N GLY C 38 -0.65 -4.35 -2.25
CA GLY C 38 -1.66 -4.17 -1.24
C GLY C 38 -2.91 -5.02 -1.43
N LYS C 42 -5.46 -10.06 -5.56
CA LYS C 42 -6.49 -9.14 -6.05
C LYS C 42 -5.90 -8.05 -6.95
N ALA C 43 -4.62 -7.76 -6.76
CA ALA C 43 -3.97 -6.76 -7.59
C ALA C 43 -3.55 -7.36 -8.91
N THR C 44 -3.28 -6.48 -9.88
CA THR C 44 -2.68 -6.91 -11.14
C THR C 44 -1.40 -7.68 -10.85
N LYS C 45 -1.18 -8.77 -11.58
CA LYS C 45 -0.01 -9.60 -11.36
C LYS C 45 0.49 -10.17 -12.69
N VAL C 46 1.51 -11.02 -12.60
CA VAL C 46 2.23 -11.50 -13.78
C VAL C 46 1.27 -12.14 -14.78
N GLN C 47 0.35 -12.98 -14.30
CA GLN C 47 -0.57 -13.67 -15.19
C GLN C 47 -1.38 -12.68 -16.02
N ASP C 48 -1.75 -11.54 -15.42
CA ASP C 48 -2.45 -10.51 -16.18
C ASP C 48 -1.57 -9.93 -17.27
N ILE C 49 -0.26 -9.85 -17.04
CA ILE C 49 0.64 -9.35 -18.08
C ILE C 49 0.78 -10.39 -19.20
N LYS C 50 0.85 -11.67 -18.83
CA LYS C 50 0.90 -12.70 -19.86
C LYS C 50 -0.39 -12.75 -20.66
N ASN C 51 -1.53 -12.61 -19.99
CA ASN C 51 -2.81 -12.56 -20.69
C ASN C 51 -2.86 -11.40 -21.68
N ASN C 52 -2.42 -10.22 -21.25
CA ASN C 52 -2.38 -9.07 -22.15
C ASN C 52 -1.45 -9.32 -23.32
N LEU C 53 -0.28 -9.89 -23.05
CA LEU C 53 0.67 -10.20 -24.11
C LEU C 53 0.02 -11.12 -25.15
N LYS C 54 -0.66 -12.16 -24.67
CA LYS C 54 -1.31 -13.09 -25.58
C LYS C 54 -2.44 -12.42 -26.34
N GLU C 55 -3.27 -11.63 -25.65
CA GLU C 55 -4.35 -10.93 -26.32
C GLU C 55 -3.80 -9.97 -27.38
N ALA C 56 -2.72 -9.27 -27.08
CA ALA C 56 -2.15 -8.33 -28.05
C ALA C 56 -1.72 -9.06 -29.32
N ILE C 57 -0.90 -10.12 -29.17
CA ILE C 57 -0.35 -10.76 -30.35
C ILE C 57 -1.45 -11.45 -31.16
N GLU C 58 -2.38 -12.12 -30.48
CA GLU C 58 -3.41 -12.85 -31.22
C GLU C 58 -4.40 -11.89 -31.87
N THR C 59 -4.65 -10.73 -31.25
CA THR C 59 -5.57 -9.77 -31.86
C THR C 59 -4.96 -9.18 -33.14
N ILE C 60 -3.68 -8.81 -33.07
CA ILE C 60 -3.00 -8.29 -34.26
C ILE C 60 -2.94 -9.36 -35.35
N VAL C 61 -2.62 -10.59 -34.97
CA VAL C 61 -2.47 -11.66 -35.97
C VAL C 61 -3.81 -11.96 -36.62
N ALA C 62 -4.86 -12.09 -35.83
CA ALA C 62 -6.19 -12.38 -36.39
C ALA C 62 -6.70 -11.23 -37.24
N ALA C 63 -6.28 -10.00 -36.94
CA ALA C 63 -6.73 -8.84 -37.70
C ALA C 63 -6.08 -8.75 -39.07
N MET C 64 -4.96 -9.44 -39.30
CA MET C 64 -4.29 -9.34 -40.60
C MET C 64 -5.21 -9.79 -41.72
N SER C 65 -5.82 -10.97 -41.56
CA SER C 65 -6.69 -11.51 -42.58
C SER C 65 -8.00 -10.73 -42.71
N ASN C 66 -8.40 -10.00 -41.67
CA ASN C 66 -9.70 -9.32 -41.65
C ASN C 66 -9.63 -7.87 -42.08
N LEU C 67 -8.45 -7.26 -42.14
CA LEU C 67 -8.35 -5.88 -42.58
C LEU C 67 -8.71 -5.75 -44.06
N VAL C 68 -9.11 -4.55 -44.44
CA VAL C 68 -9.45 -4.22 -45.83
C VAL C 68 -8.60 -3.02 -46.25
N PRO C 69 -7.58 -3.22 -47.10
CA PRO C 69 -7.16 -4.50 -47.67
C PRO C 69 -6.39 -5.35 -46.66
N PRO C 70 -6.40 -6.68 -46.83
CA PRO C 70 -5.67 -7.54 -45.89
C PRO C 70 -4.18 -7.22 -45.88
N VAL C 71 -3.54 -7.59 -44.77
CA VAL C 71 -2.10 -7.41 -44.59
C VAL C 71 -1.46 -8.78 -44.58
N GLU C 72 -0.38 -8.93 -45.33
CA GLU C 72 0.34 -10.19 -45.41
C GLU C 72 1.63 -10.12 -44.61
N LEU C 73 2.12 -11.30 -44.22
CA LEU C 73 3.44 -11.38 -43.62
C LEU C 73 4.48 -10.86 -44.60
N ALA C 74 5.47 -10.15 -44.06
CA ALA C 74 6.63 -9.80 -44.88
C ALA C 74 7.47 -11.01 -45.21
N ASN C 75 7.37 -12.07 -44.40
CA ASN C 75 8.14 -13.29 -44.56
C ASN C 75 7.20 -14.47 -44.46
N PRO C 76 6.87 -15.12 -45.59
CA PRO C 76 5.92 -16.26 -45.53
C PRO C 76 6.43 -17.44 -44.74
N GLU C 77 7.71 -17.44 -44.36
CA GLU C 77 8.25 -18.46 -43.48
C GLU C 77 7.58 -18.46 -42.11
N ASN C 78 7.00 -17.34 -41.71
CA ASN C 78 6.34 -17.20 -40.42
C ASN C 78 4.89 -17.69 -40.44
N GLN C 79 4.43 -18.28 -41.55
CA GLN C 79 3.03 -18.68 -41.63
C GLN C 79 2.69 -19.74 -40.59
N PHE C 80 3.62 -20.68 -40.33
CA PHE C 80 3.35 -21.68 -39.30
C PHE C 80 3.26 -21.05 -37.92
N ARG C 81 3.95 -19.93 -37.70
CA ARG C 81 3.81 -19.20 -36.45
C ARG C 81 2.42 -18.60 -36.33
N VAL C 82 1.94 -17.95 -37.40
CA VAL C 82 0.56 -17.50 -37.45
C VAL C 82 -0.39 -18.67 -37.21
N ASP C 83 -0.08 -19.84 -37.78
CA ASP C 83 -0.93 -21.01 -37.59
C ASP C 83 -1.06 -21.36 -36.11
N TYR C 84 0.04 -21.34 -35.37
CA TYR C 84 -0.01 -21.69 -33.96
C TYR C 84 -0.78 -20.65 -33.15
N ILE C 85 -0.55 -19.36 -33.43
CA ILE C 85 -1.16 -18.30 -32.63
C ILE C 85 -2.67 -18.38 -32.72
N LEU C 86 -3.21 -18.54 -33.93
CA LEU C 86 -4.66 -18.67 -34.06
C LEU C 86 -5.15 -19.99 -33.48
N SER C 87 -4.28 -21.00 -33.41
CA SER C 87 -4.69 -22.30 -32.87
C SER C 87 -4.95 -22.22 -31.37
N VAL C 88 -4.30 -21.30 -30.67
CA VAL C 88 -4.41 -21.19 -29.22
C VAL C 88 -5.18 -19.94 -28.82
N MET C 89 -5.86 -19.29 -29.77
CA MET C 89 -6.33 -17.92 -29.55
C MET C 89 -7.18 -17.79 -28.29
N ASN C 90 -8.27 -18.55 -28.21
CA ASN C 90 -9.20 -18.39 -27.10
C ASN C 90 -9.35 -19.66 -26.27
N VAL C 91 -8.32 -20.51 -26.28
CA VAL C 91 -8.41 -21.74 -25.50
C VAL C 91 -8.45 -21.39 -24.02
N PRO C 92 -9.19 -22.12 -23.18
CA PRO C 92 -9.22 -21.80 -21.76
C PRO C 92 -7.96 -22.31 -21.08
N ASP C 93 -7.45 -21.50 -20.14
CA ASP C 93 -6.27 -21.85 -19.35
C ASP C 93 -5.09 -22.21 -20.24
N PHE C 94 -4.62 -21.20 -20.97
CA PHE C 94 -3.39 -21.34 -21.73
C PHE C 94 -2.22 -21.49 -20.78
N ASP C 95 -1.32 -22.44 -21.08
CA ASP C 95 -0.19 -22.72 -20.21
C ASP C 95 1.05 -21.91 -20.57
N PHE C 96 1.00 -21.11 -21.63
CA PHE C 96 2.12 -20.29 -22.07
C PHE C 96 3.42 -21.10 -22.24
N PRO C 97 3.43 -22.08 -23.13
CA PRO C 97 4.63 -22.89 -23.33
C PRO C 97 5.71 -22.10 -24.05
N PRO C 98 6.95 -22.59 -24.06
CA PRO C 98 8.03 -21.83 -24.72
C PRO C 98 7.76 -21.49 -26.18
N GLU C 99 7.04 -22.34 -26.93
CA GLU C 99 6.82 -22.02 -28.33
C GLU C 99 5.96 -20.78 -28.51
N PHE C 100 5.06 -20.51 -27.57
CA PHE C 100 4.25 -19.29 -27.68
C PHE C 100 5.14 -18.05 -27.70
N TYR C 101 6.12 -17.99 -26.80
CA TYR C 101 6.92 -16.79 -26.69
C TYR C 101 7.82 -16.61 -27.90
N GLU C 102 8.41 -17.69 -28.40
CA GLU C 102 9.25 -17.52 -29.58
C GLU C 102 8.42 -17.24 -30.83
N HIS C 103 7.17 -17.73 -30.86
CA HIS C 103 6.31 -17.41 -32.00
C HIS C 103 5.83 -15.96 -31.93
N ALA C 104 5.40 -15.51 -30.74
CA ALA C 104 4.97 -14.13 -30.59
C ALA C 104 6.09 -13.17 -30.97
N LYS C 105 7.30 -13.40 -30.44
CA LYS C 105 8.40 -12.49 -30.72
C LYS C 105 8.78 -12.51 -32.19
N ALA C 106 8.88 -13.71 -32.77
CA ALA C 106 9.21 -13.81 -34.19
C ALA C 106 8.16 -13.11 -35.05
N LEU C 107 6.89 -13.21 -34.67
CA LEU C 107 5.84 -12.52 -35.39
C LEU C 107 5.88 -11.02 -35.15
N TRP C 108 6.20 -10.60 -33.93
CA TRP C 108 6.27 -9.18 -33.63
C TRP C 108 7.36 -8.49 -34.45
N GLU C 109 8.39 -9.23 -34.86
CA GLU C 109 9.46 -8.66 -35.66
C GLU C 109 9.20 -8.77 -37.17
N ASP C 110 8.15 -9.47 -37.57
CA ASP C 110 7.75 -9.52 -38.98
C ASP C 110 7.12 -8.19 -39.36
N GLU C 111 7.63 -7.58 -40.43
CA GLU C 111 7.15 -6.26 -40.83
C GLU C 111 5.67 -6.29 -41.23
N GLY C 112 5.18 -7.43 -41.73
CA GLY C 112 3.77 -7.53 -42.05
C GLY C 112 2.89 -7.44 -40.81
N VAL C 113 3.27 -8.14 -39.75
CA VAL C 113 2.53 -8.06 -38.49
C VAL C 113 2.63 -6.66 -37.91
N ARG C 114 3.81 -6.04 -38.00
CA ARG C 114 3.97 -4.68 -37.50
C ARG C 114 3.12 -3.71 -38.30
N ALA C 115 2.95 -3.96 -39.59
CA ALA C 115 2.10 -3.09 -40.41
C ALA C 115 0.63 -3.23 -40.00
N CYS C 116 0.22 -4.44 -39.66
CA CYS C 116 -1.14 -4.62 -39.15
C CYS C 116 -1.32 -3.92 -37.80
N TYR C 117 -0.29 -3.95 -36.96
CA TYR C 117 -0.34 -3.20 -35.71
C TYR C 117 -0.55 -1.72 -35.96
N GLU C 118 0.11 -1.18 -36.99
CA GLU C 118 0.00 0.23 -37.31
C GLU C 118 -1.42 0.63 -37.69
N ARG C 119 -2.25 -0.34 -38.12
CA ARG C 119 -3.64 -0.09 -38.45
C ARG C 119 -4.58 -0.55 -37.34
N SER C 120 -4.12 -0.53 -36.09
CA SER C 120 -4.93 -1.03 -34.98
C SER C 120 -6.17 -0.19 -34.75
N ASN C 121 -6.15 1.08 -35.14
CA ASN C 121 -7.35 1.90 -34.99
C ASN C 121 -8.51 1.37 -35.82
N GLU C 122 -8.25 0.42 -36.71
CA GLU C 122 -9.29 -0.21 -37.51
C GLU C 122 -9.89 -1.44 -36.85
N TYR C 123 -9.30 -1.92 -35.75
CA TYR C 123 -9.89 -3.00 -34.96
C TYR C 123 -9.79 -2.58 -33.50
N GLN C 124 -9.88 -3.55 -32.58
CA GLN C 124 -9.86 -3.26 -31.15
C GLN C 124 -8.61 -3.91 -30.53
N LEU C 125 -7.64 -3.07 -30.17
CA LEU C 125 -6.38 -3.54 -29.61
C LEU C 125 -6.11 -2.81 -28.31
N ILE C 126 -5.77 -3.57 -27.26
CA ILE C 126 -5.48 -2.95 -25.97
C ILE C 126 -4.26 -2.03 -26.10
N ASP C 127 -4.25 -0.97 -25.27
CA ASP C 127 -3.24 0.07 -25.35
C ASP C 127 -1.83 -0.47 -25.12
N CYS C 128 -1.69 -1.46 -24.25
CA CYS C 128 -0.38 -1.91 -23.80
C CYS C 128 0.28 -2.89 -24.76
N ALA C 129 -0.23 -3.03 -25.98
CA ALA C 129 0.24 -4.08 -26.89
C ALA C 129 1.73 -3.94 -27.19
N GLN C 130 2.15 -2.79 -27.72
CA GLN C 130 3.55 -2.61 -28.08
C GLN C 130 4.44 -2.69 -26.85
N TYR C 131 4.01 -2.09 -25.74
CA TYR C 131 4.82 -2.08 -24.53
C TYR C 131 5.19 -3.49 -24.09
N PHE C 132 4.23 -4.42 -24.12
CA PHE C 132 4.53 -5.77 -23.65
C PHE C 132 5.17 -6.62 -24.74
N LEU C 133 4.76 -6.43 -26.01
CA LEU C 133 5.35 -7.20 -27.09
C LEU C 133 6.84 -6.89 -27.24
N ASP C 134 7.26 -5.69 -26.86
CA ASP C 134 8.66 -5.30 -26.93
C ASP C 134 9.51 -5.90 -25.81
N LYS C 135 8.90 -6.50 -24.78
CA LYS C 135 9.65 -7.12 -23.69
C LYS C 135 9.18 -8.54 -23.45
N ILE C 136 8.90 -9.26 -24.54
CA ILE C 136 8.51 -10.67 -24.44
C ILE C 136 9.54 -11.46 -23.66
N ASP C 137 10.83 -11.24 -23.95
CA ASP C 137 11.87 -12.06 -23.35
C ASP C 137 12.04 -11.77 -21.86
N VAL C 138 11.77 -10.53 -21.43
CA VAL C 138 11.74 -10.23 -20.02
C VAL C 138 10.56 -10.92 -19.34
N ILE C 139 9.37 -10.83 -19.97
CA ILE C 139 8.16 -11.33 -19.35
C ILE C 139 8.22 -12.85 -19.19
N LYS C 140 8.77 -13.55 -20.19
CA LYS C 140 8.70 -15.01 -20.19
C LYS C 140 9.63 -15.67 -19.17
N GLN C 141 10.52 -14.90 -18.54
CA GLN C 141 11.46 -15.49 -17.59
C GLN C 141 10.75 -16.01 -16.36
N ALA C 142 11.15 -17.21 -15.91
CA ALA C 142 10.58 -17.75 -14.68
C ALA C 142 10.86 -16.86 -13.48
N ASP C 143 11.87 -16.00 -13.56
CA ASP C 143 12.23 -15.08 -12.49
C ASP C 143 11.56 -13.71 -12.60
N TYR C 144 10.67 -13.54 -13.56
CA TYR C 144 10.14 -12.22 -13.87
C TYR C 144 9.27 -11.70 -12.73
N VAL C 145 9.65 -10.55 -12.19
CA VAL C 145 8.84 -9.79 -11.24
C VAL C 145 8.50 -8.47 -11.92
N PRO C 146 7.23 -8.15 -12.11
CA PRO C 146 6.88 -7.00 -12.96
C PRO C 146 7.16 -5.67 -12.27
N SER C 147 7.70 -4.73 -13.03
CA SER C 147 7.89 -3.38 -12.51
C SER C 147 6.55 -2.72 -12.25
N ASP C 148 6.60 -1.61 -11.51
CA ASP C 148 5.40 -0.81 -11.32
C ASP C 148 4.83 -0.35 -12.65
N GLN C 149 5.70 0.07 -13.58
CA GLN C 149 5.23 0.49 -14.89
C GLN C 149 4.57 -0.67 -15.63
N ASP C 150 5.15 -1.87 -15.54
CA ASP C 150 4.54 -3.05 -16.15
C ASP C 150 3.11 -3.23 -15.66
N LEU C 151 2.91 -3.11 -14.34
CA LEU C 151 1.58 -3.30 -13.78
C LEU C 151 0.67 -2.13 -14.09
N LEU C 152 1.22 -0.92 -14.23
CA LEU C 152 0.42 0.22 -14.64
C LEU C 152 -0.06 0.08 -16.08
N ARG C 153 0.81 -0.43 -16.97
CA ARG C 153 0.43 -0.59 -18.37
C ARG C 153 -0.58 -1.71 -18.55
N CYS C 154 -0.62 -2.66 -17.63
CA CYS C 154 -1.44 -3.84 -17.77
C CYS C 154 -2.92 -3.47 -17.71
N ARG C 155 -3.66 -3.77 -18.77
CA ARG C 155 -5.09 -3.53 -18.80
C ARG C 155 -5.79 -4.74 -18.20
N VAL C 156 -6.57 -4.51 -17.15
CA VAL C 156 -7.36 -5.56 -16.52
C VAL C 156 -8.76 -5.02 -16.26
N LEU C 157 -9.76 -5.85 -16.58
CA LEU C 157 -11.16 -5.46 -16.42
C LEU C 157 -11.55 -5.49 -14.95
N THR C 158 -11.88 -4.34 -14.39
CA THR C 158 -12.35 -4.29 -13.02
C THR C 158 -13.77 -4.81 -12.94
N SER C 159 -14.04 -5.58 -11.88
CA SER C 159 -15.38 -6.05 -11.57
C SER C 159 -15.87 -5.22 -10.39
N GLY C 160 -16.84 -4.35 -10.64
CA GLY C 160 -17.38 -3.54 -9.57
C GLY C 160 -16.63 -2.24 -9.30
N ILE C 161 -16.69 -1.78 -8.07
CA ILE C 161 -16.00 -0.56 -7.68
C ILE C 161 -14.51 -0.82 -7.58
N PHE C 162 -13.71 0.00 -8.25
CA PHE C 162 -12.26 0.01 -8.10
C PHE C 162 -11.90 1.28 -7.37
N GLU C 163 -11.31 1.14 -6.18
CA GLU C 163 -11.19 2.28 -5.27
C GLU C 163 -9.88 2.22 -4.51
N THR C 164 -9.52 3.37 -3.95
CA THR C 164 -8.40 3.49 -3.04
C THR C 164 -8.75 4.53 -1.99
N LYS C 165 -8.40 4.25 -0.75
CA LYS C 165 -8.52 5.20 0.35
C LYS C 165 -7.12 5.51 0.85
N PHE C 166 -6.85 6.80 1.07
CA PHE C 166 -5.52 7.21 1.51
C PHE C 166 -5.65 8.56 2.18
N GLN C 167 -4.59 8.94 2.89
CA GLN C 167 -4.53 10.24 3.55
C GLN C 167 -3.30 10.99 3.08
N VAL C 168 -3.46 12.30 2.87
CA VAL C 168 -2.37 13.21 2.55
C VAL C 168 -2.61 14.50 3.35
N ASP C 169 -1.66 14.86 4.20
CA ASP C 169 -1.76 16.06 5.04
C ASP C 169 -3.03 16.04 5.89
N LYS C 170 -3.22 14.94 6.63
CA LYS C 170 -4.38 14.76 7.51
C LYS C 170 -5.70 14.94 6.77
N VAL C 171 -5.69 14.75 5.46
CA VAL C 171 -6.89 14.81 4.62
C VAL C 171 -7.06 13.43 4.01
N ASN C 172 -8.14 12.74 4.37
CA ASN C 172 -8.45 11.45 3.79
C ASN C 172 -9.12 11.63 2.43
N PHE C 173 -8.74 10.78 1.49
CA PHE C 173 -9.35 10.77 0.17
C PHE C 173 -9.90 9.39 -0.11
N HIS C 174 -11.04 9.35 -0.79
CA HIS C 174 -11.65 8.11 -1.25
C HIS C 174 -11.87 8.27 -2.75
N MET C 175 -10.95 7.74 -3.55
CA MET C 175 -11.04 7.81 -5.00
C MET C 175 -11.52 6.47 -5.52
N PHE C 176 -12.59 6.48 -6.30
CA PHE C 176 -13.19 5.24 -6.78
C PHE C 176 -13.65 5.40 -8.22
N ASP C 177 -13.60 4.29 -8.95
CA ASP C 177 -14.06 4.21 -10.33
C ASP C 177 -15.22 3.22 -10.41
N VAL C 178 -16.25 3.57 -11.17
CA VAL C 178 -17.44 2.73 -11.30
C VAL C 178 -17.51 2.08 -12.68
N GLY C 179 -16.38 2.00 -13.39
CA GLY C 179 -16.38 1.48 -14.75
C GLY C 179 -16.82 0.04 -14.85
N GLY C 180 -16.47 -0.78 -13.86
CA GLY C 180 -16.88 -2.17 -13.87
C GLY C 180 -18.12 -2.44 -13.05
N GLN C 181 -18.87 -1.39 -12.74
CA GLN C 181 -20.08 -1.51 -11.94
C GLN C 181 -21.30 -1.36 -12.82
N ARG C 182 -22.30 -2.20 -12.57
CA ARG C 182 -23.62 -2.10 -13.17
C ARG C 182 -24.63 -1.96 -12.04
N ASP C 183 -25.77 -1.35 -12.34
CA ASP C 183 -26.75 -1.06 -11.31
C ASP C 183 -28.10 -0.79 -11.97
N GLU C 184 -29.16 -0.84 -11.16
CA GLU C 184 -30.47 -0.45 -11.63
C GLU C 184 -30.43 1.00 -12.11
N ARG C 185 -31.20 1.29 -13.15
CA ARG C 185 -31.21 2.63 -13.74
C ARG C 185 -31.52 3.71 -12.71
N ARG C 186 -32.46 3.44 -11.79
CA ARG C 186 -32.87 4.46 -10.83
C ARG C 186 -31.89 4.61 -9.68
N LYS C 187 -30.99 3.64 -9.49
CA LYS C 187 -30.02 3.68 -8.40
C LYS C 187 -28.71 4.34 -8.79
N TRP C 188 -28.47 4.53 -10.09
CA TRP C 188 -27.16 4.99 -10.55
C TRP C 188 -26.81 6.37 -10.01
N ILE C 189 -27.81 7.21 -9.79
CA ILE C 189 -27.55 8.55 -9.26
C ILE C 189 -26.97 8.48 -7.85
N GLN C 190 -27.17 7.36 -7.13
CA GLN C 190 -26.65 7.22 -5.78
C GLN C 190 -25.12 7.07 -5.76
N CYS C 191 -24.50 6.65 -6.87
CA CYS C 191 -23.05 6.54 -6.83
C CYS C 191 -22.37 7.90 -6.73
N PHE C 192 -23.12 8.99 -6.87
CA PHE C 192 -22.61 10.35 -6.70
C PHE C 192 -22.80 10.89 -5.30
N ASN C 193 -23.31 10.09 -4.36
CA ASN C 193 -23.62 10.59 -3.03
C ASN C 193 -22.35 11.06 -2.31
N ASP C 194 -22.42 12.27 -1.73
CA ASP C 194 -21.35 12.82 -0.89
C ASP C 194 -20.04 12.95 -1.66
N VAL C 195 -20.12 13.13 -2.96
CA VAL C 195 -18.93 13.23 -3.80
C VAL C 195 -18.43 14.67 -3.81
N THR C 196 -17.15 14.86 -3.48
CA THR C 196 -16.56 16.18 -3.48
C THR C 196 -16.32 16.69 -4.89
N ALA C 197 -15.80 15.83 -5.78
CA ALA C 197 -15.55 16.25 -7.14
C ALA C 197 -15.60 15.02 -8.05
N ILE C 198 -15.93 15.26 -9.31
CA ILE C 198 -15.88 14.24 -10.34
C ILE C 198 -14.60 14.45 -11.13
N ILE C 199 -13.84 13.38 -11.32
CA ILE C 199 -12.69 13.39 -12.21
C ILE C 199 -13.09 12.65 -13.47
N PHE C 200 -13.28 13.39 -14.56
CA PHE C 200 -13.65 12.80 -15.83
C PHE C 200 -12.38 12.56 -16.64
N VAL C 201 -12.15 11.31 -17.02
CA VAL C 201 -10.94 10.91 -17.72
C VAL C 201 -11.29 10.67 -19.17
N VAL C 202 -10.49 11.22 -20.07
CA VAL C 202 -10.69 11.03 -21.51
C VAL C 202 -9.37 10.59 -22.12
N ALA C 203 -9.43 9.57 -22.97
CA ALA C 203 -8.28 9.15 -23.75
C ALA C 203 -8.18 10.07 -24.96
N SER C 204 -7.38 11.14 -24.81
CA SER C 204 -7.27 12.13 -25.88
C SER C 204 -6.77 11.52 -27.18
N SER C 205 -5.96 10.48 -27.09
CA SER C 205 -5.34 9.87 -28.26
C SER C 205 -6.28 8.97 -29.05
N SER C 206 -7.52 8.77 -28.60
CA SER C 206 -8.41 7.81 -29.24
C SER C 206 -9.40 8.48 -30.19
N TYR C 207 -9.02 9.63 -30.77
CA TYR C 207 -9.91 10.32 -31.70
C TYR C 207 -10.14 9.53 -32.98
N ASN C 208 -9.28 8.56 -33.31
CA ASN C 208 -9.39 7.78 -34.53
C ASN C 208 -9.89 6.37 -34.26
N MET C 209 -10.49 6.14 -33.11
CA MET C 209 -10.92 4.81 -32.69
C MET C 209 -12.40 4.84 -32.35
N VAL C 210 -13.01 3.66 -32.35
CA VAL C 210 -14.41 3.49 -32.01
C VAL C 210 -14.53 2.63 -30.76
N ILE C 211 -15.65 2.79 -30.06
CA ILE C 211 -15.83 2.11 -28.78
C ILE C 211 -16.09 0.63 -29.00
N ARG C 212 -15.77 -0.18 -28.00
CA ARG C 212 -16.00 -1.62 -28.11
C ARG C 212 -17.48 -1.95 -28.09
N GLU C 213 -18.30 -1.09 -27.47
CA GLU C 213 -19.68 -1.44 -27.21
C GLU C 213 -20.47 -1.64 -28.50
N ASP C 214 -20.25 -0.78 -29.50
CA ASP C 214 -20.94 -0.91 -30.78
C ASP C 214 -20.01 -0.98 -31.99
N ASN C 215 -18.71 -0.79 -31.82
CA ASN C 215 -17.74 -0.78 -32.91
C ASN C 215 -18.09 0.24 -33.99
N GLN C 216 -18.74 1.34 -33.59
CA GLN C 216 -19.17 2.37 -34.52
C GLN C 216 -18.98 3.76 -33.96
N THR C 217 -19.42 3.98 -32.72
CA THR C 217 -19.30 5.30 -32.09
C THR C 217 -17.83 5.67 -31.87
N ASN C 218 -17.43 6.84 -32.37
CA ASN C 218 -16.08 7.34 -32.16
C ASN C 218 -15.77 7.51 -30.68
N ARG C 219 -14.56 7.11 -30.28
CA ARG C 219 -14.21 7.10 -28.85
C ARG C 219 -14.18 8.50 -28.27
N LEU C 220 -13.61 9.46 -28.99
CA LEU C 220 -13.57 10.82 -28.47
C LEU C 220 -14.97 11.43 -28.41
N GLN C 221 -15.79 11.17 -29.44
CA GLN C 221 -17.17 11.68 -29.43
C GLN C 221 -17.95 11.07 -28.28
N GLU C 222 -17.81 9.76 -28.07
CA GLU C 222 -18.41 9.11 -26.92
C GLU C 222 -18.00 9.81 -25.62
N ALA C 223 -16.72 10.17 -25.48
CA ALA C 223 -16.29 10.84 -24.26
C ALA C 223 -16.97 12.20 -24.11
N LEU C 224 -17.17 12.91 -25.23
CA LEU C 224 -17.86 14.19 -25.18
C LEU C 224 -19.32 14.02 -24.78
N ASN C 225 -19.98 13.00 -25.31
CA ASN C 225 -21.38 12.76 -24.97
C ASN C 225 -21.54 12.35 -23.51
N LEU C 226 -20.65 11.49 -23.00
CA LEU C 226 -20.68 11.14 -21.58
C LEU C 226 -20.50 12.38 -20.71
N PHE C 227 -19.53 13.22 -21.06
CA PHE C 227 -19.29 14.43 -20.29
C PHE C 227 -20.52 15.31 -20.28
N LYS C 228 -21.12 15.51 -21.45
CA LYS C 228 -22.29 16.37 -21.56
C LYS C 228 -23.44 15.84 -20.71
N SER C 229 -23.64 14.52 -20.72
CA SER C 229 -24.71 13.95 -19.90
C SER C 229 -24.46 14.20 -18.43
N ILE C 230 -23.24 13.98 -17.97
CA ILE C 230 -22.88 14.27 -16.59
C ILE C 230 -23.04 15.76 -16.31
N TRP C 231 -22.46 16.59 -17.18
CA TRP C 231 -22.40 18.02 -16.93
C TRP C 231 -23.78 18.65 -16.82
N ASN C 232 -24.75 18.15 -17.59
CA ASN C 232 -26.08 18.74 -17.65
C ASN C 232 -27.10 18.02 -16.80
N ASN C 233 -26.68 17.03 -15.99
CA ASN C 233 -27.62 16.36 -15.10
C ASN C 233 -28.02 17.33 -13.99
N ARG C 234 -29.32 17.63 -13.92
CA ARG C 234 -29.83 18.57 -12.91
C ARG C 234 -29.42 18.17 -11.51
N TRP C 235 -29.35 16.87 -11.24
CA TRP C 235 -29.06 16.41 -9.89
C TRP C 235 -27.59 16.51 -9.52
N LEU C 236 -26.71 16.80 -10.48
CA LEU C 236 -25.28 16.85 -10.26
C LEU C 236 -24.69 18.25 -10.44
N ARG C 237 -25.54 19.27 -10.61
CA ARG C 237 -25.05 20.59 -10.98
C ARG C 237 -24.23 21.26 -9.89
N THR C 238 -24.25 20.75 -8.65
CA THR C 238 -23.46 21.32 -7.59
C THR C 238 -22.08 20.66 -7.45
N ILE C 239 -21.79 19.63 -8.23
CA ILE C 239 -20.54 18.89 -8.13
C ILE C 239 -19.61 19.33 -9.25
N SER C 240 -18.46 19.89 -8.89
CA SER C 240 -17.50 20.33 -9.88
C SER C 240 -16.81 19.14 -10.55
N VAL C 241 -16.35 19.36 -11.77
CA VAL C 241 -15.74 18.31 -12.59
C VAL C 241 -14.28 18.68 -12.82
N ILE C 242 -13.38 17.76 -12.53
CA ILE C 242 -11.98 17.88 -12.89
C ILE C 242 -11.74 17.01 -14.11
N LEU C 243 -11.28 17.61 -15.20
CA LEU C 243 -11.18 16.93 -16.48
C LEU C 243 -9.74 16.50 -16.74
N PHE C 244 -9.52 15.19 -16.83
CA PHE C 244 -8.22 14.62 -17.15
C PHE C 244 -8.18 14.31 -18.63
N LEU C 245 -7.56 15.18 -19.41
CA LEU C 245 -7.30 14.88 -20.82
C LEU C 245 -6.07 13.96 -20.85
N ASN C 246 -6.35 12.67 -20.81
CA ASN C 246 -5.34 11.66 -20.54
C ASN C 246 -4.72 11.15 -21.84
N LYS C 247 -3.70 10.29 -21.68
CA LYS C 247 -2.98 9.68 -22.81
C LYS C 247 -2.32 10.74 -23.68
N GLN C 248 -1.78 11.78 -23.04
CA GLN C 248 -1.05 12.81 -23.77
C GLN C 248 0.15 12.25 -24.49
N ASP C 249 0.76 11.19 -23.95
CA ASP C 249 1.90 10.58 -24.63
C ASP C 249 1.47 9.90 -25.93
N LEU C 250 0.33 9.21 -25.91
CA LEU C 250 -0.16 8.58 -27.13
C LEU C 250 -0.68 9.61 -28.13
N LEU C 251 -1.26 10.71 -27.64
CA LEU C 251 -1.73 11.75 -28.54
C LEU C 251 -0.57 12.39 -29.29
N ALA C 252 0.54 12.65 -28.59
CA ALA C 252 1.69 13.27 -29.24
C ALA C 252 2.29 12.36 -30.30
N GLU C 253 2.43 11.07 -30.00
CA GLU C 253 2.99 10.13 -30.97
C GLU C 253 2.09 10.02 -32.20
N LYS C 254 0.78 9.99 -32.01
CA LYS C 254 -0.14 9.83 -33.13
C LYS C 254 -0.14 11.06 -34.03
N VAL C 255 -0.09 12.26 -33.45
CA VAL C 255 -0.07 13.48 -34.25
C VAL C 255 1.24 13.60 -35.01
N LEU C 256 2.37 13.43 -34.31
CA LEU C 256 3.68 13.54 -34.95
C LEU C 256 3.88 12.50 -36.06
N ALA C 257 3.10 11.42 -36.05
CA ALA C 257 3.18 10.45 -37.15
C ALA C 257 2.47 10.96 -38.40
N GLY C 258 1.37 11.69 -38.22
CA GLY C 258 0.61 12.20 -39.35
C GLY C 258 -0.13 11.17 -40.16
N LYS C 259 -0.24 9.93 -39.66
CA LYS C 259 -0.90 8.87 -40.44
C LYS C 259 -2.42 8.93 -40.28
N SER C 260 -2.90 9.20 -39.07
CA SER C 260 -4.32 9.42 -38.83
C SER C 260 -4.51 10.87 -38.40
N LYS C 261 -5.13 11.66 -39.27
CA LYS C 261 -5.28 13.08 -39.04
C LYS C 261 -6.59 13.36 -38.31
N ILE C 262 -6.53 14.25 -37.31
CA ILE C 262 -7.69 14.53 -36.47
C ILE C 262 -8.87 15.02 -37.30
N GLU C 263 -8.59 15.82 -38.34
CA GLU C 263 -9.66 16.40 -39.15
C GLU C 263 -10.44 15.36 -39.93
N ASP C 264 -9.87 14.18 -40.18
CA ASP C 264 -10.63 13.09 -40.77
C ASP C 264 -11.71 12.56 -39.83
N TYR C 265 -11.63 12.91 -38.55
CA TYR C 265 -12.61 12.47 -37.57
C TYR C 265 -13.33 13.63 -36.89
N PHE C 266 -12.68 14.78 -36.76
CA PHE C 266 -13.30 16.01 -36.25
C PHE C 266 -12.90 17.12 -37.21
N PRO C 267 -13.65 17.31 -38.29
CA PRO C 267 -13.22 18.25 -39.34
C PRO C 267 -13.02 19.66 -38.85
N GLU C 268 -13.72 20.08 -37.79
CA GLU C 268 -13.59 21.44 -37.29
C GLU C 268 -12.19 21.73 -36.77
N PHE C 269 -11.34 20.71 -36.59
CA PHE C 269 -9.95 20.94 -36.24
C PHE C 269 -9.22 21.68 -37.36
N ALA C 270 -9.64 21.45 -38.61
CA ALA C 270 -9.02 22.14 -39.74
C ALA C 270 -9.20 23.65 -39.63
N ARG C 271 -10.24 24.10 -38.94
CA ARG C 271 -10.45 25.51 -38.67
C ARG C 271 -9.89 25.97 -37.33
N TYR C 272 -9.58 25.02 -36.44
CA TYR C 272 -9.15 25.38 -35.10
C TYR C 272 -7.75 25.97 -35.11
N THR C 273 -7.54 26.98 -34.27
CA THR C 273 -6.24 27.61 -34.10
C THR C 273 -5.86 27.53 -32.63
N THR C 274 -4.58 27.29 -32.36
CA THR C 274 -4.10 27.21 -31.00
C THR C 274 -4.45 28.51 -30.26
N PRO C 275 -5.13 28.44 -29.13
CA PRO C 275 -5.49 29.67 -28.42
C PRO C 275 -4.28 30.38 -27.86
N GLU C 276 -4.47 31.66 -27.53
CA GLU C 276 -3.39 32.50 -27.04
C GLU C 276 -3.13 32.33 -25.55
N ASP C 277 -4.06 31.72 -24.82
CA ASP C 277 -3.87 31.35 -23.41
C ASP C 277 -3.19 30.00 -23.26
N ALA C 278 -2.41 29.58 -24.25
CA ALA C 278 -1.81 28.26 -24.27
C ALA C 278 -0.53 28.21 -23.44
N THR C 279 -0.28 27.05 -22.84
CA THR C 279 0.97 26.81 -22.13
C THR C 279 1.75 25.73 -22.90
N PRO C 280 2.39 26.08 -24.01
CA PRO C 280 3.15 25.07 -24.75
C PRO C 280 4.57 24.97 -24.22
N GLU C 281 4.87 23.87 -23.56
CA GLU C 281 6.22 23.69 -23.02
C GLU C 281 7.23 23.79 -24.14
N PRO C 282 8.31 24.57 -23.97
CA PRO C 282 9.36 24.59 -24.99
C PRO C 282 9.81 23.17 -25.33
N GLY C 283 9.99 22.93 -26.63
CA GLY C 283 10.21 21.60 -27.13
C GLY C 283 8.96 20.88 -27.57
N GLU C 284 7.79 21.30 -27.10
CA GLU C 284 6.54 20.72 -27.59
C GLU C 284 6.31 21.15 -29.03
N ASP C 285 5.93 20.20 -29.86
CA ASP C 285 5.69 20.49 -31.26
C ASP C 285 4.41 21.32 -31.40
N PRO C 286 4.41 22.33 -32.27
CA PRO C 286 3.19 23.15 -32.44
C PRO C 286 1.98 22.33 -32.85
N ARG C 287 2.18 21.29 -33.67
CA ARG C 287 1.07 20.43 -34.06
C ARG C 287 0.51 19.65 -32.88
N VAL C 288 1.35 19.27 -31.93
CA VAL C 288 0.88 18.59 -30.73
C VAL C 288 0.12 19.56 -29.82
N THR C 289 0.62 20.78 -29.69
CA THR C 289 -0.06 21.79 -28.89
C THR C 289 -1.45 22.08 -29.46
N ARG C 290 -1.53 22.29 -30.77
CA ARG C 290 -2.82 22.61 -31.39
C ARG C 290 -3.82 21.48 -31.20
N ALA C 291 -3.36 20.23 -31.40
CA ALA C 291 -4.25 19.09 -31.30
C ALA C 291 -4.79 18.93 -29.89
N LYS C 292 -3.90 18.97 -28.88
CA LYS C 292 -4.36 18.71 -27.53
C LYS C 292 -5.24 19.83 -26.99
N TYR C 293 -4.99 21.07 -27.41
CA TYR C 293 -5.87 22.15 -26.96
C TYR C 293 -7.20 22.11 -27.69
N PHE C 294 -7.23 21.60 -28.93
CA PHE C 294 -8.50 21.37 -29.61
C PHE C 294 -9.38 20.41 -28.80
N ILE C 295 -8.79 19.31 -28.33
CA ILE C 295 -9.57 18.32 -27.60
C ILE C 295 -10.05 18.91 -26.28
N ARG C 296 -9.21 19.68 -25.59
CA ARG C 296 -9.66 20.34 -24.37
C ARG C 296 -10.87 21.23 -24.65
N ASP C 297 -10.80 22.04 -25.71
CA ASP C 297 -11.86 23.01 -25.97
C ASP C 297 -13.15 22.35 -26.45
N GLU C 298 -13.08 21.14 -27.00
CA GLU C 298 -14.30 20.39 -27.29
C GLU C 298 -15.09 20.12 -26.01
N PHE C 299 -14.39 19.86 -24.90
CA PHE C 299 -15.08 19.66 -23.62
C PHE C 299 -15.45 20.99 -22.99
N LEU C 300 -14.58 22.00 -23.11
CA LEU C 300 -14.86 23.31 -22.54
C LEU C 300 -16.07 23.97 -23.21
N ARG C 301 -16.24 23.73 -24.51
CA ARG C 301 -17.44 24.19 -25.20
C ARG C 301 -18.69 23.65 -24.52
N ILE C 302 -18.72 22.35 -24.22
CA ILE C 302 -19.82 21.78 -23.44
C ILE C 302 -19.87 22.41 -22.05
N SER C 303 -18.69 22.61 -21.45
CA SER C 303 -18.61 23.14 -20.09
C SER C 303 -19.16 24.55 -20.00
N THR C 304 -18.84 25.39 -20.98
CA THR C 304 -19.22 26.81 -20.95
C THR C 304 -20.45 27.06 -21.81
N ALA C 305 -21.52 26.33 -21.49
CA ALA C 305 -22.76 26.44 -22.24
C ALA C 305 -23.97 26.24 -21.34
N HIS C 311 -21.19 24.75 -10.71
CA HIS C 311 -20.03 23.88 -10.77
C HIS C 311 -19.07 24.31 -11.88
N TYR C 312 -17.85 23.79 -11.85
CA TYR C 312 -16.80 24.24 -12.75
C TYR C 312 -15.99 23.06 -13.24
N CYS C 313 -15.39 23.25 -14.41
CA CYS C 313 -14.58 22.24 -15.07
C CYS C 313 -13.13 22.70 -15.05
N TYR C 314 -12.26 21.90 -14.41
CA TYR C 314 -10.83 22.19 -14.33
C TYR C 314 -10.06 21.24 -15.22
N PRO C 315 -9.65 21.65 -16.40
CA PRO C 315 -8.96 20.72 -17.32
C PRO C 315 -7.50 20.52 -16.95
N HIS C 316 -7.00 19.33 -17.26
CA HIS C 316 -5.62 18.96 -17.00
C HIS C 316 -5.15 18.01 -18.09
N PHE C 317 -3.93 18.23 -18.57
CA PHE C 317 -3.30 17.29 -19.48
C PHE C 317 -2.55 16.26 -18.66
N THR C 318 -2.92 14.99 -18.80
CA THR C 318 -2.39 13.94 -17.94
C THR C 318 -1.83 12.80 -18.76
N CYS C 319 -0.91 12.06 -18.15
CA CYS C 319 -0.43 10.79 -18.67
C CYS C 319 -0.48 9.83 -17.49
N ALA C 320 -1.53 9.01 -17.46
CA ALA C 320 -1.84 8.23 -16.27
C ALA C 320 -0.79 7.18 -15.96
N VAL C 321 -0.02 6.72 -16.96
CA VAL C 321 1.01 5.73 -16.68
C VAL C 321 2.31 6.36 -16.20
N ASP C 322 2.40 7.68 -16.18
CA ASP C 322 3.58 8.40 -15.73
C ASP C 322 3.31 8.85 -14.29
N THR C 323 3.95 8.16 -13.33
CA THR C 323 3.64 8.41 -11.93
C THR C 323 3.95 9.86 -11.52
N GLU C 324 5.00 10.44 -12.08
CA GLU C 324 5.35 11.81 -11.69
C GLU C 324 4.40 12.82 -12.30
N ASN C 325 3.91 12.57 -13.52
CA ASN C 325 2.89 13.46 -14.07
C ASN C 325 1.64 13.44 -13.19
N ILE C 326 1.22 12.26 -12.77
CA ILE C 326 0.01 12.14 -11.97
C ILE C 326 0.21 12.74 -10.58
N ARG C 327 1.40 12.57 -9.99
CA ARG C 327 1.68 13.22 -8.72
C ARG C 327 1.49 14.73 -8.81
N ARG C 328 2.01 15.33 -9.89
CA ARG C 328 1.83 16.77 -10.08
C ARG C 328 0.37 17.12 -10.30
N VAL C 329 -0.32 16.38 -11.17
CA VAL C 329 -1.72 16.68 -11.44
C VAL C 329 -2.56 16.51 -10.17
N PHE C 330 -2.29 15.45 -9.40
CA PHE C 330 -3.11 15.26 -8.20
C PHE C 330 -2.86 16.35 -7.17
N ASN C 331 -1.65 16.91 -7.11
CA ASN C 331 -1.42 18.04 -6.22
C ASN C 331 -2.21 19.26 -6.67
N ASP C 332 -2.31 19.46 -7.99
CA ASP C 332 -3.18 20.50 -8.51
C ASP C 332 -4.65 20.23 -8.17
N CYS C 333 -5.05 18.96 -8.13
CA CYS C 333 -6.42 18.64 -7.75
C CYS C 333 -6.68 18.98 -6.29
N ARG C 334 -5.73 18.69 -5.41
CA ARG C 334 -5.90 19.02 -3.99
C ARG C 334 -6.06 20.52 -3.79
N ASP C 335 -5.30 21.32 -4.55
CA ASP C 335 -5.49 22.76 -4.54
C ASP C 335 -6.89 23.13 -5.01
N ILE C 336 -7.34 22.50 -6.09
CA ILE C 336 -8.69 22.75 -6.61
C ILE C 336 -9.74 22.42 -5.56
N ILE C 337 -9.53 21.35 -4.80
CA ILE C 337 -10.49 20.97 -3.77
C ILE C 337 -10.53 22.03 -2.67
N GLN C 338 -9.36 22.49 -2.22
CA GLN C 338 -9.32 23.54 -1.22
C GLN C 338 -9.83 24.87 -1.79
N ARG C 339 -9.67 25.09 -3.10
CA ARG C 339 -10.30 26.25 -3.72
C ARG C 339 -11.82 26.09 -3.75
N MET C 340 -12.30 24.85 -3.94
CA MET C 340 -13.73 24.60 -3.92
C MET C 340 -14.35 24.93 -2.56
N HIS C 341 -13.63 24.63 -1.49
CA HIS C 341 -14.08 25.00 -0.15
C HIS C 341 -14.44 26.47 -0.07
N LEU C 342 -13.52 27.33 -0.49
CA LEU C 342 -13.70 28.77 -0.29
C LEU C 342 -14.65 29.39 -1.29
N ARG C 343 -14.96 28.70 -2.39
CA ARG C 343 -15.97 29.19 -3.32
C ARG C 343 -17.37 29.11 -2.72
N GLN C 344 -17.56 28.29 -1.69
CA GLN C 344 -18.83 28.24 -0.96
C GLN C 344 -19.18 29.59 -0.34
N TYR C 345 -18.20 30.44 -0.09
CA TYR C 345 -18.41 31.66 0.66
C TYR C 345 -18.36 32.88 -0.24
N ALA D 7 -5.59 -31.07 -1.21
CA ALA D 7 -6.70 -31.12 -2.15
C ALA D 7 -7.51 -29.83 -2.10
N THR D 8 -7.53 -29.11 -3.21
CA THR D 8 -8.29 -27.87 -3.34
C THR D 8 -9.47 -28.10 -4.28
N HIS D 9 -10.65 -27.68 -3.85
CA HIS D 9 -11.88 -27.87 -4.62
C HIS D 9 -12.47 -26.50 -4.96
N ARG D 10 -12.70 -26.27 -6.26
CA ARG D 10 -13.39 -25.09 -6.73
C ARG D 10 -14.85 -25.45 -6.95
N LEU D 11 -15.74 -24.75 -6.23
CA LEU D 11 -17.17 -24.97 -6.35
C LEU D 11 -17.79 -23.72 -6.96
N LEU D 12 -18.33 -23.86 -8.17
CA LEU D 12 -18.93 -22.75 -8.89
C LEU D 12 -20.45 -22.74 -8.67
N LEU D 13 -20.95 -21.67 -8.07
CA LEU D 13 -22.38 -21.50 -7.90
C LEU D 13 -22.97 -20.87 -9.15
N LEU D 14 -23.92 -21.56 -9.77
CA LEU D 14 -24.65 -21.03 -10.90
C LEU D 14 -26.14 -21.00 -10.57
N GLY D 15 -26.87 -20.22 -11.36
CA GLY D 15 -28.30 -20.06 -11.17
C GLY D 15 -28.69 -18.64 -11.50
N ALA D 16 -29.99 -18.44 -11.72
CA ALA D 16 -30.51 -17.13 -12.06
C ALA D 16 -30.29 -16.15 -10.92
N GLY D 17 -30.42 -14.86 -11.24
CA GLY D 17 -30.36 -13.85 -10.20
C GLY D 17 -31.40 -14.10 -9.13
N GLU D 18 -31.01 -13.85 -7.87
CA GLU D 18 -31.86 -13.99 -6.68
C GLU D 18 -32.24 -15.44 -6.39
N SER D 19 -31.49 -16.41 -6.92
CA SER D 19 -31.77 -17.80 -6.56
C SER D 19 -31.23 -18.14 -5.18
N GLY D 20 -30.16 -17.48 -4.75
CA GLY D 20 -29.62 -17.69 -3.42
C GLY D 20 -28.13 -17.96 -3.41
N LYS D 21 -27.45 -17.62 -4.50
CA LYS D 21 -26.03 -17.99 -4.64
C LYS D 21 -25.16 -17.28 -3.62
N SER D 22 -25.26 -15.94 -3.54
CA SER D 22 -24.44 -15.21 -2.60
C SER D 22 -24.74 -15.58 -1.15
N THR D 23 -26.01 -15.92 -0.86
CA THR D 23 -26.35 -16.36 0.49
C THR D 23 -25.62 -17.65 0.85
N ILE D 24 -25.47 -18.56 -0.11
CA ILE D 24 -24.72 -19.79 0.13
C ILE D 24 -23.28 -19.47 0.52
N VAL D 25 -22.66 -18.54 -0.20
CA VAL D 25 -21.30 -18.12 0.15
C VAL D 25 -21.25 -17.52 1.55
N LYS D 26 -22.24 -16.68 1.88
CA LYS D 26 -22.27 -16.10 3.22
C LYS D 26 -22.39 -17.18 4.28
N GLN D 27 -23.21 -18.20 4.04
CA GLN D 27 -23.37 -19.29 5.00
C GLN D 27 -22.07 -20.07 5.18
N MET D 28 -21.29 -20.24 4.10
CA MET D 28 -20.00 -20.88 4.23
C MET D 28 -19.07 -20.09 5.14
N ARG D 29 -19.11 -18.76 5.04
CA ARG D 29 -18.31 -17.92 5.93
C ARG D 29 -18.76 -18.06 7.38
N ILE D 30 -20.08 -18.11 7.60
CA ILE D 30 -20.60 -18.29 8.95
C ILE D 30 -20.18 -19.63 9.52
N LEU D 31 -20.13 -20.66 8.67
CA LEU D 31 -19.85 -22.01 9.15
C LEU D 31 -18.36 -22.25 9.38
N HIS D 32 -17.50 -21.80 8.46
CA HIS D 32 -16.10 -22.17 8.49
C HIS D 32 -15.12 -21.01 8.45
N VAL D 33 -15.59 -19.77 8.48
CA VAL D 33 -14.73 -18.61 8.68
C VAL D 33 -15.33 -17.78 9.81
N ASN D 34 -15.12 -16.46 9.81
CA ASN D 34 -15.56 -15.57 10.88
C ASN D 34 -16.92 -14.96 10.63
N GLY D 35 -17.78 -15.62 9.87
CA GLY D 35 -19.12 -15.12 9.63
C GLY D 35 -19.17 -13.83 8.83
N THR D 44 -21.31 -0.09 7.38
CA THR D 44 -21.50 -0.58 6.02
C THR D 44 -22.77 -1.43 5.93
N LYS D 45 -22.74 -2.59 6.60
CA LYS D 45 -23.85 -3.53 6.50
C LYS D 45 -25.13 -2.93 7.07
N VAL D 46 -25.02 -2.12 8.12
CA VAL D 46 -26.19 -1.41 8.65
C VAL D 46 -26.86 -0.60 7.54
N GLN D 47 -26.04 0.11 6.76
CA GLN D 47 -26.57 0.94 5.69
C GLN D 47 -27.23 0.09 4.60
N ASP D 48 -26.66 -1.08 4.32
CA ASP D 48 -27.23 -1.96 3.30
C ASP D 48 -28.64 -2.38 3.69
N ILE D 49 -28.86 -2.66 4.98
CA ILE D 49 -30.19 -3.04 5.44
C ILE D 49 -31.14 -1.85 5.36
N LYS D 50 -30.66 -0.65 5.71
CA LYS D 50 -31.50 0.53 5.56
C LYS D 50 -31.88 0.76 4.10
N ASN D 51 -30.94 0.54 3.18
CA ASN D 51 -31.27 0.67 1.76
C ASN D 51 -32.22 -0.42 1.32
N ASN D 52 -32.05 -1.65 1.82
CA ASN D 52 -33.01 -2.71 1.55
C ASN D 52 -34.38 -2.35 2.10
N LEU D 53 -34.43 -1.88 3.35
CA LEU D 53 -35.68 -1.42 3.94
C LEU D 53 -36.30 -0.32 3.10
N LYS D 54 -35.50 0.67 2.71
CA LYS D 54 -35.97 1.73 1.83
C LYS D 54 -36.53 1.16 0.54
N GLU D 55 -35.77 0.29 -0.13
CA GLU D 55 -36.22 -0.27 -1.40
C GLU D 55 -37.49 -1.08 -1.23
N ALA D 56 -37.59 -1.86 -0.15
CA ALA D 56 -38.78 -2.67 0.08
C ALA D 56 -40.03 -1.80 0.17
N ILE D 57 -40.03 -0.85 1.12
CA ILE D 57 -41.23 -0.07 1.36
C ILE D 57 -41.57 0.78 0.14
N GLU D 58 -40.57 1.39 -0.49
CA GLU D 58 -40.85 2.27 -1.62
C GLU D 58 -41.25 1.46 -2.85
N THR D 59 -40.82 0.21 -2.96
CA THR D 59 -41.26 -0.63 -4.07
C THR D 59 -42.72 -1.02 -3.91
N ILE D 60 -43.10 -1.45 -2.70
CA ILE D 60 -44.48 -1.83 -2.43
C ILE D 60 -45.39 -0.62 -2.57
N VAL D 61 -45.01 0.50 -1.95
CA VAL D 61 -45.84 1.71 -2.01
C VAL D 61 -45.99 2.18 -3.45
N ALA D 62 -44.89 2.21 -4.20
CA ALA D 62 -44.97 2.60 -5.60
C ALA D 62 -45.74 1.57 -6.42
N ALA D 63 -45.73 0.31 -6.01
CA ALA D 63 -46.45 -0.71 -6.75
C ALA D 63 -47.95 -0.62 -6.56
N MET D 64 -48.42 0.02 -5.47
CA MET D 64 -49.85 0.13 -5.21
C MET D 64 -50.59 0.72 -6.40
N SER D 65 -50.06 1.83 -6.93
CA SER D 65 -50.75 2.53 -8.01
C SER D 65 -50.71 1.75 -9.32
N ASN D 66 -49.65 0.97 -9.56
CA ASN D 66 -49.44 0.35 -10.85
C ASN D 66 -49.98 -1.08 -10.95
N LEU D 67 -50.31 -1.72 -9.83
CA LEU D 67 -50.98 -3.01 -9.89
C LEU D 67 -52.27 -2.88 -10.67
N VAL D 68 -52.65 -3.97 -11.35
CA VAL D 68 -53.91 -4.01 -12.09
C VAL D 68 -54.71 -5.22 -11.60
N PRO D 69 -55.79 -5.02 -10.82
CA PRO D 69 -56.36 -3.72 -10.44
C PRO D 69 -55.54 -2.96 -9.38
N PRO D 70 -55.59 -1.63 -9.42
CA PRO D 70 -54.87 -0.84 -8.42
C PRO D 70 -55.36 -1.11 -7.01
N VAL D 71 -54.44 -0.98 -6.06
CA VAL D 71 -54.71 -1.17 -4.63
C VAL D 71 -54.64 0.20 -3.96
N GLU D 72 -55.57 0.46 -3.05
CA GLU D 72 -55.63 1.72 -2.33
C GLU D 72 -55.27 1.51 -0.87
N LEU D 73 -54.91 2.60 -0.21
CA LEU D 73 -54.63 2.55 1.22
C LEU D 73 -55.85 2.08 1.98
N ALA D 74 -55.62 1.30 3.04
CA ALA D 74 -56.71 0.97 3.95
C ALA D 74 -57.13 2.18 4.77
N ASN D 75 -56.21 3.11 5.00
CA ASN D 75 -56.46 4.32 5.77
C ASN D 75 -55.88 5.52 5.01
N PRO D 76 -56.72 6.37 4.43
CA PRO D 76 -56.18 7.51 3.67
C PRO D 76 -55.48 8.56 4.53
N GLU D 77 -55.55 8.47 5.85
CA GLU D 77 -54.71 9.34 6.68
C GLU D 77 -53.24 9.01 6.51
N ASN D 78 -52.91 7.80 6.04
CA ASN D 78 -51.54 7.44 5.72
C ASN D 78 -51.09 7.98 4.36
N GLN D 79 -51.91 8.80 3.70
CA GLN D 79 -51.55 9.29 2.37
C GLN D 79 -50.33 10.20 2.42
N PHE D 80 -50.25 11.05 3.46
CA PHE D 80 -49.07 11.91 3.59
C PHE D 80 -47.80 11.09 3.77
N ARG D 81 -47.92 9.90 4.35
CA ARG D 81 -46.77 9.00 4.44
C ARG D 81 -46.38 8.47 3.07
N VAL D 82 -47.37 8.07 2.27
CA VAL D 82 -47.10 7.59 0.91
C VAL D 82 -46.35 8.64 0.11
N ASP D 83 -46.87 9.87 0.09
CA ASP D 83 -46.24 10.91 -0.72
C ASP D 83 -44.83 11.25 -0.23
N TYR D 84 -44.56 11.09 1.07
CA TYR D 84 -43.19 11.24 1.54
C TYR D 84 -42.31 10.14 0.99
N ILE D 85 -42.77 8.89 1.06
CA ILE D 85 -41.99 7.75 0.59
C ILE D 85 -41.66 7.91 -0.89
N LEU D 86 -42.66 8.23 -1.71
CA LEU D 86 -42.41 8.39 -3.13
C LEU D 86 -41.53 9.60 -3.41
N SER D 87 -41.62 10.65 -2.60
CA SER D 87 -40.79 11.83 -2.82
C SER D 87 -39.31 11.53 -2.63
N VAL D 88 -38.97 10.64 -1.71
CA VAL D 88 -37.58 10.32 -1.42
C VAL D 88 -37.14 9.01 -2.09
N MET D 89 -37.93 8.49 -3.03
CA MET D 89 -37.65 7.17 -3.58
C MET D 89 -36.31 7.16 -4.31
N ASN D 90 -36.10 8.10 -5.21
CA ASN D 90 -34.87 8.18 -6.01
C ASN D 90 -34.03 9.40 -5.65
N VAL D 91 -34.21 9.94 -4.45
CA VAL D 91 -33.46 11.14 -4.10
C VAL D 91 -32.00 10.78 -3.86
N PRO D 92 -31.06 11.50 -4.46
CA PRO D 92 -29.65 11.29 -4.10
C PRO D 92 -29.38 11.84 -2.71
N ASP D 93 -28.44 11.20 -2.03
CA ASP D 93 -28.01 11.62 -0.68
C ASP D 93 -29.15 11.51 0.33
N PHE D 94 -29.75 10.33 0.41
CA PHE D 94 -30.80 10.11 1.39
C PHE D 94 -30.19 9.97 2.78
N ASP D 95 -30.73 10.72 3.74
CA ASP D 95 -30.18 10.78 5.08
C ASP D 95 -30.79 9.76 6.03
N PHE D 96 -31.89 9.10 5.65
CA PHE D 96 -32.66 8.23 6.53
C PHE D 96 -33.00 8.96 7.82
N PRO D 97 -33.87 9.97 7.76
CA PRO D 97 -34.24 10.70 8.97
C PRO D 97 -35.21 9.89 9.81
N PRO D 98 -35.50 10.33 11.03
CA PRO D 98 -36.49 9.60 11.85
C PRO D 98 -37.86 9.51 11.19
N GLU D 99 -38.24 10.51 10.39
CA GLU D 99 -39.55 10.46 9.75
C GLU D 99 -39.63 9.33 8.72
N PHE D 100 -38.52 8.99 8.07
CA PHE D 100 -38.58 7.85 7.14
C PHE D 100 -39.06 6.59 7.85
N TYR D 101 -38.47 6.28 9.01
CA TYR D 101 -38.86 5.06 9.73
C TYR D 101 -40.27 5.18 10.28
N GLU D 102 -40.67 6.37 10.75
CA GLU D 102 -42.02 6.52 11.27
C GLU D 102 -43.06 6.32 10.17
N HIS D 103 -42.79 6.84 8.98
CA HIS D 103 -43.73 6.67 7.87
C HIS D 103 -43.70 5.24 7.35
N ALA D 104 -42.51 4.65 7.23
CA ALA D 104 -42.42 3.26 6.81
C ALA D 104 -43.11 2.33 7.81
N LYS D 105 -42.93 2.60 9.10
CA LYS D 105 -43.55 1.77 10.13
C LYS D 105 -45.07 1.81 10.04
N ALA D 106 -45.64 3.00 9.85
CA ALA D 106 -47.10 3.12 9.83
C ALA D 106 -47.68 2.54 8.54
N LEU D 107 -47.04 2.80 7.40
CA LEU D 107 -47.55 2.26 6.14
C LEU D 107 -47.44 0.74 6.10
N TRP D 108 -46.34 0.19 6.64
CA TRP D 108 -46.23 -1.26 6.70
C TRP D 108 -47.32 -1.86 7.58
N GLU D 109 -47.82 -1.10 8.55
CA GLU D 109 -48.96 -1.52 9.35
C GLU D 109 -50.30 -1.24 8.66
N ASP D 110 -50.29 -0.51 7.55
CA ASP D 110 -51.51 -0.27 6.78
C ASP D 110 -51.87 -1.53 6.00
N GLU D 111 -53.11 -2.01 6.21
CA GLU D 111 -53.54 -3.25 5.58
C GLU D 111 -53.57 -3.14 4.05
N GLY D 112 -53.84 -1.95 3.52
CA GLY D 112 -53.80 -1.77 2.08
C GLY D 112 -52.40 -1.96 1.52
N VAL D 113 -51.39 -1.43 2.22
CA VAL D 113 -50.00 -1.66 1.82
C VAL D 113 -49.68 -3.14 1.88
N ARG D 114 -50.16 -3.83 2.92
CA ARG D 114 -49.95 -5.26 3.05
C ARG D 114 -50.64 -6.06 1.93
N ALA D 115 -51.80 -5.59 1.47
CA ALA D 115 -52.49 -6.25 0.37
C ALA D 115 -51.69 -6.15 -0.91
N CYS D 116 -51.04 -5.01 -1.15
CA CYS D 116 -50.17 -4.88 -2.32
C CYS D 116 -48.94 -5.77 -2.18
N TYR D 117 -48.37 -5.84 -0.97
CA TYR D 117 -47.24 -6.72 -0.73
C TYR D 117 -47.58 -8.18 -1.04
N GLU D 118 -48.82 -8.58 -0.74
CA GLU D 118 -49.25 -9.94 -1.06
C GLU D 118 -49.31 -10.19 -2.55
N ARG D 119 -49.43 -9.13 -3.36
CA ARG D 119 -49.39 -9.23 -4.80
C ARG D 119 -47.99 -8.94 -5.37
N SER D 120 -46.95 -9.19 -4.56
CA SER D 120 -45.60 -8.83 -4.96
C SER D 120 -45.13 -9.59 -6.18
N ASN D 121 -45.69 -10.78 -6.43
CA ASN D 121 -45.34 -11.53 -7.63
C ASN D 121 -45.79 -10.84 -8.91
N GLU D 122 -46.53 -9.74 -8.81
CA GLU D 122 -46.95 -8.98 -9.98
C GLU D 122 -46.00 -7.85 -10.33
N TYR D 123 -45.05 -7.53 -9.45
CA TYR D 123 -44.00 -6.57 -9.75
C TYR D 123 -42.68 -7.21 -9.32
N GLN D 124 -41.66 -6.39 -9.09
CA GLN D 124 -40.34 -6.90 -8.74
C GLN D 124 -39.97 -6.41 -7.34
N LEU D 125 -39.95 -7.33 -6.38
CA LEU D 125 -39.72 -7.01 -4.98
C LEU D 125 -38.64 -7.92 -4.41
N ILE D 126 -37.66 -7.32 -3.73
CA ILE D 126 -36.60 -8.10 -3.12
C ILE D 126 -37.18 -9.00 -2.02
N ASP D 127 -36.52 -10.14 -1.80
CA ASP D 127 -37.06 -11.16 -0.91
C ASP D 127 -37.06 -10.72 0.55
N CYS D 128 -36.11 -9.88 0.95
CA CYS D 128 -35.99 -9.48 2.35
C CYS D 128 -37.01 -8.42 2.77
N ALA D 129 -38.06 -8.20 1.98
CA ALA D 129 -39.03 -7.13 2.23
C ALA D 129 -39.66 -7.23 3.62
N GLN D 130 -40.46 -8.28 3.83
CA GLN D 130 -41.17 -8.42 5.09
C GLN D 130 -40.20 -8.52 6.27
N TYR D 131 -39.14 -9.31 6.11
CA TYR D 131 -38.21 -9.53 7.22
C TYR D 131 -37.70 -8.22 7.79
N PHE D 132 -37.33 -7.27 6.93
CA PHE D 132 -36.77 -6.02 7.42
C PHE D 132 -37.85 -5.06 7.87
N LEU D 133 -38.99 -5.02 7.15
CA LEU D 133 -40.07 -4.12 7.51
C LEU D 133 -40.69 -4.48 8.86
N ASP D 134 -40.74 -5.77 9.20
CA ASP D 134 -41.19 -6.17 10.52
C ASP D 134 -40.24 -5.74 11.61
N LYS D 135 -39.04 -5.26 11.27
CA LYS D 135 -38.03 -4.86 12.23
C LYS D 135 -37.60 -3.42 12.01
N ILE D 136 -38.52 -2.56 11.55
CA ILE D 136 -38.20 -1.17 11.31
C ILE D 136 -37.64 -0.51 12.58
N ASP D 137 -38.19 -0.87 13.73
CA ASP D 137 -37.78 -0.25 14.98
C ASP D 137 -36.34 -0.61 15.34
N VAL D 138 -35.93 -1.87 15.09
CA VAL D 138 -34.59 -2.27 15.49
C VAL D 138 -33.53 -1.62 14.59
N ILE D 139 -33.88 -1.29 13.35
CA ILE D 139 -32.92 -0.60 12.48
C ILE D 139 -32.86 0.88 12.82
N LYS D 140 -34.02 1.47 13.16
CA LYS D 140 -34.07 2.88 13.57
C LYS D 140 -33.06 3.18 14.67
N GLN D 141 -32.87 2.22 15.60
CA GLN D 141 -31.95 2.40 16.71
C GLN D 141 -30.57 2.84 16.23
N ALA D 142 -30.08 3.93 16.81
CA ALA D 142 -28.71 4.37 16.50
C ALA D 142 -27.69 3.34 16.95
N ASP D 143 -28.04 2.53 17.95
CA ASP D 143 -27.20 1.44 18.42
C ASP D 143 -27.50 0.13 17.72
N TYR D 144 -28.17 0.17 16.56
CA TYR D 144 -28.56 -1.05 15.86
C TYR D 144 -27.32 -1.86 15.51
N VAL D 145 -27.30 -3.10 15.99
CA VAL D 145 -26.27 -4.08 15.65
C VAL D 145 -26.94 -5.17 14.82
N PRO D 146 -26.58 -5.32 13.55
CA PRO D 146 -27.28 -6.28 12.68
C PRO D 146 -27.08 -7.71 13.15
N SER D 147 -28.17 -8.48 13.12
CA SER D 147 -28.14 -9.88 13.47
C SER D 147 -27.39 -10.69 12.41
N ASP D 148 -26.99 -11.91 12.78
CA ASP D 148 -26.47 -12.85 11.80
C ASP D 148 -27.52 -13.14 10.75
N GLN D 149 -28.77 -13.30 11.17
CA GLN D 149 -29.88 -13.46 10.23
C GLN D 149 -30.08 -12.19 9.40
N ASP D 150 -29.85 -11.02 9.99
CA ASP D 150 -29.92 -9.78 9.23
C ASP D 150 -28.92 -9.78 8.08
N LEU D 151 -27.69 -10.25 8.34
CA LEU D 151 -26.67 -10.27 7.29
C LEU D 151 -27.06 -11.22 6.16
N LEU D 152 -27.61 -12.37 6.51
CA LEU D 152 -27.98 -13.36 5.50
C LEU D 152 -29.19 -12.92 4.68
N ARG D 153 -30.13 -12.21 5.29
CA ARG D 153 -31.31 -11.74 4.57
C ARG D 153 -31.02 -10.53 3.70
N CYS D 154 -29.95 -9.79 3.97
CA CYS D 154 -29.69 -8.52 3.31
C CYS D 154 -29.29 -8.75 1.86
N ARG D 155 -30.14 -8.32 0.93
CA ARG D 155 -29.85 -8.45 -0.50
C ARG D 155 -28.86 -7.36 -0.90
N VAL D 156 -27.66 -7.78 -1.29
CA VAL D 156 -26.65 -6.88 -1.84
C VAL D 156 -26.25 -7.42 -3.20
N LEU D 157 -26.48 -6.63 -4.24
CA LEU D 157 -26.05 -7.00 -5.59
C LEU D 157 -24.54 -7.02 -5.63
N THR D 158 -23.95 -8.22 -5.62
CA THR D 158 -22.50 -8.33 -5.69
C THR D 158 -22.02 -7.87 -7.06
N SER D 159 -21.00 -7.03 -7.07
CA SER D 159 -20.37 -6.57 -8.29
C SER D 159 -19.07 -7.35 -8.45
N GLY D 160 -19.05 -8.27 -9.42
CA GLY D 160 -17.90 -9.13 -9.62
C GLY D 160 -18.05 -10.50 -8.98
N ILE D 161 -16.92 -11.11 -8.63
CA ILE D 161 -16.93 -12.46 -8.07
C ILE D 161 -17.21 -12.37 -6.58
N PHE D 162 -18.11 -13.21 -6.09
CA PHE D 162 -18.42 -13.32 -4.68
C PHE D 162 -17.95 -14.69 -4.23
N GLU D 163 -16.94 -14.72 -3.37
CA GLU D 163 -16.19 -15.94 -3.13
C GLU D 163 -15.87 -16.10 -1.66
N THR D 164 -15.62 -17.35 -1.28
CA THR D 164 -15.11 -17.68 0.04
C THR D 164 -14.19 -18.88 -0.09
N LYS D 165 -13.06 -18.82 0.59
CA LYS D 165 -12.12 -19.94 0.69
C LYS D 165 -12.08 -20.40 2.14
N PHE D 166 -12.12 -21.71 2.35
CA PHE D 166 -12.18 -22.25 3.70
C PHE D 166 -11.71 -23.69 3.69
N GLN D 167 -11.42 -24.19 4.89
CA GLN D 167 -11.01 -25.56 5.13
C GLN D 167 -12.05 -26.23 6.01
N VAL D 168 -12.47 -27.44 5.64
CA VAL D 168 -13.43 -28.20 6.43
C VAL D 168 -12.79 -29.55 6.74
N ASP D 169 -12.40 -29.73 8.00
CA ASP D 169 -11.63 -30.88 8.44
C ASP D 169 -10.49 -31.16 7.47
N LYS D 170 -9.70 -30.11 7.22
CA LYS D 170 -8.42 -30.18 6.51
C LYS D 170 -8.59 -30.52 5.02
N VAL D 171 -9.64 -29.98 4.40
CA VAL D 171 -9.81 -30.02 2.95
C VAL D 171 -10.01 -28.59 2.47
N ASN D 172 -9.17 -28.16 1.53
CA ASN D 172 -9.27 -26.81 0.99
C ASN D 172 -10.48 -26.69 0.07
N PHE D 173 -11.24 -25.60 0.24
CA PHE D 173 -12.42 -25.36 -0.57
C PHE D 173 -12.46 -23.92 -1.04
N HIS D 174 -12.94 -23.72 -2.26
CA HIS D 174 -13.19 -22.38 -2.79
C HIS D 174 -14.54 -22.38 -3.47
N MET D 175 -15.42 -21.47 -3.04
CA MET D 175 -16.76 -21.34 -3.56
C MET D 175 -16.88 -20.07 -4.38
N PHE D 176 -17.40 -20.17 -5.60
CA PHE D 176 -17.49 -19.07 -6.54
C PHE D 176 -18.96 -18.73 -6.81
N ASP D 177 -19.27 -17.45 -6.80
CA ASP D 177 -20.52 -16.93 -7.37
C ASP D 177 -20.14 -15.90 -8.42
N VAL D 178 -20.59 -16.10 -9.65
CA VAL D 178 -20.30 -15.20 -10.76
C VAL D 178 -21.51 -14.35 -11.13
N GLY D 179 -22.52 -14.29 -10.28
CA GLY D 179 -23.76 -13.62 -10.64
C GLY D 179 -23.57 -12.16 -10.96
N GLY D 180 -22.59 -11.51 -10.33
CA GLY D 180 -22.38 -10.10 -10.59
C GLY D 180 -21.19 -9.80 -11.47
N GLN D 181 -20.75 -10.79 -12.26
CA GLN D 181 -19.58 -10.62 -13.11
C GLN D 181 -20.01 -10.54 -14.57
N ARG D 182 -19.33 -9.69 -15.32
CA ARG D 182 -19.50 -9.62 -16.76
C ARG D 182 -18.16 -9.84 -17.43
N ASP D 183 -18.20 -10.39 -18.64
CA ASP D 183 -16.98 -10.76 -19.34
C ASP D 183 -17.26 -10.74 -20.83
N GLU D 184 -16.19 -10.67 -21.62
CA GLU D 184 -16.33 -10.88 -23.05
C GLU D 184 -16.90 -12.27 -23.32
N ARG D 185 -17.70 -12.37 -24.38
CA ARG D 185 -18.40 -13.63 -24.65
C ARG D 185 -17.44 -14.80 -24.75
N ARG D 186 -16.30 -14.61 -25.41
CA ARG D 186 -15.35 -15.69 -25.64
C ARG D 186 -14.55 -16.06 -24.39
N LYS D 187 -14.56 -15.23 -23.36
CA LYS D 187 -13.80 -15.49 -22.15
C LYS D 187 -14.61 -16.16 -21.06
N TRP D 188 -15.93 -16.26 -21.23
CA TRP D 188 -16.79 -16.75 -20.16
C TRP D 188 -16.51 -18.21 -19.83
N ILE D 189 -16.17 -19.01 -20.84
CA ILE D 189 -15.88 -20.42 -20.60
C ILE D 189 -14.78 -20.60 -19.57
N GLN D 190 -13.91 -19.61 -19.41
CA GLN D 190 -12.78 -19.73 -18.49
C GLN D 190 -13.21 -19.68 -17.03
N CYS D 191 -14.42 -19.22 -16.72
CA CYS D 191 -14.86 -19.24 -15.34
C CYS D 191 -15.13 -20.66 -14.85
N PHE D 192 -15.10 -21.65 -15.74
CA PHE D 192 -15.24 -23.05 -15.38
C PHE D 192 -13.89 -23.74 -15.20
N ASN D 193 -12.78 -23.03 -15.41
CA ASN D 193 -11.46 -23.65 -15.34
C ASN D 193 -11.23 -24.29 -13.98
N ASP D 194 -10.89 -25.58 -13.99
CA ASP D 194 -10.54 -26.33 -12.79
C ASP D 194 -11.67 -26.30 -11.75
N VAL D 195 -12.91 -26.27 -12.21
CA VAL D 195 -14.06 -26.31 -11.31
C VAL D 195 -14.36 -27.77 -10.98
N THR D 196 -14.38 -28.09 -9.69
CA THR D 196 -14.67 -29.45 -9.27
C THR D 196 -16.14 -29.78 -9.49
N ALA D 197 -17.03 -28.88 -9.09
CA ALA D 197 -18.46 -29.11 -9.25
C ALA D 197 -19.17 -27.78 -9.42
N ILE D 198 -20.28 -27.82 -10.14
CA ILE D 198 -21.22 -26.70 -10.25
C ILE D 198 -22.33 -26.93 -9.23
N ILE D 199 -22.59 -25.93 -8.42
CA ILE D 199 -23.74 -25.95 -7.52
C ILE D 199 -24.79 -25.04 -8.14
N PHE D 200 -25.80 -25.63 -8.75
CA PHE D 200 -26.85 -24.86 -9.41
C PHE D 200 -27.95 -24.55 -8.40
N VAL D 201 -28.18 -23.27 -8.15
CA VAL D 201 -29.14 -22.83 -7.15
C VAL D 201 -30.41 -22.39 -7.86
N VAL D 202 -31.56 -22.85 -7.36
CA VAL D 202 -32.86 -22.55 -7.95
C VAL D 202 -33.74 -21.96 -6.85
N ALA D 203 -34.46 -20.89 -7.20
CA ALA D 203 -35.46 -20.32 -6.30
C ALA D 203 -36.76 -21.09 -6.52
N SER D 204 -36.91 -22.21 -5.79
CA SER D 204 -38.08 -23.07 -5.96
C SER D 204 -39.39 -22.31 -5.75
N SER D 205 -39.38 -21.30 -4.89
CA SER D 205 -40.60 -20.56 -4.56
C SER D 205 -41.00 -19.55 -5.62
N SER D 206 -40.17 -19.32 -6.64
CA SER D 206 -40.41 -18.25 -7.61
C SER D 206 -41.13 -18.75 -8.86
N TYR D 207 -41.92 -19.82 -8.74
CA TYR D 207 -42.64 -20.35 -9.89
C TYR D 207 -43.69 -19.38 -10.42
N ASN D 208 -44.14 -18.44 -9.59
CA ASN D 208 -45.20 -17.51 -9.96
C ASN D 208 -44.68 -16.12 -10.29
N MET D 209 -43.37 -15.98 -10.53
CA MET D 209 -42.74 -14.69 -10.76
C MET D 209 -42.02 -14.69 -12.11
N VAL D 210 -41.67 -13.48 -12.56
CA VAL D 210 -40.96 -13.30 -13.83
C VAL D 210 -39.60 -12.68 -13.54
N ILE D 211 -38.63 -12.96 -14.42
CA ILE D 211 -37.27 -12.47 -14.22
C ILE D 211 -37.22 -10.97 -14.44
N ARG D 212 -36.27 -10.31 -13.77
CA ARG D 212 -36.14 -8.87 -13.90
C ARG D 212 -35.66 -8.46 -15.28
N GLU D 213 -34.91 -9.33 -15.96
CA GLU D 213 -34.23 -8.93 -17.20
C GLU D 213 -35.22 -8.58 -18.30
N ASP D 214 -36.34 -9.30 -18.39
CA ASP D 214 -37.35 -8.96 -19.38
C ASP D 214 -38.75 -8.78 -18.78
N ASN D 215 -38.93 -9.05 -17.48
CA ASN D 215 -40.22 -8.94 -16.81
C ASN D 215 -41.30 -9.72 -17.55
N GLN D 216 -40.91 -10.86 -18.13
CA GLN D 216 -41.86 -11.67 -18.88
C GLN D 216 -41.56 -13.16 -18.75
N THR D 217 -40.29 -13.54 -18.84
CA THR D 217 -39.91 -14.95 -18.70
C THR D 217 -40.14 -15.41 -17.26
N ASN D 218 -40.81 -16.55 -17.12
CA ASN D 218 -41.05 -17.13 -15.79
C ASN D 218 -39.74 -17.49 -15.12
N ARG D 219 -39.64 -17.18 -13.82
CA ARG D 219 -38.38 -17.35 -13.11
C ARG D 219 -37.97 -18.81 -13.02
N LEU D 220 -38.93 -19.70 -12.74
CA LEU D 220 -38.61 -21.12 -12.66
C LEU D 220 -38.25 -21.68 -14.03
N GLN D 221 -38.93 -21.22 -15.09
CA GLN D 221 -38.56 -21.62 -16.44
C GLN D 221 -37.16 -21.12 -16.79
N GLU D 222 -36.84 -19.89 -16.37
CA GLU D 222 -35.48 -19.37 -16.59
C GLU D 222 -34.44 -20.27 -15.94
N ALA D 223 -34.69 -20.69 -14.70
CA ALA D 223 -33.77 -21.60 -14.04
C ALA D 223 -33.64 -22.91 -14.82
N LEU D 224 -34.76 -23.42 -15.33
CA LEU D 224 -34.71 -24.68 -16.07
C LEU D 224 -33.95 -24.51 -17.39
N ASN D 225 -34.13 -23.37 -18.06
CA ASN D 225 -33.37 -23.13 -19.28
C ASN D 225 -31.88 -22.94 -18.99
N LEU D 226 -31.55 -22.20 -17.93
CA LEU D 226 -30.15 -22.10 -17.53
C LEU D 226 -29.58 -23.47 -17.22
N PHE D 227 -30.30 -24.26 -16.43
CA PHE D 227 -29.86 -25.61 -16.10
C PHE D 227 -29.71 -26.45 -17.36
N LYS D 228 -30.66 -26.33 -18.30
CA LYS D 228 -30.60 -27.06 -19.56
C LYS D 228 -29.36 -26.69 -20.35
N SER D 229 -29.03 -25.39 -20.42
CA SER D 229 -27.86 -24.97 -21.18
C SER D 229 -26.58 -25.54 -20.58
N ILE D 230 -26.47 -25.53 -19.26
CA ILE D 230 -25.26 -26.01 -18.61
C ILE D 230 -25.15 -27.53 -18.73
N TRP D 231 -26.25 -28.23 -18.45
CA TRP D 231 -26.22 -29.69 -18.47
C TRP D 231 -25.90 -30.22 -19.87
N ASN D 232 -26.42 -29.57 -20.91
CA ASN D 232 -26.26 -30.02 -22.27
C ASN D 232 -25.02 -29.46 -22.97
N ASN D 233 -24.16 -28.74 -22.24
CA ASN D 233 -22.94 -28.22 -22.83
C ASN D 233 -21.90 -29.33 -22.85
N ARG D 234 -21.58 -29.82 -24.06
CA ARG D 234 -20.67 -30.95 -24.22
C ARG D 234 -19.34 -30.72 -23.51
N TRP D 235 -18.84 -29.49 -23.53
CA TRP D 235 -17.52 -29.18 -23.00
C TRP D 235 -17.55 -28.85 -21.51
N LEU D 236 -18.70 -28.99 -20.85
CA LEU D 236 -18.78 -28.92 -19.40
C LEU D 236 -19.20 -30.25 -18.79
N ARG D 237 -19.21 -31.32 -19.58
CA ARG D 237 -19.73 -32.61 -19.12
C ARG D 237 -18.89 -33.22 -18.01
N THR D 238 -17.61 -32.87 -17.91
CA THR D 238 -16.75 -33.41 -16.88
C THR D 238 -16.99 -32.80 -15.51
N ILE D 239 -17.78 -31.74 -15.41
CA ILE D 239 -18.02 -31.04 -14.17
C ILE D 239 -19.32 -31.56 -13.57
N SER D 240 -19.24 -32.10 -12.36
CA SER D 240 -20.42 -32.60 -11.67
C SER D 240 -21.34 -31.45 -11.26
N VAL D 241 -22.64 -31.73 -11.26
CA VAL D 241 -23.66 -30.73 -10.98
C VAL D 241 -24.43 -31.15 -9.73
N ILE D 242 -24.34 -30.33 -8.69
CA ILE D 242 -25.15 -30.48 -7.48
C ILE D 242 -26.26 -29.44 -7.54
N LEU D 243 -27.50 -29.91 -7.43
CA LEU D 243 -28.67 -29.07 -7.59
C LEU D 243 -29.24 -28.69 -6.22
N PHE D 244 -29.27 -27.39 -5.94
CA PHE D 244 -29.91 -26.84 -4.74
C PHE D 244 -31.26 -26.29 -5.13
N LEU D 245 -32.33 -26.98 -4.73
CA LEU D 245 -33.69 -26.46 -4.87
C LEU D 245 -33.96 -25.61 -3.63
N ASN D 246 -33.57 -24.34 -3.72
CA ASN D 246 -33.50 -23.43 -2.60
C ASN D 246 -34.87 -22.81 -2.31
N LYS D 247 -34.91 -22.02 -1.23
CA LYS D 247 -36.12 -21.31 -0.79
C LYS D 247 -37.28 -22.27 -0.56
N GLN D 248 -36.98 -23.44 0.01
CA GLN D 248 -38.04 -24.38 0.37
C GLN D 248 -38.98 -23.78 1.40
N ASP D 249 -38.48 -22.90 2.28
CA ASP D 249 -39.35 -22.26 3.26
C ASP D 249 -40.35 -21.34 2.57
N LEU D 250 -39.88 -20.51 1.62
CA LEU D 250 -40.79 -19.66 0.88
C LEU D 250 -41.73 -20.46 -0.01
N LEU D 251 -41.25 -21.59 -0.55
CA LEU D 251 -42.13 -22.46 -1.32
C LEU D 251 -43.25 -23.00 -0.46
N ALA D 252 -42.92 -23.40 0.78
CA ALA D 252 -43.93 -23.90 1.71
C ALA D 252 -45.03 -22.87 1.91
N GLU D 253 -44.64 -21.64 2.29
CA GLU D 253 -45.63 -20.59 2.54
C GLU D 253 -46.50 -20.33 1.32
N LYS D 254 -45.90 -20.25 0.13
CA LYS D 254 -46.65 -19.89 -1.06
C LYS D 254 -47.71 -20.94 -1.39
N VAL D 255 -47.38 -22.22 -1.22
CA VAL D 255 -48.36 -23.27 -1.49
C VAL D 255 -49.47 -23.24 -0.44
N LEU D 256 -49.13 -22.91 0.80
CA LEU D 256 -50.11 -22.82 1.88
C LEU D 256 -50.69 -21.40 1.93
N ALA D 257 -51.39 -21.04 0.85
CA ALA D 257 -51.96 -19.70 0.74
C ALA D 257 -53.02 -19.62 -0.37
N GLY D 258 -52.90 -20.48 -1.38
CA GLY D 258 -53.91 -20.62 -2.40
C GLY D 258 -53.94 -19.55 -3.47
N LYS D 259 -53.32 -18.38 -3.24
CA LYS D 259 -53.39 -17.30 -4.20
C LYS D 259 -52.75 -17.69 -5.53
N SER D 260 -51.51 -18.19 -5.49
CA SER D 260 -50.77 -18.55 -6.68
C SER D 260 -50.50 -20.05 -6.65
N LYS D 261 -51.19 -20.80 -7.51
CA LYS D 261 -51.01 -22.24 -7.59
C LYS D 261 -50.14 -22.58 -8.80
N ILE D 262 -49.26 -23.58 -8.63
CA ILE D 262 -48.27 -23.91 -9.65
C ILE D 262 -48.92 -24.20 -11.00
N GLU D 263 -50.15 -24.70 -10.99
CA GLU D 263 -50.80 -25.12 -12.24
C GLU D 263 -51.19 -23.94 -13.13
N ASP D 264 -51.40 -22.75 -12.55
CA ASP D 264 -51.63 -21.56 -13.36
C ASP D 264 -50.38 -21.10 -14.08
N TYR D 265 -49.21 -21.60 -13.68
CA TYR D 265 -47.94 -21.27 -14.32
C TYR D 265 -47.25 -22.47 -14.93
N PHE D 266 -47.48 -23.67 -14.39
CA PHE D 266 -46.98 -24.92 -14.97
C PHE D 266 -48.16 -25.88 -15.00
N PRO D 267 -48.89 -25.94 -16.11
CA PRO D 267 -50.17 -26.67 -16.12
C PRO D 267 -50.05 -28.15 -15.82
N GLU D 268 -48.92 -28.78 -16.15
CA GLU D 268 -48.76 -30.21 -15.91
C GLU D 268 -48.72 -30.57 -14.43
N PHE D 269 -48.62 -29.59 -13.53
CA PHE D 269 -48.55 -29.91 -12.11
C PHE D 269 -49.86 -30.47 -11.60
N ALA D 270 -50.98 -30.02 -12.16
CA ALA D 270 -52.29 -30.52 -11.71
C ALA D 270 -52.42 -32.01 -11.94
N ARG D 271 -51.71 -32.55 -12.93
CA ARG D 271 -51.71 -33.97 -13.25
C ARG D 271 -50.53 -34.72 -12.65
N TYR D 272 -49.68 -34.04 -11.88
CA TYR D 272 -48.52 -34.68 -11.27
C TYR D 272 -48.91 -35.33 -9.95
N THR D 273 -48.31 -36.49 -9.67
CA THR D 273 -48.52 -37.21 -8.43
C THR D 273 -47.19 -37.38 -7.70
N THR D 274 -47.22 -37.22 -6.38
CA THR D 274 -46.00 -37.33 -5.59
C THR D 274 -45.40 -38.73 -5.76
N PRO D 275 -44.14 -38.83 -6.15
CA PRO D 275 -43.54 -40.16 -6.34
C PRO D 275 -43.36 -40.87 -5.01
N GLU D 276 -43.24 -42.19 -5.10
CA GLU D 276 -43.03 -43.00 -3.90
C GLU D 276 -41.58 -43.02 -3.45
N ASP D 277 -40.64 -42.57 -4.30
CA ASP D 277 -39.25 -42.34 -3.92
C ASP D 277 -39.15 -40.95 -3.30
N ALA D 278 -39.81 -40.79 -2.16
CA ALA D 278 -39.91 -39.49 -1.52
C ALA D 278 -39.67 -39.63 -0.02
N THR D 279 -38.76 -38.82 0.50
CA THR D 279 -38.53 -38.69 1.93
C THR D 279 -38.99 -37.31 2.36
N PRO D 280 -40.29 -37.11 2.56
CA PRO D 280 -40.83 -35.75 2.69
C PRO D 280 -40.56 -35.06 4.01
N GLU D 281 -39.39 -35.29 4.62
CA GLU D 281 -38.97 -34.68 5.87
C GLU D 281 -40.15 -34.60 6.84
N PRO D 282 -40.65 -35.75 7.35
CA PRO D 282 -41.86 -35.74 8.18
C PRO D 282 -41.88 -34.64 9.23
N GLY D 283 -43.01 -33.94 9.29
CA GLY D 283 -43.12 -32.67 9.98
C GLY D 283 -43.56 -31.64 8.95
N GLU D 284 -44.07 -32.14 7.84
CA GLU D 284 -44.38 -31.37 6.64
C GLU D 284 -45.87 -31.48 6.33
N ASP D 285 -46.25 -31.02 5.14
CA ASP D 285 -47.60 -31.12 4.61
C ASP D 285 -47.55 -31.79 3.24
N PRO D 286 -48.49 -32.69 2.94
CA PRO D 286 -48.50 -33.31 1.60
C PRO D 286 -48.56 -32.31 0.45
N ARG D 287 -49.21 -31.16 0.64
CA ARG D 287 -49.28 -30.17 -0.43
C ARG D 287 -47.89 -29.60 -0.74
N VAL D 288 -47.07 -29.42 0.28
CA VAL D 288 -45.72 -28.91 0.06
C VAL D 288 -44.83 -29.98 -0.55
N THR D 289 -44.99 -31.23 -0.11
CA THR D 289 -44.21 -32.33 -0.66
C THR D 289 -44.47 -32.49 -2.15
N ARG D 290 -45.74 -32.42 -2.56
CA ARG D 290 -46.07 -32.52 -3.98
C ARG D 290 -45.46 -31.39 -4.78
N ALA D 291 -45.52 -30.17 -4.24
CA ALA D 291 -44.98 -29.01 -4.95
C ALA D 291 -43.47 -29.11 -5.10
N LYS D 292 -42.77 -29.43 -4.01
CA LYS D 292 -41.31 -29.39 -4.05
C LYS D 292 -40.75 -30.55 -4.87
N TYR D 293 -41.39 -31.71 -4.83
CA TYR D 293 -40.91 -32.83 -5.62
C TYR D 293 -41.27 -32.69 -7.09
N PHE D 294 -42.36 -31.98 -7.39
CA PHE D 294 -42.65 -31.67 -8.79
C PHE D 294 -41.57 -30.80 -9.39
N ILE D 295 -41.15 -29.78 -8.64
CA ILE D 295 -40.10 -28.89 -9.12
C ILE D 295 -38.78 -29.64 -9.25
N ARG D 296 -38.48 -30.51 -8.29
CA ARG D 296 -37.30 -31.37 -8.40
C ARG D 296 -37.35 -32.16 -9.70
N ASP D 297 -38.48 -32.82 -9.97
CA ASP D 297 -38.59 -33.68 -11.15
C ASP D 297 -38.57 -32.88 -12.45
N GLU D 298 -38.89 -31.58 -12.41
CA GLU D 298 -38.79 -30.78 -13.63
C GLU D 298 -37.34 -30.59 -14.05
N PHE D 299 -36.40 -30.61 -13.10
CA PHE D 299 -34.98 -30.61 -13.43
C PHE D 299 -34.49 -32.01 -13.76
N LEU D 300 -34.98 -33.02 -13.04
CA LEU D 300 -34.54 -34.40 -13.27
C LEU D 300 -34.91 -34.87 -14.67
N ARG D 301 -35.97 -34.31 -15.23
CA ARG D 301 -36.31 -34.58 -16.63
C ARG D 301 -35.19 -34.13 -17.56
N ILE D 302 -34.53 -33.02 -17.22
CA ILE D 302 -33.44 -32.51 -18.03
C ILE D 302 -32.17 -33.33 -17.81
N SER D 303 -31.89 -33.66 -16.55
CA SER D 303 -30.59 -34.20 -16.18
C SER D 303 -30.48 -35.69 -16.50
N THR D 304 -30.58 -36.01 -17.79
CA THR D 304 -30.48 -37.39 -18.25
C THR D 304 -29.05 -37.75 -18.64
N TYR D 312 -26.21 -38.49 -13.10
CA TYR D 312 -25.30 -38.07 -12.04
C TYR D 312 -25.62 -36.62 -11.61
N CYS D 313 -26.90 -36.34 -11.39
CA CYS D 313 -27.33 -35.07 -10.82
C CYS D 313 -27.78 -35.30 -9.38
N TYR D 314 -27.35 -34.41 -8.48
CA TYR D 314 -27.51 -34.63 -7.04
C TYR D 314 -28.40 -33.57 -6.43
N PRO D 315 -29.70 -33.83 -6.34
CA PRO D 315 -30.63 -32.81 -5.85
C PRO D 315 -30.58 -32.66 -4.33
N HIS D 316 -30.98 -31.48 -3.88
CA HIS D 316 -30.99 -31.13 -2.45
C HIS D 316 -32.03 -30.04 -2.22
N PHE D 317 -32.99 -30.30 -1.35
CA PHE D 317 -33.90 -29.25 -0.90
C PHE D 317 -33.21 -28.44 0.18
N THR D 318 -33.09 -27.13 -0.03
CA THR D 318 -32.31 -26.28 0.86
C THR D 318 -33.08 -25.03 1.24
N CYS D 319 -32.65 -24.41 2.34
CA CYS D 319 -33.11 -23.08 2.75
C CYS D 319 -31.87 -22.28 3.09
N ALA D 320 -31.46 -21.38 2.19
CA ALA D 320 -30.14 -20.77 2.28
C ALA D 320 -29.99 -19.83 3.46
N VAL D 321 -31.09 -19.30 4.01
CA VAL D 321 -30.99 -18.40 5.16
C VAL D 321 -30.97 -19.16 6.49
N ASP D 322 -31.08 -20.48 6.47
CA ASP D 322 -31.00 -21.32 7.66
C ASP D 322 -29.61 -21.96 7.70
N THR D 323 -28.78 -21.51 8.65
CA THR D 323 -27.39 -21.95 8.71
C THR D 323 -27.29 -23.46 8.91
N GLU D 324 -28.18 -24.02 9.74
CA GLU D 324 -28.10 -25.45 10.04
C GLU D 324 -28.41 -26.30 8.82
N ASN D 325 -29.51 -25.98 8.12
CA ASN D 325 -29.89 -26.76 6.94
C ASN D 325 -28.76 -26.77 5.91
N ILE D 326 -28.04 -25.66 5.77
CA ILE D 326 -26.98 -25.58 4.77
C ILE D 326 -25.78 -26.41 5.19
N ARG D 327 -25.42 -26.37 6.48
CA ARG D 327 -24.33 -27.24 6.94
C ARG D 327 -24.65 -28.70 6.71
N ARG D 328 -25.91 -29.09 6.95
CA ARG D 328 -26.30 -30.47 6.70
C ARG D 328 -26.10 -30.83 5.23
N VAL D 329 -26.65 -30.02 4.32
CA VAL D 329 -26.55 -30.35 2.91
C VAL D 329 -25.11 -30.20 2.42
N PHE D 330 -24.36 -29.25 2.98
CA PHE D 330 -23.00 -29.03 2.49
C PHE D 330 -22.06 -30.14 2.93
N ASN D 331 -22.24 -30.65 4.15
CA ASN D 331 -21.43 -31.80 4.57
C ASN D 331 -21.75 -33.04 3.74
N ASP D 332 -23.01 -33.17 3.28
CA ASP D 332 -23.34 -34.22 2.33
C ASP D 332 -22.73 -33.94 0.96
N CYS D 333 -22.51 -32.67 0.63
CA CYS D 333 -21.88 -32.34 -0.65
C CYS D 333 -20.42 -32.80 -0.66
N ARG D 334 -19.72 -32.68 0.45
CA ARG D 334 -18.33 -33.13 0.51
C ARG D 334 -18.22 -34.62 0.22
N ASP D 335 -19.14 -35.43 0.77
CA ASP D 335 -19.13 -36.86 0.48
C ASP D 335 -19.32 -37.14 -1.00
N ILE D 336 -20.21 -36.38 -1.65
CA ILE D 336 -20.38 -36.48 -3.09
C ILE D 336 -19.12 -36.06 -3.82
N ILE D 337 -18.36 -35.11 -3.25
CA ILE D 337 -17.25 -34.49 -3.98
C ILE D 337 -16.16 -35.51 -4.29
N GLN D 338 -15.79 -36.33 -3.33
CA GLN D 338 -14.76 -37.36 -3.57
C GLN D 338 -15.26 -38.42 -4.54
C ACE E 1 13.20 13.83 4.81
O ACE E 1 13.89 14.20 5.76
CH3 ACE E 1 11.78 14.25 4.65
N DTY E 2 13.67 13.04 3.86
CA DTY E 2 15.05 12.55 3.88
C DTY E 2 15.07 11.03 4.07
O DTY E 2 14.48 10.29 3.30
CB DTY E 2 15.79 12.90 2.59
CG DTY E 2 17.23 12.42 2.63
CD1 DTY E 2 17.71 11.52 1.69
CD2 DTY E 2 18.09 12.86 3.62
CE1 DTY E 2 19.01 11.08 1.74
CE2 DTY E 2 19.40 12.43 3.68
CZ DTY E 2 19.85 11.54 2.72
OH DTY E 2 21.15 11.10 2.77
N LEU E 3 15.78 10.58 5.11
CA LEU E 3 15.86 9.15 5.41
C LEU E 3 14.61 8.74 6.16
N ILE E 4 14.12 7.52 5.92
CA ILE E 4 12.87 7.11 6.53
C ILE E 4 13.11 5.82 7.31
N THR E 5 12.22 5.58 8.26
CA THR E 5 12.29 4.37 9.07
C THR E 5 11.73 3.18 8.29
N PHE E 6 11.88 2.00 8.88
CA PHE E 6 11.32 0.81 8.25
C PHE E 6 9.80 0.93 8.11
N ARG E 7 9.12 1.45 9.13
CA ARG E 7 7.67 1.52 9.03
C ARG E 7 7.24 2.61 8.06
N GLN E 8 7.98 3.72 7.99
CA GLN E 8 7.70 4.68 6.93
C GLN E 8 7.87 4.04 5.55
N TRP E 9 8.88 3.17 5.40
CA TRP E 9 9.01 2.45 4.14
C TRP E 9 7.87 1.46 3.94
N ALA E 10 7.61 0.63 4.96
CA ALA E 10 6.61 -0.42 4.84
C ALA E 10 5.22 0.13 4.54
N PHE E 11 4.89 1.29 5.10
CA PHE E 11 3.57 1.87 4.93
C PHE E 11 3.56 3.04 3.96
N ASN E 12 4.67 3.26 3.26
CA ASN E 12 4.79 4.36 2.31
C ASN E 12 4.32 5.67 2.94
N LEU E 13 4.83 5.94 4.16
CA LEU E 13 4.49 7.18 4.84
C LEU E 13 5.49 8.27 4.45
N PRO E 14 5.04 9.53 4.41
CA PRO E 14 5.98 10.60 4.03
C PRO E 14 7.08 10.74 5.05
N CYS E 15 8.27 11.11 4.56
CA CYS E 15 9.42 11.21 5.46
C CYS E 15 9.18 12.21 6.59
N GLY E 16 8.41 13.25 6.32
CA GLY E 16 8.16 14.27 7.32
C GLY E 16 9.33 15.23 7.46
N NH2 E 17 9.39 16.22 6.59
C ACE F 1 7.73 9.88 15.83
O ACE F 1 8.02 8.94 15.09
CH3 ACE F 1 6.81 10.99 15.41
N DTY F 2 8.21 9.96 17.07
CA DTY F 2 9.12 8.95 17.59
C DTY F 2 10.51 9.55 17.75
O DTY F 2 10.66 10.67 18.26
CB DTY F 2 8.62 8.41 18.92
CG DTY F 2 9.53 7.35 19.52
CD1 DTY F 2 10.14 7.55 20.74
CD2 DTY F 2 9.76 6.15 18.86
CE1 DTY F 2 10.97 6.59 21.29
CE2 DTY F 2 10.58 5.18 19.39
CZ DTY F 2 11.18 5.41 20.61
OH DTY F 2 12.01 4.46 21.17
N LEU F 3 11.54 8.82 17.34
CA LEU F 3 12.90 9.31 17.42
C LEU F 3 13.09 10.41 16.37
N ILE F 4 13.92 11.41 16.67
CA ILE F 4 14.11 12.55 15.79
C ILE F 4 15.59 12.72 15.47
N THR F 5 15.85 13.41 14.37
CA THR F 5 17.20 13.73 13.94
C THR F 5 17.74 14.92 14.72
N PHE F 6 19.06 15.13 14.59
CA PHE F 6 19.70 16.27 15.24
C PHE F 6 19.04 17.58 14.83
N ARG F 7 18.79 17.75 13.53
CA ARG F 7 18.20 18.99 13.05
C ARG F 7 16.77 19.17 13.54
N GLN F 8 16.00 18.07 13.67
CA GLN F 8 14.68 18.19 14.26
C GLN F 8 14.75 18.59 15.73
N TRP F 9 15.80 18.14 16.43
CA TRP F 9 15.99 18.57 17.82
C TRP F 9 16.42 20.03 17.88
N ALA F 10 17.44 20.41 17.10
CA ALA F 10 17.97 21.77 17.18
C ALA F 10 16.93 22.82 16.80
N PHE F 11 16.04 22.50 15.84
CA PHE F 11 15.06 23.44 15.33
C PHE F 11 13.67 23.23 15.91
N ASN F 12 13.50 22.32 16.86
CA ASN F 12 12.18 22.06 17.44
C ASN F 12 11.17 21.70 16.36
N LEU F 13 11.56 20.82 15.50
CA LEU F 13 10.67 20.39 14.45
C LEU F 13 9.92 19.14 14.88
N PRO F 14 8.71 18.93 14.35
CA PRO F 14 7.97 17.70 14.67
C PRO F 14 8.72 16.47 14.18
N CYS F 15 8.46 15.35 14.85
CA CYS F 15 9.07 14.09 14.40
C CYS F 15 8.50 13.66 13.07
N GLY F 16 7.24 13.98 12.80
CA GLY F 16 6.62 13.64 11.53
C GLY F 16 6.74 14.76 10.52
N NH2 F 17 5.62 15.09 9.87
C ACE G 1 -32.10 -5.89 -18.18
O ACE G 1 -31.40 -6.90 -18.17
CH3 ACE G 1 -32.73 -5.39 -19.45
N DTY G 2 -32.34 -5.16 -17.09
CA DTY G 2 -31.80 -5.51 -15.78
C DTY G 2 -30.85 -4.42 -15.27
O DTY G 2 -31.18 -3.24 -15.26
CB DTY G 2 -32.92 -5.76 -14.77
CG DTY G 2 -32.40 -6.11 -13.39
CD1 DTY G 2 -32.57 -5.24 -12.32
CD2 DTY G 2 -31.73 -7.30 -13.17
CE1 DTY G 2 -32.09 -5.56 -11.06
CE2 DTY G 2 -31.23 -7.63 -11.92
CZ DTY G 2 -31.43 -6.75 -10.87
OH DTY G 2 -30.94 -7.07 -9.62
N LEU G 3 -29.66 -4.84 -14.84
CA LEU G 3 -28.65 -3.89 -14.40
C LEU G 3 -28.01 -3.28 -15.64
N ILE G 4 -27.67 -2.00 -15.58
CA ILE G 4 -27.15 -1.31 -16.75
C ILE G 4 -25.79 -0.72 -16.45
N THR G 5 -25.01 -0.53 -17.51
CA THR G 5 -23.71 0.10 -17.37
C THR G 5 -23.86 1.60 -17.18
N PHE G 6 -22.73 2.26 -16.91
CA PHE G 6 -22.75 3.70 -16.76
C PHE G 6 -23.17 4.39 -18.04
N ARG G 7 -22.67 3.93 -19.20
CA ARG G 7 -23.03 4.59 -20.44
C ARG G 7 -24.50 4.36 -20.78
N GLN G 8 -25.06 3.22 -20.39
CA GLN G 8 -26.49 2.98 -20.58
C GLN G 8 -27.31 3.92 -19.72
N TRP G 9 -26.86 4.19 -18.50
CA TRP G 9 -27.53 5.18 -17.66
C TRP G 9 -27.36 6.59 -18.20
N ALA G 10 -26.12 6.96 -18.52
CA ALA G 10 -25.83 8.34 -18.95
C ALA G 10 -26.56 8.69 -20.24
N PHE G 11 -26.76 7.72 -21.12
CA PHE G 11 -27.40 7.94 -22.42
C PHE G 11 -28.84 7.44 -22.45
N ASN G 12 -29.36 6.96 -21.32
CA ASN G 12 -30.71 6.41 -21.23
C ASN G 12 -30.96 5.37 -22.31
N LEU G 13 -29.94 4.54 -22.56
CA LEU G 13 -30.09 3.42 -23.48
C LEU G 13 -30.79 2.25 -22.79
N PRO G 14 -31.56 1.46 -23.52
CA PRO G 14 -32.25 0.32 -22.91
C PRO G 14 -31.25 -0.75 -22.50
N CYS G 15 -31.62 -1.51 -21.46
CA CYS G 15 -30.77 -2.60 -21.00
C CYS G 15 -30.82 -3.75 -22.00
N GLY G 16 -29.65 -4.19 -22.45
CA GLY G 16 -29.57 -5.28 -23.40
C GLY G 16 -29.90 -6.64 -22.81
N NH2 G 17 -30.19 -7.60 -23.67
C ACE H 1 -21.71 -4.65 -25.77
O ACE H 1 -21.87 -3.73 -24.95
CH3 ACE H 1 -22.75 -5.08 -26.76
N DTY H 2 -20.60 -5.41 -25.79
CA DTY H 2 -19.48 -5.18 -24.88
C DTY H 2 -19.32 -6.38 -23.97
O DTY H 2 -19.22 -7.50 -24.46
CB DTY H 2 -18.21 -4.92 -25.69
CG DTY H 2 -16.94 -4.84 -24.86
CD1 DTY H 2 -15.94 -5.81 -24.97
CD2 DTY H 2 -16.73 -3.80 -23.97
CE1 DTY H 2 -14.78 -5.74 -24.21
CE2 DTY H 2 -15.56 -3.71 -23.21
CZ DTY H 2 -14.58 -4.69 -23.33
OH DTY H 2 -13.43 -4.62 -22.58
N LEU H 3 -19.31 -6.16 -22.67
CA LEU H 3 -19.29 -7.27 -21.72
C LEU H 3 -20.70 -7.82 -21.54
N ILE H 4 -20.82 -9.12 -21.28
CA ILE H 4 -22.12 -9.77 -21.21
C ILE H 4 -22.26 -10.52 -19.89
N THR H 5 -23.50 -10.78 -19.52
CA THR H 5 -23.82 -11.52 -18.31
C THR H 5 -23.72 -13.02 -18.55
N PHE H 6 -23.83 -13.78 -17.47
CA PHE H 6 -23.82 -15.23 -17.60
C PHE H 6 -24.98 -15.72 -18.48
N ARG H 7 -26.20 -15.21 -18.22
CA ARG H 7 -27.34 -15.69 -19.00
C ARG H 7 -27.21 -15.29 -20.46
N GLN H 8 -26.60 -14.14 -20.74
CA GLN H 8 -26.35 -13.76 -22.13
C GLN H 8 -25.34 -14.70 -22.77
N TRP H 9 -24.35 -15.16 -22.01
CA TRP H 9 -23.41 -16.15 -22.55
C TRP H 9 -24.08 -17.50 -22.72
N ALA H 10 -24.84 -17.93 -21.71
CA ALA H 10 -25.45 -19.26 -21.74
C ALA H 10 -26.53 -19.39 -22.80
N PHE H 11 -27.24 -18.29 -23.12
CA PHE H 11 -28.35 -18.33 -24.07
C PHE H 11 -28.01 -17.70 -25.41
N ASN H 12 -26.75 -17.28 -25.62
CA ASN H 12 -26.32 -16.62 -26.84
C ASN H 12 -27.18 -15.42 -27.17
N LEU H 13 -27.33 -14.52 -26.21
CA LEU H 13 -28.11 -13.34 -26.49
C LEU H 13 -27.20 -12.17 -26.84
N PRO H 14 -27.67 -11.20 -27.62
CA PRO H 14 -26.87 -10.01 -27.89
C PRO H 14 -26.57 -9.27 -26.60
N CYS H 15 -25.45 -8.55 -26.61
CA CYS H 15 -25.03 -7.84 -25.40
C CYS H 15 -25.92 -6.65 -25.10
N GLY H 16 -26.46 -6.00 -26.14
CA GLY H 16 -27.32 -4.85 -25.97
C GLY H 16 -26.70 -3.75 -25.14
N NH2 H 17 -26.72 -3.92 -23.82
PB GDP I . 13.32 -3.99 19.66
O1B GDP I . 14.78 -4.30 19.43
O2B GDP I . 13.01 -2.51 19.53
O3B GDP I . 12.42 -4.81 18.77
O3A GDP I . 12.93 -4.41 21.18
PA GDP I . 14.00 -4.91 22.32
O1A GDP I . 14.89 -3.79 22.69
O2A GDP I . 14.74 -6.16 21.89
O5' GDP I . 12.96 -5.27 23.59
C5' GDP I . 12.46 -4.13 24.32
C4' GDP I . 12.27 -4.55 25.62
O4' GDP I . 11.38 -5.74 25.66
C3' GDP I . 13.64 -5.02 26.30
O3' GDP I . 13.59 -4.44 27.72
C2' GDP I . 13.61 -6.27 26.33
O2' GDP I . 14.17 -6.79 27.59
C1' GDP I . 12.00 -6.53 26.48
N9 GDP I . 11.50 -7.86 26.39
C8 GDP I . 11.84 -8.22 25.14
N7 GDP I . 11.36 -9.47 24.95
C5 GDP I . 10.75 -9.85 26.06
C6 GDP I . 9.99 -11.12 26.49
O6 GDP I . 9.88 -12.00 25.81
N1 GDP I . 9.46 -11.13 27.80
C2 GDP I . 9.60 -10.03 28.69
N2 GDP I . 9.03 -10.06 30.04
N3 GDP I . 10.29 -8.83 28.28
C4 GDP I . 10.85 -8.82 26.92
CL CL J . 5.07 -5.51 18.30
PB GDP K . 28.49 13.80 6.41
O1B GDP K . 28.73 15.13 7.10
O2B GDP K . 27.02 13.61 6.12
O3B GDP K . 29.09 12.65 7.19
O3A GDP K . 29.25 13.96 4.99
PA GDP K . 30.36 12.91 4.41
O1A GDP K . 31.61 12.84 5.29
O2A GDP K . 29.71 11.62 4.15
O5' GDP K . 30.81 13.66 2.97
C5' GDP K . 29.79 13.69 1.97
C4' GDP K . 30.47 13.61 0.76
O4' GDP K . 31.25 14.84 0.55
C3' GDP K . 31.54 12.42 0.76
O3' GDP K . 31.36 11.66 -0.56
C2' GDP K . 32.67 12.94 0.82
O2' GDP K . 33.65 12.27 -0.03
C1' GDP K . 32.41 14.41 0.15
N9 GDP K . 33.39 15.41 0.33
C8 GDP K . 33.41 15.52 1.67
N7 GDP K . 34.30 16.49 1.98
C5 GDP K . 34.80 16.97 0.84
C6 GDP K . 35.82 18.05 0.48
O6 GDP K . 36.36 18.67 1.26
N1 GDP K . 36.09 18.27 -0.90
C2 GDP K . 35.42 17.51 -1.92
N2 GDP K . 35.70 17.71 -3.35
N3 GDP K . 34.47 16.49 -1.57
C4 GDP K . 34.20 16.28 -0.15
CL CL L . 26.62 21.96 5.11
PB GDP M . -10.39 2.45 -17.62
O1B GDP M . -10.91 3.86 -17.72
O2B GDP M . -10.28 2.01 -16.18
O3B GDP M . -11.20 1.43 -18.38
O3A GDP M . -8.93 2.49 -18.31
PA GDP M . -7.66 1.68 -17.68
O1A GDP M . -7.21 2.42 -16.43
O2A GDP M . -7.98 0.26 -17.46
O5' GDP M . -6.46 1.89 -18.86
C5' GDP M . -6.61 1.18 -20.10
C4' GDP M . -5.32 1.11 -20.63
O4' GDP M . -4.81 2.44 -21.01
C3' GDP M . -4.28 0.56 -19.55
O3' GDP M . -3.42 -0.46 -20.30
C2' GDP M . -3.57 1.51 -19.19
O2' GDP M . -2.19 1.06 -18.99
C1' GDP M . -3.60 2.44 -20.54
N9 GDP M . -3.09 3.76 -20.46
C8 GDP M . -3.92 4.32 -19.56
N7 GDP M . -3.56 5.62 -19.43
C5 GDP M . -2.54 5.84 -20.25
C6 GDP M . -1.67 7.05 -20.59
O6 GDP M . -1.83 8.05 -20.11
N1 GDP M . -0.63 6.88 -21.56
C2 GDP M . -0.42 5.61 -22.19
N2 GDP M . 0.65 5.41 -23.21
N3 GDP M . -1.23 4.48 -21.88
C4 GDP M . -2.28 4.67 -20.87
CL CL N . -12.14 8.02 -23.69
PB GDP O . -28.11 -14.47 -5.95
O1B GDP O . -28.49 -13.36 -6.90
O2B GDP O . -28.17 -15.81 -6.65
O3B GDP O . -26.74 -14.20 -5.35
O3A GDP O . -29.19 -14.55 -4.73
PA GDP O . -28.91 -13.98 -3.21
O1A GDP O . -28.57 -12.56 -3.27
O2A GDP O . -27.86 -14.81 -2.50
O5' GDP O . -30.43 -14.19 -2.46
C5' GDP O . -31.44 -13.21 -2.79
C4' GDP O . -32.25 -13.05 -1.67
O4' GDP O . -32.97 -14.31 -1.42
C3' GDP O . -31.40 -12.77 -0.34
O3' GDP O . -32.07 -11.64 0.46
C2' GDP O . -31.42 -13.82 0.32
O2' GDP O . -31.42 -13.54 1.76
C1' GDP O . -32.87 -14.46 -0.13
N9 GDP O . -33.14 -15.80 0.23
C8 GDP O . -32.17 -16.44 -0.44
N7 GDP O . -32.32 -17.76 -0.21
C5 GDP O . -33.37 -17.92 0.59
C6 GDP O . -34.07 -19.14 1.22
O6 GDP O . -33.72 -20.19 1.06
N1 GDP O . -35.21 -18.90 2.04
C2 GDP O . -35.68 -17.57 2.26
N2 GDP O . -36.87 -17.29 3.10
N3 GDP O . -35.03 -16.44 1.67
C4 GDP O . -33.86 -16.69 0.83
CL CL P . -34.08 -19.17 -9.78
#